data_7MCI
#
_entry.id   7MCI
#
_cell.length_a   166.834
_cell.length_b   73.995
_cell.length_c   208.766
_cell.angle_alpha   90.000
_cell.angle_beta   103.051
_cell.angle_gamma   90.000
#
_symmetry.space_group_name_H-M   'C 1 2 1'
#
loop_
_entity.id
_entity.type
_entity.pdbx_description
1 polymer 'Nitrogenase molybdenum-iron protein alpha chain'
2 polymer 'Nitrogenase molybdenum-iron protein beta chain'
3 non-polymer '3-HYDROXY-3-CARBOXY-ADIPIC ACID'
4 non-polymer 'iron-sulfur-molybdenum cluster with interstitial carbon'
5 non-polymer 'HYDROSULFURIC ACID'
6 non-polymer 'MOLYBDENUM ATOM'
7 non-polymer 'FE(8)-S(7) CLUSTER'
8 non-polymer GLYCEROL
9 non-polymer 'CALCIUM ION'
10 water water
#
loop_
_entity_poly.entity_id
_entity_poly.type
_entity_poly.pdbx_seq_one_letter_code
_entity_poly.pdbx_strand_id
1 'polypeptide(L)'
;MTGMSREEVESLIQEVLEVYPEKARKDRNKHLAVNDPAVTQSKKCIISNKKSQPGLMTIRGCAYAGSKGVVWGPIKDMIH
ISHGPVGCGQYSRAGRRNYYIGTTGVNAFVTMNFTSDFQEKDIVFGGDKKLAKLIDEVETLFPLNKGISVQSECPIGLIG
DDIESVSKVKGAELSKTIVPVRCEGFRGVSQSLGHHIANDAVRDWVLGKRDEDTTFASTPYDVAIIGDYNIGGDAWSSRI
LLEEMGLRCVAQWSGDGSISEIELTPKVKLNLVHCYRSMNYISRHMEEKYGIPWMEYNFFGPTKTIESLRAIAAKFDESI
QKKCEEVIAKYKPEWEAVVAKYRPRLEGKRVMLYIGGLRPRHVIGAYEDLGMEVVGTGYEFAHNDDYDRTMKEMGDSTLL
YDDVTGYEFEEFVKRIKPDLIGSGIKEKFIFQKMGIPFREMHSWDYSGPYHGFDGFAIFARDMDMTLNNPCWKKLQAPWE
ASEGAEKVAASA
;
A,C
2 'polypeptide(L)'
;MSQQVDKIKASYPLFLDQDYKDMLAKKRDGFEEKYPQDKIDEVFQWTTTKEYQELNFQREALTVNPAKACQPLGAVLCAL
GFEKTMPYVHGSQGCVAYFRSYFNRHFREPVSCVSDSMTEDAAVFGGQQNMKDGLQNCKATYKPDMIAVSTTCMAEVIGD
DLNAFINNSKKEGFIPDEFPVPFAHTPSFVGSHVTGWDNMFEGIARYFTLKSMDDKVVGSNKKINIVPGFETYLGNFRVI
KRMLSEMGVGYSLLSDPEEVLDTPADGQFRMYAGGTTQEEMKDAPNALNTVLLQPWHLEKTKKFVEGTWKHEVPKLNIPM
GLDWTDEFLMKVSEISGQPIPASLTKERGRLVDMMTDSHTWLHGKRFALWGDPDFVMGLVKFLLELGCEPVHILCHNGNK
RWKKAVDAILAASPYGKNATVYIGKDLWHLRSLVFTDKPDFMIGNSYGKFIQRDTLHKGKEFEVPLIRIGFPIFDRHHLH
RSTTLGYEGAMQILTTLVNSILERLDEETRGMQATDYNHDLVR
;
B,D
#
loop_
_chem_comp.id
_chem_comp.type
_chem_comp.name
_chem_comp.formula
CA non-polymer 'CALCIUM ION' 'Ca 2'
CLF non-polymer 'FE(8)-S(7) CLUSTER' 'Fe8 S7'
GOL non-polymer GLYCEROL 'C3 H8 O3'
H2S non-polymer 'HYDROSULFURIC ACID' 'H2 S'
HCA non-polymer '3-HYDROXY-3-CARBOXY-ADIPIC ACID' 'C7 H10 O7'
ICS non-polymer 'iron-sulfur-molybdenum cluster with interstitial carbon' 'C Fe7 Mo S9'
MO non-polymer 'MOLYBDENUM ATOM' Mo
#
# COMPACT_ATOMS: atom_id res chain seq x y z
N MET A 4 7.42 -35.09 32.54
CA MET A 4 8.60 -35.82 33.07
C MET A 4 8.40 -36.12 34.56
N SER A 5 9.30 -36.92 35.13
CA SER A 5 9.25 -37.28 36.57
C SER A 5 9.93 -36.17 37.37
N ARG A 6 9.79 -36.19 38.70
CA ARG A 6 10.48 -35.16 39.50
C ARG A 6 11.98 -35.28 39.27
N GLU A 7 12.52 -36.49 39.28
CA GLU A 7 13.95 -36.64 39.13
C GLU A 7 14.43 -36.17 37.76
N GLU A 8 13.61 -36.38 36.72
CA GLU A 8 13.99 -35.93 35.38
C GLU A 8 14.04 -34.41 35.30
N VAL A 9 13.07 -33.73 35.92
CA VAL A 9 13.11 -32.27 35.95
C VAL A 9 14.31 -31.78 36.75
N GLU A 10 14.55 -32.38 37.92
CA GLU A 10 15.73 -32.00 38.69
C GLU A 10 17.00 -32.18 37.87
N SER A 11 17.08 -33.27 37.09
CA SER A 11 18.26 -33.49 36.27
C SER A 11 18.36 -32.47 35.15
N LEU A 12 17.22 -32.11 34.56
CA LEU A 12 17.20 -31.05 33.57
C LEU A 12 17.78 -29.76 34.14
N ILE A 13 17.33 -29.39 35.35
CA ILE A 13 17.82 -28.17 35.98
C ILE A 13 19.35 -28.22 36.14
N GLN A 14 19.86 -29.35 36.63
CA GLN A 14 21.30 -29.42 36.90
C GLN A 14 22.10 -29.42 35.59
N GLU A 15 21.58 -30.05 34.53
CA GLU A 15 22.30 -30.05 33.26
C GLU A 15 22.39 -28.64 32.67
N VAL A 16 21.28 -27.91 32.71
CA VAL A 16 21.28 -26.53 32.19
C VAL A 16 22.24 -25.66 32.98
N LEU A 17 22.31 -25.87 34.30
CA LEU A 17 23.17 -25.05 35.14
C LEU A 17 24.65 -25.28 34.87
N GLU A 18 25.01 -26.35 34.17
CA GLU A 18 26.43 -26.70 34.03
C GLU A 18 27.19 -25.66 33.24
N VAL A 19 26.50 -24.83 32.45
CA VAL A 19 27.16 -23.86 31.59
C VAL A 19 27.76 -22.70 32.39
N TYR A 20 27.24 -22.45 33.59
CA TYR A 20 27.51 -21.21 34.29
C TYR A 20 28.84 -21.26 35.04
N PRO A 21 29.51 -20.11 35.20
CA PRO A 21 30.54 -20.01 36.24
C PRO A 21 29.91 -20.30 37.60
N GLU A 22 30.76 -20.73 38.55
CA GLU A 22 30.26 -21.26 39.81
C GLU A 22 29.38 -20.27 40.56
N LYS A 23 29.78 -19.00 40.59
CA LYS A 23 28.99 -18.00 41.31
C LYS A 23 27.58 -17.90 40.73
N ALA A 24 27.48 -17.82 39.41
CA ALA A 24 26.16 -17.74 38.78
C ALA A 24 25.39 -19.05 38.94
N ARG A 25 26.09 -20.19 38.83
CA ARG A 25 25.45 -21.50 39.01
C ARG A 25 24.84 -21.61 40.41
N LYS A 26 25.60 -21.28 41.44
CA LYS A 26 25.05 -21.38 42.79
C LYS A 26 23.84 -20.47 42.97
N ASP A 27 23.86 -19.30 42.34
CA ASP A 27 22.76 -18.38 42.52
C ASP A 27 21.52 -18.85 41.76
N ARG A 28 21.69 -19.18 40.48
CA ARG A 28 20.53 -19.54 39.66
C ARG A 28 19.87 -20.82 40.16
N ASN A 29 20.64 -21.71 40.79
CA ASN A 29 20.04 -22.91 41.33
C ASN A 29 18.92 -22.60 42.32
N LYS A 30 19.03 -21.47 43.05
CA LYS A 30 18.04 -21.12 44.07
C LYS A 30 16.75 -20.60 43.46
N HIS A 31 16.77 -20.26 42.17
CA HIS A 31 15.64 -19.64 41.49
C HIS A 31 14.94 -20.61 40.54
N LEU A 32 15.22 -21.91 40.67
CA LEU A 32 14.67 -22.95 39.80
C LEU A 32 14.20 -24.10 40.69
N ALA A 33 12.99 -24.60 40.44
CA ALA A 33 12.42 -25.58 41.35
C ALA A 33 11.49 -26.52 40.61
N VAL A 34 11.26 -27.69 41.20
CA VAL A 34 10.22 -28.60 40.75
C VAL A 34 9.03 -28.41 41.67
N ASN A 35 7.86 -28.18 41.11
CA ASN A 35 6.71 -27.81 41.93
C ASN A 35 6.26 -28.95 42.83
N ASP A 36 5.88 -28.60 44.05
CA ASP A 36 5.18 -29.47 44.98
C ASP A 36 3.95 -28.69 45.41
N PRO A 37 2.74 -29.07 44.98
CA PRO A 37 1.56 -28.23 45.28
C PRO A 37 1.18 -28.18 46.75
N ALA A 38 1.82 -28.97 47.62
CA ALA A 38 1.59 -28.91 49.06
C ALA A 38 2.43 -27.84 49.75
N VAL A 39 3.40 -27.27 49.06
CA VAL A 39 4.27 -26.23 49.67
C VAL A 39 3.47 -24.95 49.97
N THR A 40 3.69 -24.36 51.16
CA THR A 40 3.11 -23.08 51.57
C THR A 40 4.26 -22.09 51.81
N GLN A 41 5.44 -22.60 52.17
CA GLN A 41 6.64 -21.76 52.38
C GLN A 41 7.54 -21.90 51.15
N SER A 42 7.22 -21.18 50.09
CA SER A 42 7.96 -21.34 48.82
C SER A 42 9.45 -21.04 48.97
N LYS A 43 9.83 -20.19 49.91
CA LYS A 43 11.25 -19.81 50.10
C LYS A 43 12.16 -21.02 50.37
N LYS A 44 11.64 -22.16 50.83
CA LYS A 44 12.49 -23.33 51.02
C LYS A 44 12.80 -24.00 49.67
N CYS A 45 12.03 -23.75 48.62
CA CYS A 45 12.34 -24.43 47.34
C CYS A 45 12.64 -23.42 46.22
N ILE A 46 12.26 -22.16 46.39
CA ILE A 46 12.58 -21.16 45.35
C ILE A 46 12.65 -19.78 46.00
N ILE A 47 13.66 -19.03 45.65
CA ILE A 47 13.79 -17.68 46.18
C ILE A 47 13.51 -16.72 45.03
N SER A 48 13.19 -15.47 45.39
CA SER A 48 12.75 -14.50 44.39
C SER A 48 13.01 -13.09 44.89
N ASN A 49 12.75 -12.12 43.99
CA ASN A 49 12.90 -10.70 44.30
C ASN A 49 14.32 -10.37 44.78
N LYS A 50 15.30 -10.99 44.11
CA LYS A 50 16.71 -10.74 44.31
C LYS A 50 17.29 -10.08 43.07
N LYS A 51 18.50 -9.55 43.20
CA LYS A 51 19.24 -8.98 42.06
C LYS A 51 19.34 -10.00 40.94
N SER A 52 19.43 -9.47 39.73
CA SER A 52 19.70 -10.31 38.54
C SER A 52 21.20 -10.51 38.41
N GLN A 53 21.58 -11.73 38.11
CA GLN A 53 22.98 -12.10 37.93
C GLN A 53 23.38 -11.34 36.69
N PRO A 54 24.57 -10.47 36.57
CA PRO A 54 25.01 -9.69 35.45
C PRO A 54 25.36 -10.53 34.21
N GLY A 55 24.92 -10.04 33.06
CA GLY A 55 25.33 -10.66 31.82
C GLY A 55 24.56 -11.88 31.36
N LEU A 56 23.46 -12.24 32.05
CA LEU A 56 22.77 -13.50 31.75
C LEU A 56 21.49 -13.28 30.94
N MET A 57 21.21 -12.05 30.52
CA MET A 57 20.09 -11.71 29.64
C MET A 57 18.76 -11.99 30.35
N THR A 58 18.61 -11.38 31.53
CA THR A 58 17.31 -11.32 32.20
C THR A 58 16.29 -10.65 31.29
N ILE A 59 15.02 -11.00 31.52
CA ILE A 59 13.89 -10.41 30.79
C ILE A 59 13.31 -9.20 31.54
N ARG A 60 13.76 -8.95 32.77
CA ARG A 60 13.21 -7.90 33.60
C ARG A 60 13.45 -6.50 33.05
N GLY A 61 12.56 -5.60 33.43
CA GLY A 61 12.70 -4.17 33.29
C GLY A 61 13.11 -3.51 34.60
N CYS A 62 12.74 -2.23 34.76
CA CYS A 62 13.22 -1.40 35.85
C CYS A 62 12.06 -0.77 36.60
N ALA A 63 12.41 -0.07 37.70
CA ALA A 63 11.40 0.56 38.54
C ALA A 63 10.65 1.67 37.81
N TYR A 64 11.28 2.32 36.82
CA TYR A 64 10.57 3.32 36.04
C TYR A 64 9.46 2.67 35.21
N ALA A 65 9.73 1.50 34.63
CA ALA A 65 8.66 0.78 33.93
C ALA A 65 7.54 0.41 34.89
N GLY A 66 7.90 -0.02 36.12
CA GLY A 66 6.88 -0.37 37.11
C GLY A 66 6.03 0.80 37.57
N SER A 67 6.62 2.00 37.64
CA SER A 67 5.87 3.18 38.09
C SER A 67 5.23 3.92 36.91
N LYS A 68 6.04 4.40 35.97
CA LYS A 68 5.50 5.15 34.84
C LYS A 68 4.74 4.22 33.91
N GLY A 69 5.38 3.11 33.52
CA GLY A 69 4.78 2.24 32.51
C GLY A 69 3.54 1.52 33.01
N VAL A 70 3.53 1.13 34.28
CA VAL A 70 2.49 0.24 34.78
C VAL A 70 1.44 1.00 35.57
N VAL A 71 1.83 1.69 36.64
CA VAL A 71 0.85 2.23 37.59
C VAL A 71 0.38 3.62 37.18
N TRP A 72 1.29 4.56 36.90
CA TRP A 72 0.87 5.96 36.69
C TRP A 72 0.44 6.24 35.25
N GLY A 73 1.18 5.73 34.27
CA GLY A 73 0.89 6.02 32.88
C GLY A 73 -0.55 5.84 32.45
N PRO A 74 -1.27 4.83 32.97
CA PRO A 74 -2.66 4.64 32.52
C PRO A 74 -3.63 5.69 33.03
N ILE A 75 -3.29 6.45 34.08
CA ILE A 75 -4.21 7.44 34.60
C ILE A 75 -4.41 8.51 33.54
N LYS A 76 -5.63 8.63 33.04
CA LYS A 76 -5.82 9.18 31.69
C LYS A 76 -5.90 10.71 31.64
N ASP A 77 -6.39 11.37 32.69
CA ASP A 77 -6.56 12.82 32.62
C ASP A 77 -5.43 13.57 33.32
N MET A 78 -4.36 12.89 33.70
CA MET A 78 -3.15 13.53 34.18
C MET A 78 -2.09 13.49 33.09
N ILE A 79 -1.10 14.36 33.22
CA ILE A 79 0.06 14.38 32.34
C ILE A 79 1.26 13.86 33.13
N HIS A 80 1.91 12.83 32.59
CA HIS A 80 3.03 12.17 33.25
C HIS A 80 4.31 12.53 32.51
N ILE A 81 5.24 13.19 33.22
CA ILE A 81 6.51 13.61 32.64
C ILE A 81 7.54 12.51 32.84
N SER A 82 8.10 12.00 31.74
CA SER A 82 9.30 11.17 31.82
C SER A 82 10.49 12.11 31.99
N HIS A 83 11.05 12.15 33.19
CA HIS A 83 11.93 13.21 33.62
C HIS A 83 13.36 12.70 33.62
N GLY A 84 14.16 13.21 32.68
CA GLY A 84 15.48 12.70 32.42
C GLY A 84 15.73 12.71 30.92
N PRO A 85 16.66 11.88 30.44
CA PRO A 85 16.91 11.83 29.00
C PRO A 85 15.78 11.18 28.22
N VAL A 86 15.93 11.28 26.91
CA VAL A 86 14.83 10.96 25.97
C VAL A 86 14.51 9.47 25.84
N GLY A 87 15.44 8.59 26.16
CA GLY A 87 15.18 7.18 25.90
C GLY A 87 13.93 6.58 26.55
N CYS A 88 13.89 6.57 27.87
CA CYS A 88 12.86 5.84 28.64
C CYS A 88 11.45 6.12 28.14
N GLY A 89 11.11 7.38 27.98
CA GLY A 89 9.74 7.71 27.56
C GLY A 89 9.43 7.34 26.12
N GLN A 90 10.47 7.30 25.29
CA GLN A 90 10.25 6.95 23.87
C GLN A 90 10.04 5.44 23.74
N TYR A 91 10.86 4.63 24.40
CA TYR A 91 10.68 3.19 24.27
C TYR A 91 9.39 2.72 24.94
N SER A 92 8.90 3.48 25.92
CA SER A 92 7.68 3.11 26.61
C SER A 92 6.46 3.85 26.10
N ARG A 93 6.58 4.62 25.01
CA ARG A 93 5.41 5.33 24.50
C ARG A 93 4.47 4.36 23.79
N ALA A 94 3.26 4.21 24.34
CA ALA A 94 2.19 3.41 23.75
C ALA A 94 2.62 1.96 23.53
N GLY A 95 3.58 1.48 24.34
CA GLY A 95 3.91 0.07 24.25
C GLY A 95 2.92 -0.84 24.96
N ARG A 96 2.25 -0.34 25.99
CA ARG A 96 1.35 -1.14 26.81
C ARG A 96 -0.11 -0.73 26.55
N ARG A 97 -0.98 -1.73 26.40
CA ARG A 97 -2.35 -1.54 25.92
C ARG A 97 -3.37 -1.39 27.09
N ASN A 98 -2.98 -0.45 27.93
CA ASN A 98 -3.82 0.12 29.01
C ASN A 98 -4.72 1.13 28.27
N TYR A 99 -5.87 0.61 27.93
CA TYR A 99 -6.97 1.21 27.16
C TYR A 99 -7.78 2.22 27.99
N TYR A 100 -8.26 3.28 27.33
CA TYR A 100 -9.02 4.35 27.98
C TYR A 100 -9.97 5.00 27.00
N ILE A 101 -10.97 5.70 27.54
CA ILE A 101 -11.87 6.56 26.77
C ILE A 101 -11.49 8.01 27.02
N GLY A 102 -11.14 8.75 25.97
CA GLY A 102 -10.87 10.16 26.11
C GLY A 102 -10.52 10.78 24.78
N THR A 103 -10.21 12.08 24.82
CA THR A 103 -9.81 12.87 23.66
C THR A 103 -8.34 13.21 23.82
N THR A 104 -7.48 12.44 23.15
CA THR A 104 -6.05 12.45 23.44
C THR A 104 -5.40 13.72 22.93
N GLY A 105 -4.62 14.35 23.81
CA GLY A 105 -4.06 15.65 23.56
C GLY A 105 -4.90 16.79 24.09
N VAL A 106 -6.13 16.51 24.52
CA VAL A 106 -7.06 17.56 24.93
C VAL A 106 -7.47 17.33 26.39
N ASN A 107 -8.22 16.25 26.68
CA ASN A 107 -8.46 15.99 28.09
C ASN A 107 -7.78 14.71 28.57
N ALA A 108 -7.20 13.90 27.67
CA ALA A 108 -6.52 12.67 28.04
C ALA A 108 -5.18 12.61 27.33
N PHE A 109 -4.21 11.90 27.94
CA PHE A 109 -2.83 12.05 27.50
C PHE A 109 -2.03 10.75 27.45
N VAL A 110 -2.69 9.59 27.54
CA VAL A 110 -2.01 8.34 27.90
C VAL A 110 -0.94 7.95 26.87
N THR A 111 -1.27 8.04 25.57
CA THR A 111 -0.35 7.56 24.55
C THR A 111 0.62 8.62 24.08
N MET A 112 0.64 9.78 24.72
CA MET A 112 1.63 10.81 24.45
C MET A 112 2.91 10.57 25.28
N ASN A 113 4.01 11.17 24.82
CA ASN A 113 5.29 11.07 25.52
C ASN A 113 5.73 12.49 25.88
N PHE A 114 5.47 12.89 27.14
CA PHE A 114 5.97 14.15 27.67
C PHE A 114 7.31 13.90 28.33
N THR A 115 8.31 14.71 28.01
CA THR A 115 9.64 14.47 28.57
C THR A 115 10.40 15.78 28.73
N SER A 116 11.32 15.81 29.69
CA SER A 116 12.22 16.95 29.81
C SER A 116 13.51 16.76 29.02
N ASP A 117 13.67 15.64 28.31
CA ASP A 117 14.73 15.44 27.31
C ASP A 117 16.08 16.00 27.76
N PHE A 118 16.59 15.48 28.89
CA PHE A 118 17.85 16.02 29.41
C PHE A 118 18.96 16.00 28.39
N GLN A 119 19.67 17.11 28.34
CA GLN A 119 20.92 17.26 27.64
C GLN A 119 22.04 17.37 28.66
N GLU A 120 23.27 17.49 28.19
CA GLU A 120 24.39 17.48 29.10
C GLU A 120 24.34 18.65 30.08
N LYS A 121 23.89 19.83 29.63
CA LYS A 121 23.85 20.97 30.55
C LYS A 121 22.86 20.73 31.70
N ASP A 122 21.83 19.91 31.46
CA ASP A 122 20.89 19.54 32.52
C ASP A 122 21.56 18.61 33.54
N ILE A 123 22.38 17.67 33.07
CA ILE A 123 23.15 16.81 33.98
C ILE A 123 24.13 17.66 34.79
N VAL A 124 24.78 18.62 34.14
CA VAL A 124 25.85 19.39 34.77
C VAL A 124 25.28 20.38 35.78
N PHE A 125 24.19 21.04 35.43
CA PHE A 125 23.60 22.09 36.26
C PHE A 125 22.40 21.63 37.06
N GLY A 126 21.88 20.44 36.80
CA GLY A 126 20.63 20.05 37.45
C GLY A 126 19.42 20.44 36.62
N GLY A 127 18.34 19.68 36.81
CA GLY A 127 17.12 19.85 36.02
C GLY A 127 15.95 20.53 36.72
N ASP A 128 16.14 21.06 37.93
CA ASP A 128 14.99 21.58 38.69
C ASP A 128 14.39 22.84 38.08
N LYS A 129 15.23 23.82 37.75
CA LYS A 129 14.83 24.89 36.78
C LYS A 129 14.13 24.45 35.54
N LYS A 130 14.69 23.46 34.82
CA LYS A 130 13.99 22.98 33.61
C LYS A 130 12.61 22.43 33.96
N LEU A 131 12.53 21.65 35.05
CA LEU A 131 11.25 21.08 35.46
C LEU A 131 10.22 22.16 35.77
N ALA A 132 10.62 23.21 36.49
CA ALA A 132 9.70 24.29 36.82
C ALA A 132 9.14 24.93 35.56
N LYS A 133 10.03 25.25 34.60
CA LYS A 133 9.58 25.87 33.36
C LYS A 133 8.72 24.92 32.55
N LEU A 134 9.09 23.64 32.50
CA LEU A 134 8.28 22.64 31.82
C LEU A 134 6.86 22.62 32.36
N ILE A 135 6.71 22.69 33.69
CA ILE A 135 5.37 22.67 34.29
C ILE A 135 4.53 23.83 33.78
N ASP A 136 5.10 25.05 33.73
CA ASP A 136 4.36 26.18 33.19
C ASP A 136 3.95 25.93 31.74
N GLU A 137 4.85 25.34 30.93
CA GLU A 137 4.53 25.09 29.54
C GLU A 137 3.44 24.03 29.41
N VAL A 138 3.46 23.03 30.29
CA VAL A 138 2.39 22.03 30.30
C VAL A 138 1.05 22.70 30.60
N GLU A 139 1.02 23.58 31.61
CA GLU A 139 -0.24 24.22 31.99
C GLU A 139 -0.79 25.08 30.86
N THR A 140 0.08 25.82 30.15
CA THR A 140 -0.37 26.65 29.03
C THR A 140 -0.90 25.82 27.88
N LEU A 141 -0.17 24.78 27.50
CA LEU A 141 -0.46 24.07 26.25
C LEU A 141 -1.48 22.94 26.42
N PHE A 142 -1.69 22.48 27.65
CA PHE A 142 -2.66 21.40 27.94
C PHE A 142 -3.50 21.81 29.13
N PRO A 143 -4.32 22.87 28.98
CA PRO A 143 -5.03 23.43 30.13
C PRO A 143 -6.11 22.53 30.74
N LEU A 144 -6.50 21.46 30.07
CA LEU A 144 -7.50 20.57 30.67
C LEU A 144 -6.88 19.43 31.47
N ASN A 145 -5.56 19.37 31.61
CA ASN A 145 -4.97 18.33 32.45
C ASN A 145 -5.42 18.54 33.89
N LYS A 146 -5.62 17.44 34.61
CA LYS A 146 -6.12 17.51 35.97
C LYS A 146 -5.04 17.16 36.98
N GLY A 147 -3.78 17.32 36.62
CA GLY A 147 -2.68 16.97 37.50
C GLY A 147 -1.50 16.49 36.69
N ILE A 148 -0.32 16.61 37.29
CA ILE A 148 0.95 16.27 36.65
C ILE A 148 1.69 15.31 37.57
N SER A 149 2.26 14.24 37.01
CA SER A 149 3.22 13.43 37.75
C SER A 149 4.59 13.57 37.13
N VAL A 150 5.63 13.40 37.94
CA VAL A 150 7.02 13.55 37.51
C VAL A 150 7.68 12.19 37.71
N GLN A 151 7.92 11.45 36.62
CA GLN A 151 8.44 10.09 36.69
C GLN A 151 9.96 10.13 36.51
N SER A 152 10.68 9.94 37.61
CA SER A 152 12.12 10.09 37.57
C SER A 152 12.79 8.94 36.82
N GLU A 153 13.67 9.31 35.91
CA GLU A 153 14.56 8.37 35.25
C GLU A 153 15.91 8.38 35.97
N CYS A 154 16.77 7.42 35.63
CA CYS A 154 18.01 7.19 36.38
C CYS A 154 18.73 8.45 36.84
N PRO A 155 19.02 9.43 35.98
CA PRO A 155 19.92 10.52 36.41
C PRO A 155 19.39 11.41 37.51
N ILE A 156 18.07 11.43 37.76
CA ILE A 156 17.48 12.45 38.63
C ILE A 156 18.10 12.38 40.02
N GLY A 157 18.08 11.21 40.66
CA GLY A 157 18.63 11.10 42.00
C GLY A 157 20.15 11.06 42.00
N LEU A 158 20.74 10.57 40.91
CA LEU A 158 22.19 10.47 40.83
C LEU A 158 22.86 11.84 40.81
N ILE A 159 22.21 12.86 40.23
CA ILE A 159 22.78 14.20 40.21
C ILE A 159 22.26 15.07 41.34
N GLY A 160 21.31 14.58 42.14
CA GLY A 160 20.88 15.30 43.32
C GLY A 160 19.80 16.34 43.11
N ASP A 161 18.98 16.22 42.07
CA ASP A 161 17.86 17.13 41.87
C ASP A 161 16.82 16.97 42.96
N ASP A 162 16.05 18.03 43.21
CA ASP A 162 15.03 18.04 44.27
C ASP A 162 13.66 18.26 43.66
N ILE A 163 13.10 17.21 43.07
CA ILE A 163 11.79 17.33 42.40
C ILE A 163 10.65 17.47 43.40
N GLU A 164 10.84 17.03 44.65
CA GLU A 164 9.84 17.24 45.69
C GLU A 164 9.64 18.72 45.96
N SER A 165 10.74 19.46 46.09
CA SER A 165 10.64 20.89 46.27
C SER A 165 9.99 21.56 45.08
N VAL A 166 10.35 21.16 43.86
CA VAL A 166 9.73 21.76 42.69
C VAL A 166 8.24 21.50 42.70
N SER A 167 7.85 20.25 43.02
CA SER A 167 6.43 19.89 43.00
C SER A 167 5.64 20.67 44.03
N LYS A 168 6.18 20.82 45.23
CA LYS A 168 5.41 21.53 46.25
C LYS A 168 5.35 23.04 45.88
N VAL A 169 6.43 23.63 45.50
CA VAL A 169 6.47 25.03 45.21
C VAL A 169 5.56 25.35 44.02
N LYS A 170 5.76 24.65 42.90
CA LYS A 170 4.91 24.90 41.73
C LYS A 170 3.46 24.53 42.00
N GLY A 171 3.24 23.46 42.76
CA GLY A 171 1.87 23.06 43.09
C GLY A 171 1.14 24.11 43.89
N ALA A 172 1.79 24.66 44.93
CA ALA A 172 1.20 25.75 45.68
C ALA A 172 0.99 26.97 44.79
N GLU A 173 1.98 27.29 43.96
CA GLU A 173 1.87 28.45 43.08
C GLU A 173 0.66 28.36 42.17
N LEU A 174 0.40 27.17 41.62
CA LEU A 174 -0.55 27.00 40.54
C LEU A 174 -1.86 26.34 40.97
N SER A 175 -2.02 26.08 42.27
CA SER A 175 -3.22 25.37 42.78
C SER A 175 -3.42 24.08 41.98
N LYS A 176 -2.33 23.33 41.81
CA LYS A 176 -2.31 22.13 40.96
C LYS A 176 -1.64 20.96 41.67
N THR A 177 -2.17 19.77 41.43
CA THR A 177 -1.60 18.54 42.00
C THR A 177 -0.42 18.13 41.12
N ILE A 178 0.78 18.21 41.68
CA ILE A 178 2.02 17.80 40.97
C ILE A 178 2.66 16.74 41.86
N VAL A 179 2.79 15.52 41.34
CA VAL A 179 3.22 14.36 42.12
C VAL A 179 4.65 14.01 41.76
N PRO A 180 5.62 14.12 42.69
CA PRO A 180 6.97 13.66 42.39
C PRO A 180 7.10 12.17 42.67
N VAL A 181 7.62 11.41 41.70
CA VAL A 181 7.79 9.97 41.87
C VAL A 181 9.27 9.61 41.69
N ARG A 182 9.85 9.01 42.72
CA ARG A 182 11.27 8.64 42.73
C ARG A 182 11.44 7.19 42.28
N CYS A 183 11.11 6.97 41.00
CA CYS A 183 11.11 5.64 40.41
C CYS A 183 12.32 5.41 39.51
N GLU A 184 13.45 6.06 39.80
CA GLU A 184 14.65 5.90 39.00
C GLU A 184 15.02 4.42 38.82
N GLY A 185 15.44 4.08 37.60
CA GLY A 185 15.67 2.69 37.21
C GLY A 185 16.70 1.96 38.06
N PHE A 186 17.58 2.68 38.73
CA PHE A 186 18.59 1.98 39.53
C PHE A 186 18.03 1.52 40.87
N ARG A 187 16.81 1.90 41.23
CA ARG A 187 16.23 1.48 42.51
C ARG A 187 15.65 0.08 42.39
N GLY A 188 15.78 -0.71 43.46
CA GLY A 188 15.22 -2.06 43.40
C GLY A 188 15.98 -2.95 42.42
N VAL A 189 15.29 -3.97 41.92
CA VAL A 189 15.89 -5.00 41.09
C VAL A 189 15.08 -5.30 39.83
N SER A 190 13.99 -4.55 39.59
CA SER A 190 12.97 -4.97 38.63
C SER A 190 11.81 -3.99 38.61
N GLN A 191 10.75 -4.35 37.88
CA GLN A 191 9.56 -3.52 37.85
C GLN A 191 8.92 -3.41 39.23
N SER A 192 9.15 -4.40 40.08
CA SER A 192 8.40 -4.52 41.34
C SER A 192 8.54 -3.26 42.21
N LEU A 193 9.76 -2.81 42.49
CA LEU A 193 9.89 -1.69 43.41
C LEU A 193 9.22 -0.45 42.85
N GLY A 194 9.22 -0.32 41.51
CA GLY A 194 8.46 0.73 40.87
C GLY A 194 7.00 0.74 41.27
N HIS A 195 6.36 -0.43 41.35
CA HIS A 195 5.00 -0.53 41.87
C HIS A 195 4.90 0.10 43.25
N HIS A 196 5.78 -0.34 44.15
CA HIS A 196 5.68 0.10 45.55
C HIS A 196 5.88 1.61 45.65
N ILE A 197 6.90 2.12 44.96
CA ILE A 197 7.14 3.55 44.93
C ILE A 197 5.92 4.29 44.41
N ALA A 198 5.29 3.77 43.36
CA ALA A 198 4.15 4.44 42.75
C ALA A 198 2.95 4.49 43.70
N ASN A 199 2.68 3.36 44.38
CA ASN A 199 1.70 3.29 45.46
C ASN A 199 1.94 4.35 46.53
N ASP A 200 3.17 4.42 47.04
CA ASP A 200 3.47 5.40 48.09
C ASP A 200 3.24 6.82 47.58
N ALA A 201 3.57 7.08 46.31
CA ALA A 201 3.32 8.40 45.73
C ALA A 201 1.82 8.69 45.65
N VAL A 202 1.01 7.71 45.23
CA VAL A 202 -0.44 7.89 45.30
C VAL A 202 -0.86 8.20 46.73
N ARG A 203 -0.40 7.37 47.68
CA ARG A 203 -0.76 7.57 49.07
C ARG A 203 -0.40 8.96 49.56
N ASP A 204 0.78 9.44 49.21
CA ASP A 204 1.33 10.63 49.84
C ASP A 204 0.83 11.93 49.21
N TRP A 205 0.45 11.90 47.94
CA TRP A 205 0.17 13.14 47.21
C TRP A 205 -1.23 13.23 46.64
N VAL A 206 -1.97 12.13 46.55
CA VAL A 206 -3.27 12.17 45.88
C VAL A 206 -4.39 11.66 46.78
N LEU A 207 -4.16 10.50 47.41
CA LEU A 207 -5.26 9.69 47.94
C LEU A 207 -6.01 10.40 49.07
N GLY A 208 -5.34 11.21 49.90
CA GLY A 208 -6.02 11.86 51.00
C GLY A 208 -6.74 13.15 50.68
N LYS A 209 -6.77 13.57 49.41
CA LYS A 209 -7.27 14.91 49.10
C LYS A 209 -8.72 15.12 49.53
N ARG A 210 -9.53 14.07 49.53
CA ARG A 210 -10.94 14.22 49.87
C ARG A 210 -11.26 13.66 51.27
N ASP A 211 -10.26 13.59 52.15
CA ASP A 211 -10.47 13.01 53.48
C ASP A 211 -11.54 13.75 54.28
N GLU A 212 -11.60 15.06 54.16
CA GLU A 212 -12.58 15.86 54.87
C GLU A 212 -13.72 16.32 53.94
N ASP A 213 -13.85 15.68 52.78
CA ASP A 213 -14.92 15.98 51.83
C ASP A 213 -16.00 14.91 51.99
N THR A 214 -17.17 15.32 52.46
CA THR A 214 -18.28 14.40 52.65
C THR A 214 -19.38 14.57 51.60
N THR A 215 -19.07 15.23 50.48
CA THR A 215 -20.14 15.48 49.51
C THR A 215 -20.45 14.25 48.65
N PHE A 216 -19.63 13.20 48.70
CA PHE A 216 -19.87 12.05 47.85
C PHE A 216 -20.97 11.15 48.43
N ALA A 217 -21.93 10.80 47.57
CA ALA A 217 -23.06 9.97 47.98
C ALA A 217 -22.66 8.50 47.94
N SER A 218 -22.48 7.89 49.12
CA SER A 218 -22.11 6.48 49.20
C SER A 218 -23.33 5.57 49.08
N THR A 219 -23.09 4.32 48.68
CA THR A 219 -24.09 3.27 48.75
C THR A 219 -23.43 2.08 49.44
N PRO A 220 -24.23 1.13 49.93
CA PRO A 220 -23.63 -0.07 50.54
C PRO A 220 -22.93 -0.98 49.54
N TYR A 221 -23.02 -0.70 48.24
CA TYR A 221 -22.50 -1.59 47.22
C TYR A 221 -21.30 -1.00 46.47
N ASP A 222 -20.65 0.01 47.03
CA ASP A 222 -19.54 0.67 46.35
C ASP A 222 -18.28 -0.16 46.51
N VAL A 223 -17.60 -0.40 45.39
CA VAL A 223 -16.36 -1.14 45.37
C VAL A 223 -15.40 -0.41 44.44
N ALA A 224 -14.14 -0.79 44.50
CA ALA A 224 -13.12 -0.35 43.58
C ALA A 224 -12.42 -1.57 43.00
N ILE A 225 -12.16 -1.52 41.71
CA ILE A 225 -11.31 -2.51 41.04
C ILE A 225 -9.87 -2.03 41.19
N ILE A 226 -9.08 -2.76 41.98
CA ILE A 226 -7.72 -2.37 42.32
C ILE A 226 -6.76 -3.29 41.57
N GLY A 227 -5.94 -2.72 40.70
CA GLY A 227 -4.95 -3.55 40.03
C GLY A 227 -5.45 -4.23 38.78
N ASP A 228 -6.15 -3.51 37.93
CA ASP A 228 -6.50 -3.99 36.60
C ASP A 228 -6.18 -2.84 35.65
N TYR A 229 -5.24 -3.05 34.75
CA TYR A 229 -4.77 -1.97 33.92
C TYR A 229 -5.43 -1.96 32.55
N ASN A 230 -6.54 -2.70 32.42
CA ASN A 230 -7.45 -2.59 31.28
C ASN A 230 -6.74 -2.94 29.98
N ILE A 231 -5.91 -3.98 30.01
CA ILE A 231 -5.17 -4.37 28.81
C ILE A 231 -6.17 -4.89 27.79
N GLY A 232 -6.19 -4.25 26.61
CA GLY A 232 -7.19 -4.54 25.61
C GLY A 232 -8.63 -4.48 26.08
N GLY A 233 -8.92 -3.72 27.14
CA GLY A 233 -10.27 -3.61 27.67
C GLY A 233 -10.61 -4.57 28.80
N ASP A 234 -9.60 -5.23 29.37
CA ASP A 234 -9.81 -6.21 30.44
C ASP A 234 -10.67 -5.69 31.58
N ALA A 235 -10.44 -4.44 32.00
CA ALA A 235 -11.15 -3.92 33.16
C ALA A 235 -12.61 -3.67 32.82
N TRP A 236 -12.88 -3.25 31.59
CA TRP A 236 -14.26 -3.02 31.17
C TRP A 236 -15.07 -4.32 31.17
N SER A 237 -14.48 -5.43 30.69
CA SER A 237 -15.22 -6.68 30.69
C SER A 237 -15.24 -7.34 32.05
N SER A 238 -14.54 -6.78 33.04
CA SER A 238 -14.72 -7.17 34.44
C SER A 238 -15.81 -6.32 35.08
N ARG A 239 -15.71 -5.00 34.86
CA ARG A 239 -16.64 -4.05 35.44
C ARG A 239 -18.08 -4.39 35.10
N ILE A 240 -18.35 -4.78 33.84
CA ILE A 240 -19.73 -5.03 33.43
C ILE A 240 -20.35 -6.14 34.29
N LEU A 241 -19.57 -7.16 34.62
CA LEU A 241 -20.08 -8.24 35.47
C LEU A 241 -20.36 -7.75 36.88
N LEU A 242 -19.43 -7.00 37.47
CA LEU A 242 -19.64 -6.51 38.83
C LEU A 242 -20.90 -5.65 38.91
N GLU A 243 -21.13 -4.82 37.89
CA GLU A 243 -22.32 -3.97 37.94
C GLU A 243 -23.58 -4.71 37.53
N GLU A 244 -23.48 -5.76 36.70
CA GLU A 244 -24.63 -6.63 36.51
C GLU A 244 -24.99 -7.35 37.79
N MET A 245 -24.04 -7.48 38.71
CA MET A 245 -24.29 -8.11 39.98
C MET A 245 -24.80 -7.17 41.04
N GLY A 246 -25.10 -5.92 40.66
CA GLY A 246 -25.71 -4.95 41.54
C GLY A 246 -24.72 -4.07 42.28
N LEU A 247 -23.42 -4.20 42.03
CA LEU A 247 -22.43 -3.36 42.66
C LEU A 247 -22.17 -2.11 41.82
N ARG A 248 -21.54 -1.13 42.46
CA ARG A 248 -21.22 0.14 41.83
C ARG A 248 -19.70 0.31 41.87
N CYS A 249 -19.06 0.34 40.70
CA CYS A 249 -17.60 0.42 40.64
CA CYS A 249 -17.61 0.43 40.63
C CYS A 249 -17.19 1.89 40.63
N VAL A 250 -16.84 2.41 41.82
CA VAL A 250 -16.46 3.80 41.93
C VAL A 250 -15.13 4.09 41.22
N ALA A 251 -14.19 3.13 41.22
CA ALA A 251 -12.86 3.43 40.69
C ALA A 251 -12.24 2.21 40.02
N GLN A 252 -11.33 2.48 39.09
CA GLN A 252 -10.51 1.48 38.40
C GLN A 252 -9.06 1.91 38.53
N TRP A 253 -8.24 1.14 39.26
CA TRP A 253 -6.81 1.43 39.41
C TRP A 253 -6.00 0.47 38.54
N SER A 254 -5.42 0.96 37.45
CA SER A 254 -5.59 2.34 36.99
C SER A 254 -5.97 2.37 35.51
N GLY A 255 -6.31 1.21 34.95
CA GLY A 255 -6.76 1.15 33.56
C GLY A 255 -8.02 1.95 33.33
N ASP A 256 -8.00 2.85 32.34
CA ASP A 256 -9.07 3.81 32.09
C ASP A 256 -9.36 4.66 33.32
N GLY A 257 -8.39 4.82 34.21
CA GLY A 257 -8.64 5.47 35.50
C GLY A 257 -8.46 6.98 35.41
N SER A 258 -9.29 7.70 36.15
CA SER A 258 -9.22 9.15 36.26
C SER A 258 -8.68 9.52 37.63
N ILE A 259 -8.17 10.74 37.77
CA ILE A 259 -7.64 11.14 39.07
C ILE A 259 -8.78 11.27 40.09
N SER A 260 -9.97 11.68 39.65
CA SER A 260 -11.08 11.81 40.61
C SER A 260 -11.51 10.46 41.16
N GLU A 261 -11.57 9.42 40.29
CA GLU A 261 -11.85 8.07 40.75
C GLU A 261 -10.94 7.66 41.88
N ILE A 262 -9.65 7.92 41.69
CA ILE A 262 -8.68 7.57 42.71
C ILE A 262 -8.97 8.32 44.01
N GLU A 263 -9.21 9.63 43.92
CA GLU A 263 -9.52 10.40 45.12
C GLU A 263 -10.83 9.98 45.77
N LEU A 264 -11.75 9.39 45.00
CA LEU A 264 -12.99 8.89 45.58
C LEU A 264 -12.86 7.50 46.19
N THR A 265 -11.75 6.80 45.93
CA THR A 265 -11.65 5.41 46.38
C THR A 265 -11.74 5.23 47.89
N PRO A 266 -11.24 6.15 48.75
CA PRO A 266 -11.44 5.96 50.20
C PRO A 266 -12.90 5.97 50.64
N LYS A 267 -13.83 6.19 49.70
CA LYS A 267 -15.25 6.22 50.05
C LYS A 267 -15.94 4.88 49.84
N VAL A 268 -15.28 3.88 49.26
CA VAL A 268 -15.95 2.63 48.90
C VAL A 268 -16.05 1.70 50.09
N LYS A 269 -16.77 0.59 49.91
CA LYS A 269 -16.98 -0.38 50.98
C LYS A 269 -16.01 -1.55 50.93
N LEU A 270 -15.49 -1.88 49.75
CA LEU A 270 -14.65 -3.05 49.57
C LEU A 270 -13.71 -2.83 48.40
N ASN A 271 -12.43 -3.15 48.58
CA ASN A 271 -11.44 -3.07 47.51
C ASN A 271 -11.24 -4.47 46.91
N LEU A 272 -11.47 -4.58 45.60
CA LEU A 272 -11.34 -5.85 44.88
C LEU A 272 -9.99 -5.87 44.17
N VAL A 273 -9.07 -6.67 44.67
CA VAL A 273 -7.68 -6.67 44.23
C VAL A 273 -7.50 -7.76 43.20
N HIS A 274 -7.19 -7.37 41.96
CA HIS A 274 -6.91 -8.40 40.97
C HIS A 274 -5.41 -8.61 40.88
N CYS A 275 -4.63 -7.57 40.54
CA CYS A 275 -3.17 -7.71 40.62
C CYS A 275 -2.70 -7.48 42.04
N TYR A 276 -2.53 -8.56 42.79
CA TYR A 276 -1.97 -8.51 44.14
C TYR A 276 -0.58 -7.90 44.16
N ARG A 277 0.28 -8.30 43.21
CA ARG A 277 1.68 -7.85 43.22
C ARG A 277 1.78 -6.32 43.24
N SER A 278 1.11 -5.66 42.30
CA SER A 278 1.37 -4.23 42.11
C SER A 278 0.62 -3.33 43.08
N MET A 279 -0.47 -3.80 43.67
CA MET A 279 -1.32 -2.89 44.46
C MET A 279 -1.68 -3.40 45.86
N ASN A 280 -1.12 -4.50 46.32
CA ASN A 280 -1.44 -4.87 47.70
C ASN A 280 -1.01 -3.77 48.65
N TYR A 281 0.05 -3.03 48.31
CA TYR A 281 0.57 -2.01 49.23
C TYR A 281 -0.48 -0.96 49.56
N ILE A 282 -1.12 -0.38 48.54
CA ILE A 282 -2.11 0.66 48.79
C ILE A 282 -3.39 0.05 49.37
N SER A 283 -3.66 -1.22 49.05
CA SER A 283 -4.81 -1.91 49.62
C SER A 283 -4.65 -2.06 51.13
N ARG A 284 -3.47 -2.47 51.57
CA ARG A 284 -3.22 -2.53 53.01
C ARG A 284 -3.33 -1.16 53.65
N HIS A 285 -2.84 -0.11 52.96
CA HIS A 285 -2.92 1.24 53.53
C HIS A 285 -4.37 1.68 53.75
N MET A 286 -5.23 1.41 52.76
CA MET A 286 -6.62 1.85 52.84
C MET A 286 -7.37 1.09 53.93
N GLU A 287 -7.02 -0.17 54.18
CA GLU A 287 -7.64 -0.86 55.30
C GLU A 287 -7.20 -0.24 56.61
N GLU A 288 -5.91 0.05 56.75
CA GLU A 288 -5.41 0.55 58.02
C GLU A 288 -5.92 1.97 58.29
N LYS A 289 -5.96 2.81 57.26
CA LYS A 289 -6.35 4.20 57.45
C LYS A 289 -7.86 4.39 57.42
N TYR A 290 -8.54 3.76 56.46
CA TYR A 290 -9.96 4.02 56.25
C TYR A 290 -10.85 2.89 56.72
N GLY A 291 -10.30 1.75 57.13
CA GLY A 291 -11.14 0.62 57.47
C GLY A 291 -11.80 -0.06 56.29
N ILE A 292 -11.24 0.07 55.09
CA ILE A 292 -11.79 -0.56 53.90
C ILE A 292 -11.14 -1.93 53.75
N PRO A 293 -11.88 -3.02 53.86
CA PRO A 293 -11.27 -4.34 53.66
C PRO A 293 -11.00 -4.56 52.18
N TRP A 294 -10.14 -5.55 51.90
CA TRP A 294 -9.81 -5.87 50.52
C TRP A 294 -9.77 -7.38 50.37
N MET A 295 -9.83 -7.86 49.13
CA MET A 295 -9.81 -9.31 48.90
C MET A 295 -9.30 -9.57 47.49
N GLU A 296 -8.63 -10.71 47.31
CA GLU A 296 -8.08 -11.05 46.01
C GLU A 296 -9.12 -11.80 45.18
N TYR A 297 -9.08 -11.60 43.86
CA TYR A 297 -9.99 -12.33 42.99
C TYR A 297 -9.30 -12.61 41.66
N ASN A 298 -10.01 -13.30 40.78
CA ASN A 298 -9.42 -13.82 39.54
C ASN A 298 -10.54 -13.92 38.50
N PHE A 299 -10.46 -13.13 37.43
CA PHE A 299 -11.39 -13.24 36.30
C PHE A 299 -10.78 -13.86 35.02
N PHE A 300 -9.87 -14.81 35.14
CA PHE A 300 -9.38 -15.54 33.97
C PHE A 300 -10.13 -16.86 33.83
N GLY A 301 -11.02 -16.95 32.83
CA GLY A 301 -11.73 -18.18 32.56
C GLY A 301 -12.99 -18.33 33.39
N PRO A 302 -13.93 -19.17 32.94
CA PRO A 302 -15.22 -19.24 33.64
C PRO A 302 -15.13 -19.77 35.07
N THR A 303 -14.31 -20.80 35.31
CA THR A 303 -14.26 -21.38 36.66
C THR A 303 -13.83 -20.34 37.69
N LYS A 304 -12.74 -19.61 37.40
CA LYS A 304 -12.27 -18.61 38.35
C LYS A 304 -13.22 -17.42 38.42
N THR A 305 -13.80 -17.00 37.29
CA THR A 305 -14.70 -15.86 37.30
C THR A 305 -15.95 -16.17 38.11
N ILE A 306 -16.53 -17.36 37.93
CA ILE A 306 -17.68 -17.78 38.72
C ILE A 306 -17.33 -17.83 40.20
N GLU A 307 -16.16 -18.38 40.51
CA GLU A 307 -15.74 -18.45 41.91
C GLU A 307 -15.56 -17.05 42.51
N SER A 308 -14.93 -16.13 41.77
CA SER A 308 -14.75 -14.77 42.29
C SER A 308 -16.07 -14.04 42.47
N LEU A 309 -16.96 -14.12 41.47
CA LEU A 309 -18.26 -13.47 41.63
C LEU A 309 -18.98 -13.97 42.88
N ARG A 310 -18.94 -15.26 43.13
CA ARG A 310 -19.64 -15.78 44.31
C ARG A 310 -18.95 -15.32 45.60
N ALA A 311 -17.62 -15.31 45.62
CA ALA A 311 -16.90 -14.89 46.84
C ALA A 311 -17.09 -13.41 47.09
N ILE A 312 -17.16 -12.60 46.02
CA ILE A 312 -17.40 -11.18 46.17
C ILE A 312 -18.83 -10.93 46.63
N ALA A 313 -19.80 -11.61 46.04
CA ALA A 313 -21.19 -11.43 46.42
C ALA A 313 -21.42 -11.82 47.87
N ALA A 314 -20.70 -12.83 48.36
CA ALA A 314 -20.88 -13.28 49.73
C ALA A 314 -20.52 -12.22 50.75
N LYS A 315 -19.78 -11.18 50.33
CA LYS A 315 -19.43 -10.07 51.22
C LYS A 315 -20.56 -9.06 51.36
N PHE A 316 -21.61 -9.16 50.55
CA PHE A 316 -22.74 -8.24 50.61
C PHE A 316 -24.01 -8.98 51.03
N ASP A 317 -25.18 -8.37 50.82
CA ASP A 317 -26.41 -8.96 51.33
C ASP A 317 -26.99 -9.98 50.35
N GLU A 318 -28.12 -10.57 50.73
CA GLU A 318 -28.73 -11.61 49.92
C GLU A 318 -29.10 -11.11 48.53
N SER A 319 -29.46 -9.82 48.41
CA SER A 319 -29.85 -9.31 47.09
C SER A 319 -28.68 -9.35 46.11
N ILE A 320 -27.48 -9.01 46.56
CA ILE A 320 -26.32 -9.12 45.68
C ILE A 320 -26.05 -10.59 45.34
N GLN A 321 -26.18 -11.47 46.34
CA GLN A 321 -26.00 -12.89 46.10
C GLN A 321 -27.03 -13.43 45.11
N LYS A 322 -28.24 -12.90 45.12
CA LYS A 322 -29.25 -13.35 44.16
C LYS A 322 -28.90 -12.89 42.75
N LYS A 323 -28.45 -11.64 42.61
CA LYS A 323 -28.04 -11.15 41.30
C LYS A 323 -26.81 -11.87 40.77
N CYS A 324 -25.89 -12.25 41.67
CA CYS A 324 -24.73 -13.04 41.28
C CYS A 324 -25.15 -14.32 40.58
N GLU A 325 -26.10 -15.06 41.16
CA GLU A 325 -26.53 -16.30 40.51
C GLU A 325 -27.28 -16.01 39.22
N GLU A 326 -27.91 -14.83 39.09
CA GLU A 326 -28.54 -14.47 37.82
C GLU A 326 -27.49 -14.17 36.75
N VAL A 327 -26.41 -13.48 37.14
CA VAL A 327 -25.31 -13.22 36.22
C VAL A 327 -24.69 -14.52 35.74
N ILE A 328 -24.45 -15.44 36.68
CA ILE A 328 -23.87 -16.74 36.33
C ILE A 328 -24.80 -17.50 35.38
N ALA A 329 -26.11 -17.40 35.60
CA ALA A 329 -27.06 -18.10 34.74
C ALA A 329 -27.10 -17.50 33.33
N LYS A 330 -26.97 -16.17 33.24
CA LYS A 330 -27.01 -15.52 31.93
C LYS A 330 -25.84 -15.96 31.05
N TYR A 331 -24.62 -15.97 31.62
CA TYR A 331 -23.43 -16.23 30.83
C TYR A 331 -23.12 -17.71 30.67
N LYS A 332 -23.78 -18.56 31.45
CA LYS A 332 -23.55 -20.01 31.37
C LYS A 332 -23.62 -20.54 29.94
N PRO A 333 -24.67 -20.28 29.15
CA PRO A 333 -24.66 -20.83 27.77
C PRO A 333 -23.55 -20.26 26.90
N GLU A 334 -23.09 -19.04 27.19
CA GLU A 334 -22.06 -18.42 26.37
C GLU A 334 -20.70 -19.06 26.58
N TRP A 335 -20.27 -19.23 27.84
CA TRP A 335 -18.96 -19.83 28.01
C TRP A 335 -18.99 -21.32 27.72
N GLU A 336 -20.14 -21.98 27.89
CA GLU A 336 -20.24 -23.38 27.52
C GLU A 336 -20.14 -23.58 26.01
N ALA A 337 -20.63 -22.64 25.22
CA ALA A 337 -20.45 -22.72 23.77
C ALA A 337 -18.97 -22.56 23.40
N VAL A 338 -18.27 -21.65 24.09
CA VAL A 338 -16.84 -21.49 23.89
C VAL A 338 -16.11 -22.79 24.19
N VAL A 339 -16.37 -23.38 25.35
CA VAL A 339 -15.72 -24.64 25.70
C VAL A 339 -16.07 -25.73 24.67
N ALA A 340 -17.33 -25.78 24.25
CA ALA A 340 -17.76 -26.82 23.30
C ALA A 340 -17.05 -26.68 21.96
N LYS A 341 -16.78 -25.45 21.53
CA LYS A 341 -16.13 -25.25 20.24
C LYS A 341 -14.62 -25.48 20.33
N TYR A 342 -13.97 -24.97 21.38
CA TYR A 342 -12.52 -24.87 21.39
C TYR A 342 -11.82 -25.91 22.24
N ARG A 343 -12.45 -26.38 23.32
CA ARG A 343 -11.78 -27.42 24.11
C ARG A 343 -11.44 -28.67 23.30
N PRO A 344 -12.28 -29.16 22.39
CA PRO A 344 -11.85 -30.31 21.57
C PRO A 344 -10.64 -30.02 20.70
N ARG A 345 -10.41 -28.76 20.32
CA ARG A 345 -9.26 -28.38 19.52
C ARG A 345 -7.98 -28.23 20.35
N LEU A 346 -8.09 -28.16 21.67
CA LEU A 346 -6.97 -27.83 22.53
C LEU A 346 -6.74 -28.87 23.62
N GLU A 347 -7.67 -29.82 23.79
CA GLU A 347 -7.60 -30.85 24.83
C GLU A 347 -6.21 -31.47 24.89
N GLY A 348 -5.62 -31.46 26.08
CA GLY A 348 -4.37 -32.16 26.31
C GLY A 348 -3.12 -31.43 25.88
N LYS A 349 -3.23 -30.27 25.26
CA LYS A 349 -2.04 -29.53 24.85
C LYS A 349 -1.34 -28.92 26.05
N ARG A 350 -0.02 -28.80 25.94
CA ARG A 350 0.85 -28.43 27.05
C ARG A 350 1.43 -27.04 26.81
N VAL A 351 1.39 -26.18 27.85
CA VAL A 351 1.77 -24.78 27.76
C VAL A 351 2.88 -24.48 28.76
N MET A 352 3.87 -23.70 28.33
CA MET A 352 4.81 -23.06 29.25
C MET A 352 4.60 -21.56 29.24
N LEU A 353 4.60 -20.97 30.45
CA LEU A 353 4.34 -19.55 30.63
C LEU A 353 5.55 -18.86 31.24
N TYR A 354 5.77 -17.59 30.88
CA TYR A 354 6.73 -16.76 31.60
C TYR A 354 6.27 -15.32 31.51
N ILE A 355 5.91 -14.72 32.65
CA ILE A 355 5.30 -13.40 32.55
C ILE A 355 5.85 -12.63 33.75
N GLY A 356 5.07 -11.69 34.28
CA GLY A 356 5.64 -10.72 35.20
C GLY A 356 5.47 -10.98 36.69
N GLY A 357 4.27 -10.75 37.22
CA GLY A 357 4.10 -10.91 38.66
C GLY A 357 2.72 -11.38 39.09
N LEU A 358 1.83 -11.65 38.12
CA LEU A 358 0.48 -12.11 38.44
C LEU A 358 0.00 -13.20 37.47
N ARG A 359 0.03 -12.89 36.18
CA ARG A 359 -0.53 -13.82 35.20
C ARG A 359 0.13 -15.19 35.15
N PRO A 360 1.40 -15.40 35.53
CA PRO A 360 1.95 -16.75 35.50
C PRO A 360 1.20 -17.74 36.38
N ARG A 361 0.46 -17.28 37.40
CA ARG A 361 -0.49 -18.12 38.10
C ARG A 361 -1.95 -17.84 37.78
N HIS A 362 -2.30 -16.60 37.46
CA HIS A 362 -3.73 -16.28 37.30
C HIS A 362 -4.37 -16.92 36.07
N VAL A 363 -3.60 -17.20 35.03
CA VAL A 363 -4.22 -17.71 33.78
C VAL A 363 -4.29 -19.23 33.74
N ILE A 364 -3.81 -19.90 34.78
CA ILE A 364 -3.78 -21.36 34.71
C ILE A 364 -5.19 -21.93 34.60
N GLY A 365 -6.12 -21.42 35.43
CA GLY A 365 -7.47 -21.96 35.42
C GLY A 365 -8.12 -21.84 34.06
N ALA A 366 -7.83 -20.75 33.33
CA ALA A 366 -8.42 -20.56 32.01
C ALA A 366 -7.90 -21.59 31.02
N TYR A 367 -6.60 -21.88 31.05
CA TYR A 367 -6.06 -22.95 30.22
C TYR A 367 -6.69 -24.29 30.55
N GLU A 368 -6.82 -24.61 31.84
CA GLU A 368 -7.46 -25.85 32.26
C GLU A 368 -8.93 -25.89 31.87
N ASP A 369 -9.58 -24.73 31.77
CA ASP A 369 -10.97 -24.71 31.30
C ASP A 369 -11.06 -25.12 29.83
N LEU A 370 -9.96 -25.03 29.11
CA LEU A 370 -9.87 -25.53 27.74
C LEU A 370 -9.16 -26.88 27.66
N GLY A 371 -8.99 -27.58 28.77
CA GLY A 371 -8.36 -28.88 28.73
C GLY A 371 -6.86 -28.88 28.53
N MET A 372 -6.22 -27.73 28.63
CA MET A 372 -4.78 -27.66 28.47
C MET A 372 -4.09 -27.80 29.83
N GLU A 373 -2.81 -28.13 29.77
CA GLU A 373 -2.01 -28.36 30.97
C GLU A 373 -0.84 -27.39 30.98
N VAL A 374 -0.69 -26.65 32.08
CA VAL A 374 0.44 -25.74 32.24
C VAL A 374 1.58 -26.54 32.88
N VAL A 375 2.61 -26.82 32.10
CA VAL A 375 3.68 -27.70 32.55
C VAL A 375 4.88 -26.93 33.05
N GLY A 376 4.94 -25.63 32.82
CA GLY A 376 6.00 -24.80 33.37
C GLY A 376 5.52 -23.37 33.48
N THR A 377 5.87 -22.68 34.57
CA THR A 377 5.48 -21.28 34.67
C THR A 377 6.53 -20.58 35.51
N GLY A 378 6.52 -19.25 35.46
CA GLY A 378 7.46 -18.49 36.25
C GLY A 378 7.25 -17.01 36.02
N TYR A 379 7.97 -16.22 36.81
CA TYR A 379 7.77 -14.78 36.87
C TYR A 379 9.09 -14.04 36.72
N GLU A 380 8.99 -12.84 36.12
CA GLU A 380 10.12 -11.93 36.05
C GLU A 380 10.50 -11.40 37.43
N PHE A 381 9.49 -10.99 38.23
CA PHE A 381 9.77 -10.16 39.40
C PHE A 381 8.84 -10.44 40.58
N ALA A 382 8.16 -11.59 40.60
CA ALA A 382 7.31 -11.93 41.73
C ALA A 382 8.13 -12.03 43.02
N HIS A 383 7.43 -11.93 44.14
CA HIS A 383 8.03 -12.14 45.47
C HIS A 383 7.64 -13.52 45.98
N ASN A 384 8.11 -13.89 47.18
CA ASN A 384 7.74 -15.24 47.61
C ASN A 384 6.27 -15.37 48.00
N ASP A 385 5.59 -14.28 48.40
CA ASP A 385 4.15 -14.43 48.62
C ASP A 385 3.40 -14.70 47.31
N ASP A 386 3.96 -14.32 46.17
CA ASP A 386 3.38 -14.76 44.89
C ASP A 386 3.62 -16.24 44.67
N TYR A 387 4.83 -16.71 44.93
CA TYR A 387 5.09 -18.14 44.75
C TYR A 387 4.27 -18.98 45.72
N ASP A 388 4.06 -18.47 46.95
CA ASP A 388 3.18 -19.15 47.90
C ASP A 388 1.80 -19.42 47.27
N ARG A 389 1.30 -18.44 46.52
CA ARG A 389 0.01 -18.56 45.86
C ARG A 389 0.07 -19.40 44.60
N THR A 390 1.26 -19.72 44.10
CA THR A 390 1.40 -20.44 42.83
C THR A 390 1.44 -21.95 43.02
N MET A 391 2.06 -22.42 44.10
CA MET A 391 2.31 -23.86 44.28
C MET A 391 1.05 -24.68 44.10
N LYS A 392 -0.03 -24.32 44.79
CA LYS A 392 -1.29 -25.05 44.67
C LYS A 392 -1.89 -24.96 43.28
N GLU A 393 -1.56 -23.93 42.51
CA GLU A 393 -2.17 -23.73 41.20
C GLU A 393 -1.54 -24.60 40.12
N MET A 394 -0.37 -25.16 40.37
CA MET A 394 0.41 -25.88 39.38
C MET A 394 0.40 -27.36 39.71
N GLY A 395 0.51 -28.20 38.68
CA GLY A 395 0.57 -29.63 38.90
C GLY A 395 1.86 -30.07 39.58
N ASP A 396 1.81 -31.28 40.16
CA ASP A 396 3.03 -31.83 40.75
C ASP A 396 4.08 -32.06 39.68
N SER A 397 5.34 -31.82 40.04
CA SER A 397 6.50 -32.12 39.20
C SER A 397 6.57 -31.24 37.97
N THR A 398 5.83 -30.13 37.94
CA THR A 398 6.01 -29.14 36.89
C THR A 398 7.20 -28.23 37.24
N LEU A 399 7.69 -27.51 36.24
CA LEU A 399 8.89 -26.65 36.39
C LEU A 399 8.54 -25.20 36.73
N LEU A 400 9.25 -24.65 37.71
CA LEU A 400 9.10 -23.26 38.18
C LEU A 400 10.41 -22.51 37.93
N TYR A 401 10.35 -21.29 37.41
CA TYR A 401 11.59 -20.53 37.17
C TYR A 401 11.37 -19.05 37.51
N ASP A 402 12.23 -18.54 38.37
CA ASP A 402 12.18 -17.12 38.78
C ASP A 402 13.31 -16.37 38.07
N ASP A 403 12.96 -15.22 37.49
CA ASP A 403 13.93 -14.36 36.75
C ASP A 403 14.74 -15.24 35.83
N VAL A 404 14.06 -16.01 34.98
CA VAL A 404 14.74 -17.01 34.17
C VAL A 404 15.67 -16.30 33.20
N THR A 405 16.82 -16.88 32.94
CA THR A 405 17.71 -16.31 31.94
C THR A 405 17.26 -16.76 30.54
N GLY A 406 17.70 -16.02 29.53
CA GLY A 406 17.35 -16.39 28.16
C GLY A 406 17.83 -17.80 27.82
N TYR A 407 19.07 -18.12 28.21
CA TYR A 407 19.62 -19.46 28.01
C TYR A 407 18.75 -20.52 28.67
N GLU A 408 18.42 -20.35 29.96
CA GLU A 408 17.61 -21.34 30.67
C GLU A 408 16.29 -21.60 29.97
N PHE A 409 15.55 -20.54 29.68
CA PHE A 409 14.23 -20.70 29.07
C PHE A 409 14.33 -21.46 27.74
N GLU A 410 15.33 -21.14 26.93
CA GLU A 410 15.53 -21.87 25.67
C GLU A 410 15.79 -23.35 25.93
N GLU A 411 16.72 -23.65 26.85
CA GLU A 411 17.05 -25.05 27.13
C GLU A 411 15.86 -25.80 27.73
N PHE A 412 15.12 -25.17 28.65
CA PHE A 412 13.96 -25.84 29.22
C PHE A 412 12.94 -26.17 28.14
N VAL A 413 12.70 -25.23 27.23
CA VAL A 413 11.72 -25.46 26.17
C VAL A 413 12.19 -26.58 25.24
N LYS A 414 13.49 -26.60 24.94
CA LYS A 414 14.00 -27.64 24.05
C LYS A 414 13.81 -29.03 24.63
N ARG A 415 13.89 -29.17 25.96
CA ARG A 415 13.72 -30.49 26.57
C ARG A 415 12.24 -30.83 26.78
N ILE A 416 11.44 -29.88 27.27
CA ILE A 416 10.06 -30.15 27.61
C ILE A 416 9.17 -30.20 26.37
N LYS A 417 9.54 -29.46 25.32
CA LYS A 417 8.79 -29.42 24.07
C LYS A 417 7.31 -29.10 24.27
N PRO A 418 6.98 -27.92 24.80
CA PRO A 418 5.58 -27.55 24.95
C PRO A 418 4.90 -27.40 23.61
N ASP A 419 3.56 -27.51 23.61
CA ASP A 419 2.81 -27.25 22.39
C ASP A 419 2.60 -25.76 22.16
N LEU A 420 2.80 -24.95 23.19
CA LEU A 420 2.47 -23.53 23.15
C LEU A 420 3.26 -22.84 24.25
N ILE A 421 3.73 -21.63 23.97
CA ILE A 421 4.46 -20.83 24.94
C ILE A 421 3.72 -19.50 25.07
N GLY A 422 3.50 -19.05 26.30
CA GLY A 422 2.92 -17.75 26.56
C GLY A 422 3.86 -16.85 27.33
N SER A 423 4.37 -15.80 26.68
CA SER A 423 5.35 -14.92 27.32
C SER A 423 5.31 -13.55 26.63
N GLY A 424 6.47 -12.88 26.56
CA GLY A 424 6.56 -11.51 26.12
C GLY A 424 7.19 -11.30 24.75
N ILE A 425 7.25 -10.02 24.35
CA ILE A 425 7.71 -9.63 23.01
C ILE A 425 9.17 -10.03 22.80
N LYS A 426 9.99 -10.03 23.86
CA LYS A 426 11.40 -10.38 23.69
C LYS A 426 11.60 -11.87 23.52
N GLU A 427 10.59 -12.68 23.86
CA GLU A 427 10.63 -14.12 23.73
C GLU A 427 9.95 -14.61 22.45
N LYS A 428 8.96 -13.86 21.95
CA LYS A 428 8.06 -14.37 20.92
C LYS A 428 8.81 -14.94 19.71
N PHE A 429 9.73 -14.16 19.15
CA PHE A 429 10.29 -14.52 17.85
C PHE A 429 11.38 -15.57 17.95
N ILE A 430 11.92 -15.79 19.15
CA ILE A 430 12.83 -16.91 19.38
C ILE A 430 12.10 -18.23 19.16
N PHE A 431 10.96 -18.40 19.83
CA PHE A 431 10.32 -19.69 19.86
C PHE A 431 9.51 -19.98 18.61
N GLN A 432 9.03 -18.94 17.93
CA GLN A 432 8.39 -19.17 16.64
C GLN A 432 9.37 -19.80 15.65
N LYS A 433 10.62 -19.36 15.68
CA LYS A 433 11.62 -19.92 14.78
C LYS A 433 11.91 -21.38 15.11
N MET A 434 11.72 -21.77 16.37
CA MET A 434 11.87 -23.16 16.74
C MET A 434 10.67 -24.01 16.33
N GLY A 435 9.61 -23.37 15.83
CA GLY A 435 8.41 -24.09 15.43
C GLY A 435 7.38 -24.26 16.51
N ILE A 436 7.44 -23.46 17.57
CA ILE A 436 6.55 -23.61 18.71
C ILE A 436 5.56 -22.47 18.70
N PRO A 437 4.26 -22.75 18.58
CA PRO A 437 3.25 -21.70 18.70
C PRO A 437 3.46 -20.84 19.93
N PHE A 438 3.34 -19.53 19.74
CA PHE A 438 3.62 -18.55 20.80
C PHE A 438 2.48 -17.53 20.88
N ARG A 439 2.04 -17.25 22.11
CA ARG A 439 1.06 -16.20 22.37
C ARG A 439 1.65 -15.21 23.36
N GLU A 440 1.61 -13.93 23.00
CA GLU A 440 2.00 -12.86 23.90
C GLU A 440 1.00 -12.79 25.05
N MET A 441 1.49 -12.94 26.27
CA MET A 441 0.61 -12.95 27.43
C MET A 441 0.77 -11.67 28.25
N HIS A 442 1.42 -10.64 27.70
CA HIS A 442 1.34 -9.29 28.24
C HIS A 442 0.37 -8.47 27.37
N SER A 443 0.76 -8.24 26.11
CA SER A 443 0.01 -7.44 25.14
C SER A 443 -1.21 -8.15 24.57
N TRP A 444 -1.40 -9.42 24.92
CA TRP A 444 -2.46 -10.31 24.37
C TRP A 444 -2.31 -10.44 22.86
N ASP A 445 -1.12 -10.22 22.34
CA ASP A 445 -0.87 -10.27 20.87
C ASP A 445 -1.92 -9.41 20.14
N TYR A 446 -2.09 -8.16 20.59
CA TYR A 446 -2.96 -7.14 19.96
C TYR A 446 -4.43 -7.58 19.92
N SER A 447 -4.81 -8.47 20.83
CA SER A 447 -6.17 -8.99 20.88
C SER A 447 -6.73 -8.73 22.29
N GLY A 448 -7.66 -9.56 22.75
CA GLY A 448 -8.28 -9.33 24.03
C GLY A 448 -9.51 -8.45 23.91
N PRO A 449 -10.20 -8.19 25.04
CA PRO A 449 -9.83 -8.54 26.42
C PRO A 449 -9.82 -10.03 26.68
N TYR A 450 -9.10 -10.45 27.73
CA TYR A 450 -9.18 -11.82 28.19
C TYR A 450 -9.89 -11.96 29.53
N HIS A 451 -10.13 -10.87 30.28
CA HIS A 451 -10.82 -10.97 31.56
C HIS A 451 -12.32 -11.20 31.36
N GLY A 452 -12.91 -11.92 32.31
CA GLY A 452 -14.35 -12.10 32.34
C GLY A 452 -14.88 -13.13 31.35
N PHE A 453 -16.21 -13.16 31.24
CA PHE A 453 -16.83 -14.10 30.33
C PHE A 453 -16.58 -13.71 28.88
N ASP A 454 -16.73 -12.43 28.56
CA ASP A 454 -16.48 -12.00 27.18
C ASP A 454 -15.02 -12.17 26.81
N GLY A 455 -14.12 -11.98 27.77
CA GLY A 455 -12.72 -12.20 27.50
C GLY A 455 -12.37 -13.65 27.26
N PHE A 456 -13.11 -14.57 27.88
CA PHE A 456 -12.79 -15.98 27.74
C PHE A 456 -13.01 -16.45 26.31
N ALA A 457 -14.06 -15.95 25.64
CA ALA A 457 -14.28 -16.31 24.24
C ALA A 457 -13.09 -15.92 23.37
N ILE A 458 -12.52 -14.74 23.62
CA ILE A 458 -11.42 -14.25 22.80
C ILE A 458 -10.15 -15.02 23.10
N PHE A 459 -9.87 -15.25 24.39
CA PHE A 459 -8.75 -16.08 24.80
C PHE A 459 -8.77 -17.44 24.11
N ALA A 460 -9.94 -18.10 24.11
CA ALA A 460 -10.05 -19.43 23.53
C ALA A 460 -9.81 -19.39 22.03
N ARG A 461 -10.46 -18.46 21.34
CA ARG A 461 -10.22 -18.30 19.90
C ARG A 461 -8.75 -18.06 19.60
N ASP A 462 -8.09 -17.24 20.43
CA ASP A 462 -6.71 -16.89 20.17
C ASP A 462 -5.77 -18.07 20.37
N MET A 463 -6.01 -18.87 21.43
CA MET A 463 -5.12 -20.00 21.66
C MET A 463 -5.29 -21.02 20.54
N ASP A 464 -6.53 -21.22 20.08
CA ASP A 464 -6.76 -22.13 18.97
C ASP A 464 -6.14 -21.61 17.68
N MET A 465 -6.32 -20.32 17.37
CA MET A 465 -5.87 -19.86 16.06
C MET A 465 -4.37 -20.00 15.91
N THR A 466 -3.64 -19.91 17.01
CA THR A 466 -2.18 -19.95 16.97
C THR A 466 -1.65 -21.38 17.13
N LEU A 467 -2.14 -22.12 18.13
CA LEU A 467 -1.66 -23.48 18.35
C LEU A 467 -1.92 -24.36 17.13
N ASN A 468 -3.06 -24.18 16.49
CA ASN A 468 -3.48 -25.05 15.40
C ASN A 468 -3.27 -24.43 14.02
N ASN A 469 -2.48 -23.37 13.92
CA ASN A 469 -2.34 -22.69 12.65
C ASN A 469 -1.63 -23.58 11.63
N PRO A 470 -2.04 -23.55 10.36
CA PRO A 470 -1.35 -24.38 9.37
C PRO A 470 0.12 -24.02 9.20
N CYS A 471 0.56 -22.86 9.69
CA CYS A 471 1.93 -22.47 9.43
C CYS A 471 2.93 -23.38 10.14
N TRP A 472 2.53 -24.01 11.25
CA TRP A 472 3.50 -24.75 12.06
C TRP A 472 3.93 -26.07 11.44
N LYS A 473 3.25 -26.54 10.39
CA LYS A 473 3.63 -27.78 9.73
C LYS A 473 4.52 -27.53 8.53
N LYS A 474 5.01 -26.31 8.36
CA LYS A 474 5.72 -25.93 7.15
C LYS A 474 7.19 -25.55 7.37
N LEU A 475 7.68 -25.67 8.59
CA LEU A 475 9.06 -25.17 8.86
C LEU A 475 10.14 -26.05 8.23
N GLN A 476 9.88 -27.33 7.99
CA GLN A 476 10.94 -28.17 7.37
C GLN A 476 10.79 -28.15 5.84
N ALA A 477 11.80 -27.70 5.13
CA ALA A 477 11.73 -27.69 3.66
C ALA A 477 11.61 -29.15 3.29
N PRO A 478 10.66 -29.76 2.33
CA PRO A 478 10.47 -31.16 2.01
C PRO A 478 11.68 -31.90 1.43
N TRP A 479 12.73 -31.17 1.07
CA TRP A 479 13.98 -31.78 0.56
C TRP A 479 14.96 -31.96 1.72
N GLU A 480 14.50 -31.76 2.95
CA GLU A 480 15.34 -31.96 4.15
C GLU A 480 14.65 -32.94 5.10
N SER B 2 -21.59 -9.63 26.23
CA SER B 2 -21.97 -10.92 25.65
C SER B 2 -21.21 -11.22 24.37
N GLN B 3 -21.15 -12.49 24.02
CA GLN B 3 -20.47 -12.92 22.79
C GLN B 3 -21.31 -13.95 22.07
N GLN B 4 -21.27 -13.90 20.75
CA GLN B 4 -21.85 -14.92 19.84
C GLN B 4 -20.67 -15.81 19.49
N VAL B 5 -20.68 -17.05 19.93
CA VAL B 5 -19.52 -17.96 19.77
C VAL B 5 -19.02 -18.05 18.34
N ASP B 6 -19.90 -17.98 17.35
CA ASP B 6 -19.43 -18.08 15.98
C ASP B 6 -18.97 -16.75 15.39
N LYS B 7 -19.19 -15.62 16.07
CA LYS B 7 -18.71 -14.33 15.61
C LYS B 7 -18.16 -13.57 16.83
N ILE B 8 -17.02 -14.03 17.35
CA ILE B 8 -16.45 -13.44 18.55
C ILE B 8 -15.88 -12.05 18.24
N LYS B 9 -16.16 -11.09 19.11
CA LYS B 9 -15.68 -9.72 18.96
C LYS B 9 -14.55 -9.43 19.93
N ALA B 10 -13.43 -8.93 19.40
CA ALA B 10 -12.37 -8.37 20.24
C ALA B 10 -12.75 -6.94 20.64
N SER B 11 -11.86 -6.27 21.40
CA SER B 11 -12.20 -4.98 22.02
C SER B 11 -12.94 -4.06 21.06
N TYR B 12 -12.40 -3.90 19.85
CA TYR B 12 -13.17 -3.35 18.74
C TYR B 12 -13.69 -4.52 17.92
N PRO B 13 -15.01 -4.69 17.75
CA PRO B 13 -16.05 -3.74 18.14
C PRO B 13 -16.83 -4.09 19.41
N LEU B 14 -16.30 -4.98 20.26
CA LEU B 14 -17.07 -5.45 21.41
C LEU B 14 -17.61 -4.29 22.23
N PHE B 15 -16.77 -3.29 22.50
CA PHE B 15 -17.18 -2.24 23.43
C PHE B 15 -18.09 -1.21 22.79
N LEU B 16 -18.46 -1.38 21.50
CA LEU B 16 -19.53 -0.60 20.90
C LEU B 16 -20.90 -1.19 21.17
N ASP B 17 -21.00 -2.41 21.69
CA ASP B 17 -22.27 -2.94 22.13
C ASP B 17 -22.94 -1.96 23.09
N GLN B 18 -24.28 -1.91 23.06
CA GLN B 18 -25.01 -0.94 23.86
C GLN B 18 -24.74 -1.10 25.35
N ASP B 19 -24.67 -2.33 25.86
CA ASP B 19 -24.49 -2.46 27.30
C ASP B 19 -23.13 -1.93 27.73
N TYR B 20 -22.10 -2.13 26.92
CA TYR B 20 -20.80 -1.53 27.23
C TYR B 20 -20.85 -0.01 27.13
N LYS B 21 -21.51 0.53 26.08
CA LYS B 21 -21.64 1.97 25.94
C LYS B 21 -22.33 2.59 27.16
N ASP B 22 -23.44 1.99 27.60
CA ASP B 22 -24.15 2.52 28.75
C ASP B 22 -23.28 2.50 30.00
N MET B 23 -22.53 1.40 30.19
CA MET B 23 -21.65 1.29 31.35
C MET B 23 -20.56 2.35 31.34
N LEU B 24 -19.93 2.59 30.17
CA LEU B 24 -18.90 3.60 30.10
C LEU B 24 -19.47 5.00 30.30
N ALA B 25 -20.71 5.23 29.83
CA ALA B 25 -21.39 6.49 30.10
C ALA B 25 -21.58 6.70 31.59
N LYS B 26 -22.03 5.66 32.30
CA LYS B 26 -22.22 5.76 33.75
C LYS B 26 -20.89 5.95 34.46
N LYS B 27 -19.84 5.27 34.00
CA LYS B 27 -18.53 5.46 34.62
C LYS B 27 -18.07 6.91 34.51
N ARG B 28 -18.18 7.48 33.30
CA ARG B 28 -17.79 8.86 33.07
C ARG B 28 -18.58 9.80 33.97
N ASP B 29 -19.91 9.73 33.91
CA ASP B 29 -20.72 10.70 34.62
C ASP B 29 -20.66 10.50 36.12
N GLY B 30 -20.48 9.27 36.57
CA GLY B 30 -20.47 9.02 37.99
C GLY B 30 -19.20 9.44 38.68
N PHE B 31 -18.04 9.25 38.04
CA PHE B 31 -16.82 9.20 38.85
C PHE B 31 -15.66 9.91 38.21
N GLU B 32 -15.75 10.30 36.92
CA GLU B 32 -14.58 10.81 36.20
C GLU B 32 -14.49 12.32 36.24
N GLU B 33 -15.55 13.02 36.65
CA GLU B 33 -15.54 14.48 36.76
C GLU B 33 -14.92 15.09 35.50
N LYS B 34 -15.43 14.64 34.37
CA LYS B 34 -14.86 14.97 33.07
C LYS B 34 -15.30 16.35 32.61
N TYR B 35 -14.41 17.03 31.91
CA TYR B 35 -14.78 18.30 31.31
C TYR B 35 -15.96 18.11 30.36
N PRO B 36 -16.85 19.08 30.27
CA PRO B 36 -17.98 18.98 29.33
C PRO B 36 -17.48 18.87 27.90
N GLN B 37 -18.26 18.16 27.08
CA GLN B 37 -17.85 17.90 25.70
C GLN B 37 -17.65 19.19 24.92
N ASP B 38 -18.47 20.21 25.21
CA ASP B 38 -18.30 21.49 24.53
C ASP B 38 -16.95 22.12 24.85
N LYS B 39 -16.51 22.00 26.12
CA LYS B 39 -15.20 22.51 26.49
C LYS B 39 -14.09 21.71 25.84
N ILE B 40 -14.24 20.38 25.78
CA ILE B 40 -13.26 19.56 25.07
C ILE B 40 -13.19 19.96 23.60
N ASP B 41 -14.36 20.17 22.97
CA ASP B 41 -14.35 20.61 21.58
C ASP B 41 -13.68 21.97 21.44
N GLU B 42 -13.93 22.86 22.41
CA GLU B 42 -13.38 24.22 22.32
C GLU B 42 -11.86 24.21 22.43
N VAL B 43 -11.32 23.42 23.36
CA VAL B 43 -9.86 23.35 23.51
C VAL B 43 -9.23 22.64 22.33
N PHE B 44 -9.83 21.55 21.83
CA PHE B 44 -9.27 20.91 20.63
C PHE B 44 -9.16 21.91 19.49
N GLN B 45 -10.24 22.63 19.19
CA GLN B 45 -10.19 23.61 18.11
C GLN B 45 -9.07 24.62 18.34
N TRP B 46 -8.91 25.07 19.59
CA TRP B 46 -7.83 26.00 19.90
C TRP B 46 -6.45 25.40 19.59
N THR B 47 -6.26 24.09 19.84
CA THR B 47 -4.94 23.51 19.59
C THR B 47 -4.60 23.41 18.10
N THR B 48 -5.56 23.67 17.20
CA THR B 48 -5.31 23.68 15.76
C THR B 48 -4.97 25.07 15.21
N THR B 49 -4.96 26.11 16.06
CA THR B 49 -4.88 27.47 15.57
C THR B 49 -3.43 27.96 15.47
N LYS B 50 -3.26 29.09 14.76
CA LYS B 50 -1.97 29.76 14.69
C LYS B 50 -1.57 30.34 16.05
N GLU B 51 -2.55 30.84 16.79
CA GLU B 51 -2.27 31.32 18.15
C GLU B 51 -1.64 30.23 19.00
N TYR B 52 -2.23 29.03 18.98
CA TYR B 52 -1.66 27.91 19.71
C TYR B 52 -0.26 27.57 19.20
N GLN B 53 -0.09 27.54 17.87
CA GLN B 53 1.20 27.19 17.29
C GLN B 53 2.30 28.13 17.79
N GLU B 54 1.97 29.42 17.94
CA GLU B 54 2.97 30.38 18.42
C GLU B 54 3.43 30.03 19.83
N LEU B 55 2.47 29.73 20.71
CA LEU B 55 2.81 29.30 22.08
C LEU B 55 3.59 28.00 22.06
N ASN B 56 3.16 27.06 21.20
CA ASN B 56 3.81 25.77 21.04
C ASN B 56 5.29 25.94 20.71
N PHE B 57 5.60 26.79 19.72
CA PHE B 57 6.98 26.99 19.32
C PHE B 57 7.77 27.85 20.29
N GLN B 58 7.15 28.39 21.33
CA GLN B 58 7.90 29.11 22.36
C GLN B 58 8.41 28.20 23.45
N ARG B 59 8.13 26.90 23.38
CA ARG B 59 8.60 25.97 24.42
C ARG B 59 10.11 25.99 24.53
N GLU B 60 10.61 25.99 25.77
CA GLU B 60 12.03 25.85 26.03
C GLU B 60 12.37 24.64 26.87
N ALA B 61 11.42 24.11 27.62
CA ALA B 61 11.73 23.07 28.59
C ALA B 61 10.96 21.79 28.35
N LEU B 62 9.73 21.88 27.82
CA LEU B 62 8.90 20.70 27.61
C LEU B 62 9.12 20.15 26.21
N THR B 63 9.30 18.83 26.13
CA THR B 63 9.29 18.11 24.86
C THR B 63 8.09 17.18 24.84
N VAL B 64 7.42 17.10 23.69
CA VAL B 64 6.19 16.31 23.54
C VAL B 64 6.31 15.49 22.27
N ASN B 65 6.17 14.16 22.39
CA ASN B 65 6.23 13.24 21.26
C ASN B 65 7.52 13.44 20.46
N PRO B 66 8.67 13.14 21.06
CA PRO B 66 9.94 13.34 20.33
C PRO B 66 10.06 12.43 19.12
N ALA B 67 10.97 12.81 18.21
CA ALA B 67 11.29 11.97 17.06
C ALA B 67 12.78 11.63 17.09
N LYS B 68 13.21 11.00 18.18
CA LYS B 68 14.59 10.53 18.34
C LYS B 68 14.58 9.58 19.53
N ALA B 69 15.61 8.74 19.59
CA ALA B 69 15.83 7.88 20.75
C ALA B 69 17.20 8.23 21.33
N CYS B 70 17.71 7.37 22.22
CA CYS B 70 18.94 7.64 22.93
C CYS B 70 20.10 6.77 22.46
N GLN B 71 21.32 7.26 22.71
CA GLN B 71 22.57 6.69 22.17
C GLN B 71 22.66 5.18 22.24
N PRO B 72 22.48 4.51 23.39
CA PRO B 72 22.81 3.07 23.42
C PRO B 72 21.96 2.24 22.46
N LEU B 73 20.76 2.69 22.11
CA LEU B 73 20.00 1.99 21.08
C LEU B 73 20.82 1.84 19.78
N GLY B 74 21.46 2.93 19.34
CA GLY B 74 22.30 2.82 18.16
C GLY B 74 23.55 1.99 18.37
N ALA B 75 24.13 2.04 19.58
CA ALA B 75 25.30 1.20 19.83
C ALA B 75 24.95 -0.28 19.70
N VAL B 76 23.79 -0.69 20.21
CA VAL B 76 23.37 -2.08 20.12
C VAL B 76 23.19 -2.48 18.65
N LEU B 77 22.50 -1.65 17.88
CA LEU B 77 22.33 -1.97 16.45
C LEU B 77 23.68 -2.11 15.75
N CYS B 78 24.63 -1.21 16.07
CA CYS B 78 25.94 -1.31 15.44
C CYS B 78 26.64 -2.61 15.81
N ALA B 79 26.63 -2.96 17.10
CA ALA B 79 27.28 -4.18 17.58
C ALA B 79 26.67 -5.43 16.95
N LEU B 80 25.36 -5.41 16.72
CA LEU B 80 24.69 -6.57 16.13
C LEU B 80 25.23 -6.87 14.74
N GLY B 81 25.90 -5.91 14.11
CA GLY B 81 26.43 -6.12 12.77
C GLY B 81 27.75 -6.85 12.69
N PHE B 82 28.29 -7.33 13.81
CA PHE B 82 29.58 -8.02 13.80
C PHE B 82 29.38 -9.50 14.15
N GLU B 83 30.21 -10.33 13.52
CA GLU B 83 30.06 -11.79 13.61
C GLU B 83 30.12 -12.27 15.06
N LYS B 84 29.13 -13.09 15.44
CA LYS B 84 29.04 -13.67 16.78
C LYS B 84 29.39 -12.67 17.87
N THR B 85 28.88 -11.45 17.71
CA THR B 85 29.14 -10.38 18.70
C THR B 85 27.90 -10.18 19.58
N MET B 86 28.11 -10.09 20.89
CA MET B 86 26.98 -9.82 21.81
C MET B 86 27.02 -8.36 22.23
N PRO B 87 25.98 -7.55 21.96
CA PRO B 87 25.94 -6.18 22.44
C PRO B 87 25.81 -6.31 23.96
N TYR B 88 26.57 -5.50 24.69
CA TYR B 88 26.61 -5.52 26.16
C TYR B 88 26.51 -4.09 26.61
N VAL B 89 25.50 -3.76 27.40
CA VAL B 89 25.33 -2.36 27.82
C VAL B 89 25.61 -2.27 29.32
N HIS B 90 26.76 -1.72 29.66
CA HIS B 90 27.16 -1.57 31.08
C HIS B 90 26.23 -0.56 31.73
N GLY B 91 25.52 -0.97 32.76
CA GLY B 91 24.59 -0.07 33.39
C GLY B 91 23.30 -0.75 33.82
N SER B 92 22.17 -0.05 33.71
CA SER B 92 20.91 -0.49 34.25
C SER B 92 20.19 -1.42 33.27
N GLN B 93 19.57 -2.47 33.81
CA GLN B 93 18.95 -3.47 32.95
C GLN B 93 17.62 -3.00 32.33
N GLY B 94 16.93 -2.03 32.93
CA GLY B 94 15.69 -1.56 32.32
C GLY B 94 15.90 -1.08 30.90
N CYS B 95 17.04 -0.45 30.64
CA CYS B 95 17.39 0.05 29.31
C CYS B 95 17.40 -1.08 28.29
N VAL B 96 18.05 -2.19 28.65
CA VAL B 96 18.22 -3.27 27.69
C VAL B 96 16.88 -3.92 27.37
N ALA B 97 15.99 -4.04 28.37
CA ALA B 97 14.63 -4.51 28.08
C ALA B 97 13.98 -3.63 27.03
N TYR B 98 14.11 -2.32 27.18
CA TYR B 98 13.53 -1.40 26.22
C TYR B 98 14.18 -1.50 24.84
N PHE B 99 15.53 -1.53 24.79
CA PHE B 99 16.19 -1.58 23.48
C PHE B 99 15.75 -2.81 22.71
N ARG B 100 15.71 -3.97 23.38
CA ARG B 100 15.34 -5.20 22.73
C ARG B 100 13.90 -5.13 22.24
N SER B 101 12.97 -4.71 23.12
CA SER B 101 11.56 -4.66 22.73
C SER B 101 11.34 -3.71 21.55
N TYR B 102 12.10 -2.62 21.51
CA TYR B 102 11.83 -1.60 20.50
C TYR B 102 12.28 -2.10 19.13
N PHE B 103 13.43 -2.78 19.09
CA PHE B 103 13.85 -3.44 17.85
C PHE B 103 13.01 -4.69 17.56
N ASN B 104 12.64 -5.48 18.59
CA ASN B 104 11.73 -6.60 18.37
C ASN B 104 10.53 -6.17 17.55
N ARG B 105 9.91 -5.05 17.93
CA ARG B 105 8.63 -4.67 17.30
C ARG B 105 8.82 -4.14 15.90
N HIS B 106 9.99 -3.58 15.60
CA HIS B 106 10.24 -3.06 14.26
C HIS B 106 10.65 -4.16 13.28
N PHE B 107 11.58 -5.02 13.69
CA PHE B 107 12.05 -6.09 12.81
C PHE B 107 11.22 -7.37 12.92
N ARG B 108 10.43 -7.53 13.98
CA ARG B 108 9.74 -8.79 14.27
C ARG B 108 10.74 -9.94 14.26
N GLU B 109 11.82 -9.76 15.01
CA GLU B 109 12.94 -10.70 15.08
C GLU B 109 13.47 -10.70 16.50
N PRO B 110 14.10 -11.78 16.93
CA PRO B 110 14.81 -11.74 18.21
C PRO B 110 15.90 -10.68 18.15
N VAL B 111 16.23 -10.12 19.31
CA VAL B 111 17.25 -9.08 19.43
C VAL B 111 18.00 -9.43 20.69
N SER B 112 19.24 -9.87 20.56
CA SER B 112 20.03 -10.38 21.68
C SER B 112 20.95 -9.27 22.18
N CYS B 113 20.98 -9.09 23.49
CA CYS B 113 21.66 -7.97 24.14
C CYS B 113 21.62 -8.25 25.63
N VAL B 114 22.73 -7.99 26.32
CA VAL B 114 22.76 -8.22 27.76
C VAL B 114 23.06 -6.89 28.46
N SER B 115 22.71 -6.87 29.74
CA SER B 115 23.04 -5.85 30.74
C SER B 115 23.98 -6.50 31.75
N ASP B 116 24.65 -5.67 32.54
CA ASP B 116 25.26 -6.24 33.75
C ASP B 116 24.56 -5.77 35.02
N SER B 117 23.35 -5.23 34.89
CA SER B 117 22.38 -5.12 35.98
C SER B 117 22.95 -4.36 37.19
N MET B 118 23.45 -3.15 36.93
CA MET B 118 23.94 -2.29 37.99
C MET B 118 22.74 -1.80 38.79
N THR B 119 22.85 -1.86 40.13
CA THR B 119 21.75 -1.49 41.02
C THR B 119 22.16 -0.32 41.91
N GLU B 120 21.33 -0.03 42.91
CA GLU B 120 21.49 1.22 43.66
C GLU B 120 22.84 1.29 44.37
N ASP B 121 23.32 0.15 44.90
CA ASP B 121 24.66 0.12 45.49
C ASP B 121 25.72 0.66 44.52
N ALA B 122 25.56 0.47 43.21
CA ALA B 122 26.56 0.99 42.28
C ALA B 122 26.62 2.52 42.27
N ALA B 123 25.55 3.21 42.69
CA ALA B 123 25.59 4.66 42.76
C ALA B 123 26.65 5.16 43.74
N VAL B 124 26.98 4.37 44.76
CA VAL B 124 28.01 4.73 45.72
C VAL B 124 29.32 4.01 45.44
N PHE B 125 29.27 2.74 45.06
CA PHE B 125 30.46 1.91 45.01
C PHE B 125 31.01 1.70 43.61
N GLY B 126 30.30 2.16 42.57
CA GLY B 126 30.70 1.95 41.19
C GLY B 126 30.29 0.58 40.67
N GLY B 127 30.40 0.41 39.35
CA GLY B 127 29.92 -0.83 38.75
C GLY B 127 30.98 -1.83 38.33
N GLN B 128 32.15 -1.85 39.01
CA GLN B 128 33.22 -2.72 38.53
C GLN B 128 32.89 -4.20 38.72
N GLN B 129 32.34 -4.56 39.88
CA GLN B 129 31.99 -5.96 40.08
C GLN B 129 30.98 -6.44 39.04
N ASN B 130 30.04 -5.57 38.65
CA ASN B 130 29.08 -5.95 37.61
C ASN B 130 29.77 -6.26 36.30
N MET B 131 30.81 -5.49 35.97
CA MET B 131 31.54 -5.71 34.72
C MET B 131 32.32 -7.03 34.79
N LYS B 132 33.01 -7.30 35.91
CA LYS B 132 33.76 -8.54 36.06
C LYS B 132 32.85 -9.75 35.88
N ASP B 133 31.79 -9.83 36.68
CA ASP B 133 30.89 -10.98 36.61
C ASP B 133 30.12 -10.99 35.31
N GLY B 134 29.69 -9.82 34.83
CA GLY B 134 28.92 -9.76 33.60
C GLY B 134 29.70 -10.28 32.40
N LEU B 135 30.97 -9.86 32.28
CA LEU B 135 31.77 -10.33 31.14
C LEU B 135 31.98 -11.84 31.21
N GLN B 136 32.30 -12.36 32.40
CA GLN B 136 32.48 -13.80 32.57
C GLN B 136 31.19 -14.57 32.31
N ASN B 137 30.09 -14.13 32.92
CA ASN B 137 28.81 -14.80 32.73
C ASN B 137 28.39 -14.76 31.26
N CYS B 138 28.52 -13.59 30.63
CA CYS B 138 28.10 -13.46 29.24
C CYS B 138 28.87 -14.42 28.34
N LYS B 139 30.20 -14.42 28.47
CA LYS B 139 31.03 -15.27 27.61
C LYS B 139 30.71 -16.74 27.80
N ALA B 140 30.59 -17.18 29.07
CA ALA B 140 30.35 -18.58 29.34
C ALA B 140 28.99 -19.02 28.83
N THR B 141 27.99 -18.15 28.95
CA THR B 141 26.60 -18.57 28.77
C THR B 141 26.18 -18.45 27.31
N TYR B 142 26.51 -17.35 26.64
CA TYR B 142 26.06 -17.13 25.28
C TYR B 142 27.16 -17.31 24.25
N LYS B 143 28.37 -17.65 24.69
CA LYS B 143 29.53 -17.93 23.84
C LYS B 143 29.68 -17.01 22.63
N PRO B 144 29.66 -15.69 22.82
CA PRO B 144 30.04 -14.80 21.72
C PRO B 144 31.53 -14.90 21.47
N ASP B 145 31.94 -14.54 20.25
CA ASP B 145 33.35 -14.38 19.97
C ASP B 145 33.85 -12.99 20.32
N MET B 146 32.94 -12.05 20.57
CA MET B 146 33.28 -10.68 20.90
C MET B 146 32.14 -10.09 21.71
N ILE B 147 32.48 -9.26 22.70
CA ILE B 147 31.51 -8.54 23.49
C ILE B 147 31.74 -7.05 23.27
N ALA B 148 30.73 -6.36 22.74
CA ALA B 148 30.83 -4.93 22.42
C ALA B 148 30.10 -4.12 23.47
N VAL B 149 30.85 -3.32 24.23
CA VAL B 149 30.34 -2.68 25.45
C VAL B 149 29.95 -1.24 25.17
N SER B 150 28.72 -0.88 25.55
CA SER B 150 28.22 0.50 25.59
C SER B 150 27.70 0.79 27.01
N THR B 151 27.10 1.97 27.22
CA THR B 151 26.74 2.39 28.57
C THR B 151 25.33 2.94 28.63
N THR B 152 24.68 2.76 29.79
CA THR B 152 23.45 3.48 30.11
C THR B 152 23.79 4.75 30.88
N CYS B 153 22.77 5.59 31.11
CA CYS B 153 23.06 6.92 31.61
C CYS B 153 23.48 6.87 33.08
N MET B 154 23.05 5.85 33.83
CA MET B 154 23.57 5.65 35.18
C MET B 154 25.08 5.55 35.18
N ALA B 155 25.63 4.70 34.30
CA ALA B 155 27.06 4.46 34.29
C ALA B 155 27.82 5.70 33.84
N GLU B 156 27.21 6.53 33.00
CA GLU B 156 27.85 7.78 32.57
C GLU B 156 27.90 8.79 33.70
N VAL B 157 26.77 9.00 34.40
CA VAL B 157 26.73 9.99 35.47
C VAL B 157 27.68 9.63 36.60
N ILE B 158 27.74 8.35 37.00
CA ILE B 158 28.62 8.01 38.11
C ILE B 158 30.08 7.88 37.69
N GLY B 159 30.36 7.83 36.39
CA GLY B 159 31.73 7.93 35.91
C GLY B 159 32.51 6.64 35.89
N ASP B 160 31.85 5.50 35.72
CA ASP B 160 32.54 4.21 35.66
C ASP B 160 33.64 4.24 34.60
N ASP B 161 34.84 3.82 35.01
CA ASP B 161 36.01 3.74 34.11
C ASP B 161 35.96 2.41 33.38
N LEU B 162 35.37 2.41 32.18
CA LEU B 162 35.21 1.18 31.41
C LEU B 162 36.54 0.51 31.14
N ASN B 163 37.54 1.29 30.69
CA ASN B 163 38.84 0.73 30.36
C ASN B 163 39.44 -0.01 31.55
N ALA B 164 39.46 0.64 32.72
CA ALA B 164 40.04 0.01 33.91
C ALA B 164 39.25 -1.23 34.32
N PHE B 165 37.92 -1.15 34.27
CA PHE B 165 37.09 -2.31 34.62
C PHE B 165 37.40 -3.49 33.72
N ILE B 166 37.51 -3.25 32.41
CA ILE B 166 37.78 -4.34 31.47
C ILE B 166 39.19 -4.89 31.68
N ASN B 167 40.17 -4.00 31.84
CA ASN B 167 41.54 -4.44 32.07
C ASN B 167 41.65 -5.26 33.35
N ASN B 168 40.94 -4.84 34.41
CA ASN B 168 40.98 -5.60 35.66
C ASN B 168 40.29 -6.95 35.51
N SER B 169 39.19 -6.99 34.75
CA SER B 169 38.52 -8.27 34.46
C SER B 169 39.48 -9.24 33.79
N LYS B 170 40.25 -8.76 32.81
CA LYS B 170 41.22 -9.62 32.13
C LYS B 170 42.40 -9.98 33.05
N LYS B 171 42.95 -8.98 33.75
CA LYS B 171 44.08 -9.26 34.65
C LYS B 171 43.74 -10.32 35.68
N GLU B 172 42.48 -10.32 36.15
CA GLU B 172 42.05 -11.21 37.23
C GLU B 172 41.39 -12.49 36.72
N GLY B 173 41.33 -12.69 35.40
CA GLY B 173 40.90 -13.96 34.87
C GLY B 173 39.40 -14.13 34.67
N PHE B 174 38.62 -13.04 34.73
CA PHE B 174 37.19 -13.20 34.46
C PHE B 174 36.95 -13.52 32.99
N ILE B 175 37.81 -13.00 32.11
CA ILE B 175 37.79 -13.31 30.66
C ILE B 175 39.21 -13.33 30.15
N PRO B 176 39.45 -14.08 29.08
CA PRO B 176 40.82 -14.22 28.58
C PRO B 176 41.36 -12.89 28.10
N ASP B 177 42.68 -12.75 28.17
CA ASP B 177 43.29 -11.46 27.88
C ASP B 177 43.13 -11.11 26.41
N GLU B 178 43.12 -12.12 25.54
CA GLU B 178 42.95 -11.92 24.10
C GLU B 178 41.50 -11.74 23.67
N PHE B 179 40.54 -11.95 24.56
CA PHE B 179 39.13 -11.89 24.16
C PHE B 179 38.74 -10.47 23.80
N PRO B 180 38.16 -10.24 22.62
CA PRO B 180 37.88 -8.86 22.17
C PRO B 180 36.75 -8.23 22.97
N VAL B 181 37.05 -7.11 23.62
CA VAL B 181 36.02 -6.35 24.34
C VAL B 181 36.16 -4.88 23.95
N PRO B 182 35.78 -4.50 22.73
CA PRO B 182 35.72 -3.07 22.42
C PRO B 182 34.65 -2.39 23.24
N PHE B 183 34.83 -1.08 23.46
CA PHE B 183 33.86 -0.35 24.26
C PHE B 183 33.70 1.07 23.73
N ALA B 184 32.58 1.68 24.12
CA ALA B 184 32.34 3.08 23.82
C ALA B 184 31.45 3.66 24.92
N HIS B 185 31.70 4.92 25.28
CA HIS B 185 30.76 5.65 26.13
C HIS B 185 29.62 6.18 25.28
N THR B 186 28.38 5.92 25.70
CA THR B 186 27.18 6.27 24.93
C THR B 186 26.16 6.96 25.83
N PRO B 187 26.45 8.20 26.25
CA PRO B 187 25.54 8.91 27.17
C PRO B 187 24.26 9.33 26.46
N SER B 188 23.12 8.92 27.03
CA SER B 188 21.82 9.23 26.43
C SER B 188 21.51 10.72 26.41
N PHE B 189 22.16 11.52 27.25
CA PHE B 189 21.92 12.95 27.30
C PHE B 189 22.80 13.74 26.31
N VAL B 190 23.47 13.05 25.40
CA VAL B 190 24.20 13.69 24.31
C VAL B 190 23.65 13.14 23.00
N GLY B 191 23.32 14.04 22.08
CA GLY B 191 22.90 13.60 20.76
C GLY B 191 21.67 12.73 20.83
N SER B 192 21.75 11.56 20.20
CA SER B 192 20.61 10.69 19.97
C SER B 192 21.13 9.31 19.63
N HIS B 193 20.20 8.41 19.29
CA HIS B 193 20.56 7.04 18.96
C HIS B 193 21.59 6.96 17.83
N VAL B 194 21.54 7.88 16.83
CA VAL B 194 22.54 7.81 15.77
C VAL B 194 23.95 8.11 16.30
N THR B 195 24.06 8.99 17.32
CA THR B 195 25.35 9.27 17.93
C THR B 195 25.92 8.03 18.60
N GLY B 196 25.06 7.20 19.21
CA GLY B 196 25.53 5.97 19.82
C GLY B 196 26.11 5.01 18.79
N TRP B 197 25.51 4.96 17.60
CA TRP B 197 26.05 4.12 16.53
C TRP B 197 27.45 4.55 16.17
N ASP B 198 27.64 5.86 15.92
CA ASP B 198 28.94 6.43 15.59
C ASP B 198 29.96 6.11 16.68
N ASN B 199 29.58 6.35 17.94
CA ASN B 199 30.49 6.11 19.04
C ASN B 199 30.87 4.64 19.13
N MET B 200 29.91 3.74 18.94
CA MET B 200 30.23 2.33 19.07
C MET B 200 31.09 1.84 17.92
N PHE B 201 30.82 2.31 16.70
CA PHE B 201 31.62 1.88 15.55
C PHE B 201 33.06 2.34 15.69
N GLU B 202 33.27 3.60 16.10
CA GLU B 202 34.61 4.13 16.23
C GLU B 202 35.37 3.39 17.32
N GLY B 203 34.66 2.92 18.36
CA GLY B 203 35.31 2.15 19.41
C GLY B 203 35.75 0.78 18.91
N ILE B 204 34.91 0.12 18.11
CA ILE B 204 35.29 -1.16 17.53
C ILE B 204 36.44 -0.97 16.53
N ALA B 205 36.35 0.07 15.70
CA ALA B 205 37.42 0.33 14.73
C ALA B 205 38.75 0.62 15.42
N ARG B 206 38.72 1.44 16.49
CA ARG B 206 39.92 1.68 17.28
C ARG B 206 40.47 0.39 17.87
N TYR B 207 39.58 -0.46 18.38
CA TYR B 207 40.02 -1.67 19.07
C TYR B 207 40.86 -2.55 18.16
N PHE B 208 40.49 -2.65 16.89
CA PHE B 208 41.15 -3.61 16.02
C PHE B 208 42.27 -3.00 15.18
N THR B 209 42.48 -1.68 15.22
CA THR B 209 43.46 -1.08 14.32
C THR B 209 44.37 -0.04 14.94
N LEU B 210 44.00 0.60 16.05
CA LEU B 210 44.75 1.76 16.53
C LEU B 210 46.22 1.42 16.79
N LYS B 211 46.48 0.28 17.43
CA LYS B 211 47.84 -0.09 17.82
C LYS B 211 48.52 -1.03 16.82
N SER B 212 48.00 -1.13 15.60
CA SER B 212 48.60 -2.05 14.62
C SER B 212 48.74 -1.40 13.25
N MET B 213 48.96 -0.09 13.21
CA MET B 213 48.94 0.64 11.95
C MET B 213 50.24 0.50 11.17
N ASP B 214 51.33 0.06 11.81
CA ASP B 214 52.66 0.18 11.20
C ASP B 214 52.79 -0.68 9.94
N ASP B 215 52.09 -1.81 9.88
CA ASP B 215 52.18 -2.67 8.70
C ASP B 215 51.08 -2.40 7.68
N LYS B 216 50.28 -1.36 7.88
CA LYS B 216 49.16 -1.09 6.98
C LYS B 216 49.63 -0.29 5.78
N VAL B 217 49.01 -0.56 4.62
CA VAL B 217 49.31 0.13 3.37
C VAL B 217 47.97 0.44 2.72
N VAL B 218 47.64 1.73 2.59
CA VAL B 218 46.38 2.13 1.96
C VAL B 218 46.31 1.56 0.55
N GLY B 219 45.18 0.94 0.22
CA GLY B 219 44.95 0.38 -1.09
C GLY B 219 45.45 -1.03 -1.28
N SER B 220 46.21 -1.57 -0.33
CA SER B 220 46.86 -2.85 -0.59
C SER B 220 45.90 -4.01 -0.69
N ASN B 221 44.68 -3.92 -0.15
CA ASN B 221 43.73 -5.01 -0.33
C ASN B 221 42.70 -4.74 -1.42
N LYS B 222 42.81 -3.60 -2.12
CA LYS B 222 42.07 -3.32 -3.33
C LYS B 222 40.55 -3.29 -3.10
N LYS B 223 40.10 -3.18 -1.85
CA LYS B 223 38.67 -3.09 -1.55
C LYS B 223 38.30 -1.66 -1.15
N ILE B 224 36.99 -1.42 -1.11
CA ILE B 224 36.43 -0.20 -0.55
C ILE B 224 35.64 -0.57 0.71
N ASN B 225 35.91 0.11 1.82
CA ASN B 225 35.10 -0.06 3.02
C ASN B 225 33.79 0.71 2.91
N ILE B 226 32.72 0.12 3.42
CA ILE B 226 31.40 0.76 3.45
C ILE B 226 30.89 0.76 4.87
N VAL B 227 30.59 1.94 5.40
CA VAL B 227 30.05 2.08 6.76
C VAL B 227 28.60 2.52 6.62
N PRO B 228 27.63 1.70 7.00
CA PRO B 228 26.23 2.03 6.71
C PRO B 228 25.61 3.01 7.68
N GLY B 229 26.11 3.07 8.93
CA GLY B 229 25.45 3.87 9.93
C GLY B 229 24.19 3.17 10.44
N PHE B 230 23.41 3.90 11.25
CA PHE B 230 22.16 3.40 11.82
C PHE B 230 21.14 3.17 10.70
N GLU B 231 20.86 1.91 10.42
CA GLU B 231 20.11 1.51 9.21
C GLU B 231 19.13 0.42 9.59
N THR B 232 17.84 0.64 9.34
CA THR B 232 16.82 -0.28 9.82
C THR B 232 15.94 -0.83 8.70
N TYR B 233 16.39 -0.72 7.46
CA TYR B 233 15.77 -1.41 6.34
C TYR B 233 16.74 -2.47 5.84
N LEU B 234 16.30 -3.73 5.84
CA LEU B 234 17.14 -4.82 5.31
C LEU B 234 17.52 -4.58 3.85
N GLY B 235 16.58 -4.03 3.06
CA GLY B 235 16.86 -3.80 1.65
C GLY B 235 17.98 -2.82 1.42
N ASN B 236 18.29 -1.99 2.42
CA ASN B 236 19.33 -1.00 2.22
C ASN B 236 20.72 -1.63 2.34
N PHE B 237 20.90 -2.53 3.32
CA PHE B 237 22.12 -3.33 3.31
C PHE B 237 22.21 -4.13 2.02
N ARG B 238 21.09 -4.71 1.58
CA ARG B 238 21.13 -5.62 0.44
C ARG B 238 21.41 -4.88 -0.87
N VAL B 239 20.84 -3.69 -1.06
CA VAL B 239 21.01 -3.02 -2.35
C VAL B 239 22.44 -2.49 -2.54
N ILE B 240 23.10 -2.05 -1.46
CA ILE B 240 24.49 -1.62 -1.58
C ILE B 240 25.39 -2.79 -1.96
N LYS B 241 25.23 -3.92 -1.26
CA LYS B 241 26.01 -5.11 -1.60
C LYS B 241 25.72 -5.57 -3.02
N ARG B 242 24.46 -5.52 -3.43
CA ARG B 242 24.10 -5.97 -4.77
C ARG B 242 24.75 -5.09 -5.83
N MET B 243 24.67 -3.78 -5.67
CA MET B 243 25.20 -2.87 -6.69
C MET B 243 26.72 -2.98 -6.76
N LEU B 244 27.39 -3.12 -5.61
CA LEU B 244 28.84 -3.28 -5.64
C LEU B 244 29.25 -4.60 -6.31
N SER B 245 28.55 -5.69 -6.00
CA SER B 245 28.86 -6.95 -6.66
C SER B 245 28.62 -6.85 -8.16
N GLU B 246 27.52 -6.21 -8.54
CA GLU B 246 27.19 -6.01 -9.95
C GLU B 246 28.29 -5.27 -10.68
N MET B 247 29.02 -4.38 -10.00
CA MET B 247 30.13 -3.66 -10.60
C MET B 247 31.43 -4.43 -10.56
N GLY B 248 31.46 -5.58 -9.88
CA GLY B 248 32.72 -6.26 -9.64
C GLY B 248 33.66 -5.50 -8.72
N VAL B 249 33.12 -4.70 -7.80
CA VAL B 249 33.92 -3.91 -6.86
C VAL B 249 34.13 -4.72 -5.58
N GLY B 250 35.38 -4.96 -5.23
CA GLY B 250 35.67 -5.58 -3.94
C GLY B 250 35.38 -4.62 -2.81
N TYR B 251 34.74 -5.12 -1.76
CA TYR B 251 34.25 -4.23 -0.73
C TYR B 251 34.21 -4.95 0.61
N SER B 252 34.06 -4.15 1.66
CA SER B 252 33.91 -4.67 3.01
C SER B 252 32.83 -3.82 3.68
N LEU B 253 31.68 -4.43 3.98
CA LEU B 253 30.63 -3.75 4.71
C LEU B 253 30.92 -3.89 6.20
N LEU B 254 31.18 -2.77 6.85
CA LEU B 254 31.63 -2.78 8.25
C LEU B 254 30.43 -2.48 9.13
N SER B 255 29.98 -3.51 9.86
CA SER B 255 28.71 -3.60 10.59
C SER B 255 27.61 -3.98 9.62
N ASP B 256 27.30 -5.28 9.57
CA ASP B 256 26.38 -5.84 8.60
C ASP B 256 25.41 -6.76 9.34
N PRO B 257 24.29 -6.23 9.84
CA PRO B 257 23.35 -7.06 10.59
C PRO B 257 22.25 -7.71 9.77
N GLU B 258 22.32 -7.72 8.43
CA GLU B 258 21.15 -8.19 7.68
C GLU B 258 20.82 -9.65 8.00
N GLU B 259 21.84 -10.48 8.21
CA GLU B 259 21.57 -11.91 8.41
C GLU B 259 20.94 -12.14 9.76
N VAL B 260 21.45 -11.47 10.80
CA VAL B 260 20.96 -11.76 12.15
C VAL B 260 19.61 -11.10 12.37
N LEU B 261 19.24 -10.14 11.53
CA LEU B 261 17.91 -9.55 11.56
C LEU B 261 16.94 -10.20 10.57
N ASP B 262 17.29 -11.34 9.98
CA ASP B 262 16.41 -11.96 9.00
C ASP B 262 16.68 -13.45 8.93
N THR B 263 16.73 -14.12 10.10
CA THR B 263 16.98 -15.55 10.07
C THR B 263 15.72 -16.32 9.68
N PRO B 264 15.86 -17.47 9.05
CA PRO B 264 14.69 -18.25 8.63
C PRO B 264 14.05 -18.99 9.80
N ALA B 265 12.76 -19.28 9.62
CA ALA B 265 12.00 -20.10 10.56
C ALA B 265 12.02 -21.53 10.05
N ASP B 266 13.09 -22.24 10.41
CA ASP B 266 13.32 -23.60 9.93
C ASP B 266 13.44 -24.60 11.07
N GLY B 267 13.06 -24.22 12.28
CA GLY B 267 13.10 -25.13 13.41
C GLY B 267 14.18 -24.82 14.41
N GLN B 268 15.09 -23.90 14.12
CA GLN B 268 16.10 -23.59 15.12
C GLN B 268 16.29 -22.08 15.24
N PHE B 269 16.52 -21.67 16.47
CA PHE B 269 16.83 -20.28 16.79
C PHE B 269 18.34 -20.08 16.69
N ARG B 270 18.75 -19.05 15.93
CA ARG B 270 20.15 -18.72 15.73
C ARG B 270 20.40 -17.38 16.42
N MET B 271 21.10 -17.41 17.55
CA MET B 271 21.31 -16.14 18.22
C MET B 271 22.26 -15.24 17.43
N TYR B 272 23.22 -15.83 16.70
CA TYR B 272 24.11 -15.07 15.83
C TYR B 272 23.97 -15.57 14.39
N ALA B 273 24.13 -14.65 13.44
CA ALA B 273 24.15 -15.02 12.02
C ALA B 273 24.93 -13.98 11.25
N GLY B 274 25.83 -14.40 10.38
CA GLY B 274 26.51 -13.48 9.47
C GLY B 274 27.39 -12.47 10.19
N GLY B 275 27.44 -11.26 9.64
CA GLY B 275 28.12 -10.19 10.33
C GLY B 275 29.53 -9.93 9.82
N THR B 276 29.99 -8.69 10.03
CA THR B 276 31.35 -8.28 9.65
C THR B 276 32.32 -9.10 10.51
N THR B 277 33.37 -9.63 9.91
CA THR B 277 34.30 -10.46 10.72
C THR B 277 35.34 -9.58 11.42
N GLN B 278 35.97 -10.13 12.45
CA GLN B 278 37.05 -9.41 13.16
C GLN B 278 38.21 -9.17 12.19
N GLU B 279 38.52 -10.14 11.35
CA GLU B 279 39.59 -9.98 10.33
C GLU B 279 39.26 -8.82 9.40
N GLU B 280 38.00 -8.67 8.99
CA GLU B 280 37.66 -7.53 8.10
C GLU B 280 37.96 -6.20 8.81
N MET B 281 37.70 -6.08 10.10
CA MET B 281 38.00 -4.79 10.76
C MET B 281 39.51 -4.63 10.88
N LYS B 282 40.22 -5.70 11.21
CA LYS B 282 41.67 -5.60 11.34
C LYS B 282 42.32 -5.24 10.02
N ASP B 283 41.74 -5.68 8.92
CA ASP B 283 42.30 -5.46 7.59
C ASP B 283 41.76 -4.18 6.94
N ALA B 284 40.73 -3.57 7.53
CA ALA B 284 40.10 -2.40 6.92
C ALA B 284 41.06 -1.27 6.57
N PRO B 285 42.13 -0.98 7.33
CA PRO B 285 43.04 0.11 6.92
C PRO B 285 43.76 -0.15 5.60
N ASN B 286 43.76 -1.38 5.10
CA ASN B 286 44.40 -1.67 3.82
C ASN B 286 43.49 -1.42 2.63
N ALA B 287 42.30 -0.88 2.86
CA ALA B 287 41.38 -0.63 1.77
C ALA B 287 41.82 0.60 0.98
N LEU B 288 41.30 0.71 -0.25
CA LEU B 288 41.58 1.88 -1.06
C LEU B 288 41.08 3.14 -0.39
N ASN B 289 39.97 3.04 0.33
CA ASN B 289 39.24 4.19 0.85
C ASN B 289 38.06 3.63 1.63
N THR B 290 37.36 4.53 2.32
CA THR B 290 36.20 4.19 3.14
C THR B 290 35.08 5.15 2.78
N VAL B 291 33.92 4.61 2.41
CA VAL B 291 32.76 5.43 2.05
C VAL B 291 31.75 5.37 3.19
N LEU B 292 31.23 6.53 3.59
CA LEU B 292 30.27 6.62 4.67
C LEU B 292 28.88 6.88 4.08
N LEU B 293 27.97 5.93 4.28
CA LEU B 293 26.65 6.03 3.64
C LEU B 293 25.78 7.09 4.29
N GLN B 294 25.94 7.34 5.59
CA GLN B 294 25.15 8.34 6.31
C GLN B 294 26.08 9.27 7.06
N PRO B 295 26.75 10.16 6.33
CA PRO B 295 27.87 10.92 6.93
C PRO B 295 27.44 11.87 8.02
N TRP B 296 26.18 12.32 8.06
CA TRP B 296 25.83 13.30 9.07
C TRP B 296 25.71 12.71 10.47
N HIS B 297 25.75 11.39 10.64
CA HIS B 297 25.93 10.84 11.98
C HIS B 297 27.13 9.92 12.07
N LEU B 298 28.17 10.14 11.24
CA LEU B 298 29.39 9.34 11.26
C LEU B 298 30.63 10.21 11.41
N GLU B 299 30.52 11.32 12.14
CA GLU B 299 31.60 12.29 12.17
C GLU B 299 32.79 11.80 13.00
N LYS B 300 32.52 11.11 14.11
CA LYS B 300 33.64 10.58 14.89
C LYS B 300 34.35 9.48 14.13
N THR B 301 33.58 8.58 13.51
CA THR B 301 34.17 7.56 12.64
C THR B 301 34.99 8.20 11.54
N LYS B 302 34.47 9.26 10.92
CA LYS B 302 35.20 9.90 9.82
C LYS B 302 36.55 10.42 10.31
N LYS B 303 36.58 11.04 11.49
CA LYS B 303 37.84 11.58 11.99
C LYS B 303 38.83 10.46 12.25
N PHE B 304 38.35 9.31 12.72
CA PHE B 304 39.26 8.20 12.97
C PHE B 304 39.78 7.61 11.67
N VAL B 305 38.88 7.37 10.71
CA VAL B 305 39.27 6.78 9.43
C VAL B 305 40.23 7.71 8.69
N GLU B 306 40.00 9.01 8.75
CA GLU B 306 40.89 9.95 8.07
C GLU B 306 42.20 10.12 8.84
N GLY B 307 42.10 10.32 10.16
CA GLY B 307 43.30 10.64 10.93
C GLY B 307 44.23 9.48 11.17
N THR B 308 43.69 8.26 11.22
CA THR B 308 44.47 7.07 11.57
C THR B 308 44.68 6.13 10.39
N TRP B 309 43.61 5.73 9.71
CA TRP B 309 43.76 4.88 8.53
C TRP B 309 44.29 5.66 7.33
N LYS B 310 44.19 6.99 7.38
CA LYS B 310 44.66 7.87 6.31
C LYS B 310 43.86 7.68 5.03
N HIS B 311 42.58 7.36 5.13
CA HIS B 311 41.73 7.26 3.93
C HIS B 311 41.16 8.63 3.61
N GLU B 312 41.11 8.95 2.31
CA GLU B 312 40.56 10.25 1.90
C GLU B 312 39.08 10.05 1.62
N VAL B 313 38.31 9.99 2.71
CA VAL B 313 36.88 9.70 2.70
C VAL B 313 36.19 10.67 1.74
N PRO B 314 35.52 10.16 0.70
CA PRO B 314 34.92 11.07 -0.28
C PRO B 314 33.73 11.81 0.30
N LYS B 315 33.52 13.01 -0.19
CA LYS B 315 32.40 13.84 0.24
C LYS B 315 31.18 13.41 -0.55
N LEU B 316 30.46 12.42 -0.04
CA LEU B 316 29.29 11.87 -0.69
C LEU B 316 28.07 12.06 0.20
N ASN B 317 26.95 12.43 -0.42
CA ASN B 317 25.67 12.35 0.27
C ASN B 317 25.23 10.90 0.35
N ILE B 318 24.27 10.64 1.25
CA ILE B 318 23.55 9.38 1.30
C ILE B 318 23.07 9.02 -0.11
N PRO B 319 23.24 7.77 -0.57
CA PRO B 319 22.81 7.41 -1.93
C PRO B 319 21.31 7.19 -2.02
N MET B 320 20.56 8.29 -2.00
CA MET B 320 19.11 8.30 -2.13
C MET B 320 18.73 9.20 -3.29
N GLY B 321 17.69 8.81 -4.01
CA GLY B 321 17.29 9.58 -5.16
C GLY B 321 18.20 9.34 -6.34
N LEU B 322 17.88 10.04 -7.43
CA LEU B 322 18.56 9.81 -8.68
C LEU B 322 19.98 10.40 -8.68
N ASP B 323 20.10 11.70 -8.42
CA ASP B 323 21.40 12.37 -8.49
C ASP B 323 22.41 11.73 -7.53
N TRP B 324 22.00 11.50 -6.29
CA TRP B 324 22.98 11.07 -5.30
C TRP B 324 23.35 9.60 -5.45
N THR B 325 22.46 8.78 -6.02
CA THR B 325 22.87 7.43 -6.40
C THR B 325 23.85 7.47 -7.56
N ASP B 326 23.57 8.33 -8.57
CA ASP B 326 24.54 8.54 -9.64
C ASP B 326 25.91 8.90 -9.08
N GLU B 327 25.97 9.89 -8.18
CA GLU B 327 27.26 10.34 -7.65
C GLU B 327 27.96 9.22 -6.90
N PHE B 328 27.20 8.40 -6.17
CA PHE B 328 27.78 7.30 -5.42
C PHE B 328 28.45 6.29 -6.36
N LEU B 329 27.73 5.86 -7.40
CA LEU B 329 28.30 4.89 -8.34
C LEU B 329 29.50 5.46 -9.09
N MET B 330 29.44 6.74 -9.44
CA MET B 330 30.57 7.34 -10.15
C MET B 330 31.80 7.42 -9.25
N LYS B 331 31.60 7.68 -7.96
CA LYS B 331 32.73 7.76 -7.05
C LYS B 331 33.31 6.37 -6.79
N VAL B 332 32.45 5.37 -6.57
CA VAL B 332 32.93 4.00 -6.42
C VAL B 332 33.71 3.57 -7.67
N SER B 333 33.21 3.95 -8.85
CA SER B 333 33.90 3.63 -10.11
C SER B 333 35.28 4.29 -10.17
N GLU B 334 35.36 5.55 -9.77
CA GLU B 334 36.64 6.25 -9.75
C GLU B 334 37.63 5.61 -8.80
N ILE B 335 37.18 5.27 -7.59
CA ILE B 335 38.07 4.67 -6.60
C ILE B 335 38.51 3.28 -7.04
N SER B 336 37.56 2.44 -7.45
CA SER B 336 37.88 1.05 -7.74
C SER B 336 38.47 0.83 -9.12
N GLY B 337 38.24 1.73 -10.06
CA GLY B 337 38.61 1.50 -11.44
C GLY B 337 37.63 0.65 -12.22
N GLN B 338 36.52 0.27 -11.62
CA GLN B 338 35.52 -0.56 -12.27
C GLN B 338 34.50 0.31 -13.00
N PRO B 339 34.22 0.04 -14.25
CA PRO B 339 33.16 0.81 -14.95
C PRO B 339 31.79 0.48 -14.38
N ILE B 340 30.87 1.42 -14.53
CA ILE B 340 29.48 1.19 -14.18
C ILE B 340 28.90 0.26 -15.25
N PRO B 341 28.40 -0.92 -14.92
CA PRO B 341 28.01 -1.89 -15.94
C PRO B 341 26.65 -1.55 -16.55
N ALA B 342 26.41 -2.14 -17.72
CA ALA B 342 25.18 -1.85 -18.48
C ALA B 342 23.92 -2.13 -17.66
N SER B 343 23.97 -3.11 -16.76
CA SER B 343 22.78 -3.44 -15.99
C SER B 343 22.39 -2.29 -15.06
N LEU B 344 23.37 -1.63 -14.43
CA LEU B 344 23.04 -0.49 -13.58
C LEU B 344 22.57 0.70 -14.40
N THR B 345 23.19 0.93 -15.57
CA THR B 345 22.72 2.01 -16.44
C THR B 345 21.27 1.79 -16.83
N LYS B 346 20.91 0.55 -17.15
CA LYS B 346 19.52 0.27 -17.50
C LYS B 346 18.60 0.45 -16.30
N GLU B 347 19.03 0.00 -15.11
CA GLU B 347 18.23 0.21 -13.91
C GLU B 347 17.97 1.70 -13.70
N ARG B 348 19.02 2.51 -13.84
CA ARG B 348 18.86 3.97 -13.73
C ARG B 348 17.80 4.47 -14.70
N GLY B 349 17.88 4.04 -15.97
CA GLY B 349 16.89 4.50 -16.93
C GLY B 349 15.48 4.00 -16.67
N ARG B 350 15.35 2.88 -15.95
CA ARG B 350 14.02 2.43 -15.60
C ARG B 350 13.41 3.31 -14.51
N LEU B 351 14.24 3.78 -13.57
CA LEU B 351 13.73 4.75 -12.59
C LEU B 351 13.30 6.04 -13.27
N VAL B 352 14.11 6.56 -14.21
CA VAL B 352 13.73 7.77 -14.92
C VAL B 352 12.42 7.54 -15.68
N ASP B 353 12.25 6.35 -16.25
CA ASP B 353 11.01 6.05 -16.97
C ASP B 353 9.81 6.12 -16.03
N MET B 354 9.93 5.51 -14.83
CA MET B 354 8.86 5.62 -13.84
C MET B 354 8.60 7.08 -13.47
N MET B 355 9.65 7.88 -13.38
CA MET B 355 9.47 9.30 -13.10
C MET B 355 8.64 9.97 -14.19
N THR B 356 8.95 9.69 -15.46
CA THR B 356 8.15 10.30 -16.53
C THR B 356 6.71 9.78 -16.50
N ASP B 357 6.52 8.50 -16.15
CA ASP B 357 5.17 7.93 -16.13
C ASP B 357 4.29 8.56 -15.05
N SER B 358 4.87 8.96 -13.92
CA SER B 358 4.09 9.33 -12.75
C SER B 358 4.18 10.81 -12.45
N HIS B 359 4.93 11.58 -13.24
CA HIS B 359 5.18 12.98 -12.87
C HIS B 359 3.91 13.81 -12.78
N THR B 360 2.84 13.48 -13.54
CA THR B 360 1.68 14.36 -13.49
C THR B 360 0.91 14.23 -12.18
N TRP B 361 0.95 13.08 -11.52
CA TRP B 361 0.27 12.96 -10.23
C TRP B 361 1.15 13.45 -9.09
N LEU B 362 2.46 13.41 -9.24
CA LEU B 362 3.37 13.84 -8.18
C LEU B 362 3.56 15.35 -8.14
N HIS B 363 3.32 16.03 -9.27
CA HIS B 363 3.69 17.43 -9.38
C HIS B 363 2.97 18.30 -8.35
N GLY B 364 3.75 19.07 -7.60
CA GLY B 364 3.20 20.05 -6.70
C GLY B 364 2.67 19.49 -5.39
N LYS B 365 2.70 18.18 -5.21
CA LYS B 365 2.17 17.60 -3.98
C LYS B 365 3.03 18.03 -2.79
N ARG B 366 2.39 18.33 -1.67
CA ARG B 366 3.03 18.96 -0.52
C ARG B 366 3.20 17.95 0.60
N PHE B 367 4.39 17.90 1.20
CA PHE B 367 4.70 16.88 2.19
C PHE B 367 5.26 17.49 3.46
N ALA B 368 4.83 16.93 4.59
CA ALA B 368 5.51 17.04 5.87
C ALA B 368 6.28 15.74 6.11
N LEU B 369 7.47 15.83 6.71
CA LEU B 369 8.31 14.65 6.83
C LEU B 369 9.31 14.82 7.97
N TRP B 370 9.75 13.69 8.52
CA TRP B 370 10.70 13.72 9.62
C TRP B 370 11.50 12.42 9.63
N GLY B 371 12.55 12.41 10.46
CA GLY B 371 13.42 11.25 10.60
C GLY B 371 14.82 11.70 10.95
N ASP B 372 15.77 10.78 10.78
CA ASP B 372 17.17 11.07 11.06
C ASP B 372 17.76 11.95 9.94
N PRO B 373 18.87 12.67 10.21
CA PRO B 373 19.30 13.72 9.24
C PRO B 373 19.63 13.22 7.83
N ASP B 374 20.39 12.15 7.68
CA ASP B 374 20.74 11.71 6.33
C ASP B 374 19.49 11.22 5.58
N PHE B 375 18.68 10.39 6.24
CA PHE B 375 17.41 9.94 5.66
C PHE B 375 16.57 11.13 5.22
N VAL B 376 16.46 12.13 6.08
CA VAL B 376 15.58 13.26 5.78
C VAL B 376 16.12 14.05 4.60
N MET B 377 17.43 14.33 4.56
CA MET B 377 17.90 15.12 3.42
C MET B 377 17.77 14.35 2.13
N GLY B 378 18.00 13.03 2.16
CA GLY B 378 17.83 12.23 0.95
C GLY B 378 16.38 12.20 0.48
N LEU B 379 15.44 12.11 1.42
CA LEU B 379 14.04 12.16 1.05
C LEU B 379 13.66 13.51 0.45
N VAL B 380 14.14 14.60 1.07
CA VAL B 380 13.95 15.94 0.52
C VAL B 380 14.51 16.01 -0.90
N LYS B 381 15.72 15.51 -1.09
CA LYS B 381 16.35 15.59 -2.41
C LYS B 381 15.52 14.87 -3.46
N PHE B 382 15.04 13.67 -3.14
CA PHE B 382 14.30 12.89 -4.11
C PHE B 382 12.94 13.51 -4.39
N LEU B 383 12.26 14.01 -3.35
CA LEU B 383 10.99 14.72 -3.57
C LEU B 383 11.16 15.87 -4.55
N LEU B 384 12.25 16.65 -4.41
CA LEU B 384 12.51 17.73 -5.36
C LEU B 384 12.70 17.19 -6.77
N GLU B 385 13.39 16.06 -6.90
CA GLU B 385 13.60 15.46 -8.22
C GLU B 385 12.28 15.02 -8.84
N LEU B 386 11.30 14.69 -8.02
CA LEU B 386 9.99 14.27 -8.49
C LEU B 386 9.04 15.43 -8.77
N GLY B 387 9.47 16.67 -8.55
CA GLY B 387 8.58 17.81 -8.70
C GLY B 387 7.62 17.96 -7.55
N CYS B 388 7.96 17.44 -6.38
CA CYS B 388 7.12 17.56 -5.20
C CYS B 388 7.62 18.71 -4.35
N GLU B 389 6.78 19.18 -3.43
CA GLU B 389 7.11 20.29 -2.55
C GLU B 389 7.28 19.78 -1.12
N PRO B 390 8.49 19.59 -0.63
CA PRO B 390 8.63 19.41 0.82
C PRO B 390 8.29 20.75 1.44
N VAL B 391 7.42 20.72 2.43
CA VAL B 391 6.91 21.92 3.05
C VAL B 391 7.36 22.01 4.50
N HIS B 392 7.13 20.96 5.27
CA HIS B 392 7.56 20.89 6.66
C HIS B 392 8.61 19.80 6.76
N ILE B 393 9.84 20.18 7.02
CA ILE B 393 10.96 19.24 7.11
C ILE B 393 11.43 19.28 8.56
N LEU B 394 11.24 18.19 9.29
CA LEU B 394 11.56 18.19 10.72
C LEU B 394 12.60 17.13 11.05
N CYS B 395 13.62 17.54 11.80
CA CYS B 395 14.67 16.62 12.21
C CYS B 395 14.98 16.94 13.67
N HIS B 396 14.37 16.19 14.57
CA HIS B 396 14.52 16.46 16.00
C HIS B 396 15.98 16.43 16.42
N ASN B 397 16.76 15.50 15.85
CA ASN B 397 18.17 15.34 16.22
C ASN B 397 19.12 15.97 15.19
N GLY B 398 18.68 16.98 14.46
CA GLY B 398 19.53 17.64 13.51
C GLY B 398 20.27 18.82 14.11
N ASN B 399 21.30 19.30 13.41
CA ASN B 399 22.07 20.43 13.89
C ASN B 399 22.06 21.56 12.85
N LYS B 400 22.68 22.68 13.24
CA LYS B 400 22.61 23.90 12.43
C LYS B 400 23.37 23.75 11.13
N ARG B 401 24.50 23.03 11.15
CA ARG B 401 25.26 22.82 9.91
C ARG B 401 24.48 21.96 8.94
N TRP B 402 23.82 20.92 9.45
CA TRP B 402 22.96 20.09 8.60
C TRP B 402 21.82 20.93 8.04
N LYS B 403 21.18 21.75 8.88
CA LYS B 403 20.10 22.61 8.41
C LYS B 403 20.58 23.55 7.29
N LYS B 404 21.78 24.12 7.43
CA LYS B 404 22.31 24.98 6.37
C LYS B 404 22.46 24.20 5.07
N ALA B 405 22.85 22.94 5.15
CA ALA B 405 23.03 22.13 3.96
C ALA B 405 21.71 21.83 3.26
N VAL B 406 20.65 21.52 4.04
CA VAL B 406 19.35 21.23 3.43
C VAL B 406 18.73 22.51 2.87
N ASP B 407 18.93 23.64 3.56
CA ASP B 407 18.44 24.91 3.02
C ASP B 407 19.09 25.20 1.67
N ALA B 408 20.37 24.82 1.50
CA ALA B 408 21.02 25.07 0.21
C ALA B 408 20.47 24.15 -0.87
N ILE B 409 20.17 22.89 -0.51
CA ILE B 409 19.51 21.99 -1.45
C ILE B 409 18.16 22.58 -1.87
N LEU B 410 17.39 23.07 -0.89
CA LEU B 410 16.07 23.62 -1.17
C LEU B 410 16.16 24.86 -2.04
N ALA B 411 17.12 25.74 -1.75
CA ALA B 411 17.24 26.99 -2.50
C ALA B 411 17.62 26.75 -3.95
N ALA B 412 18.18 25.60 -4.27
CA ALA B 412 18.59 25.31 -5.64
C ALA B 412 17.45 24.79 -6.51
N SER B 413 16.25 24.62 -5.96
CA SER B 413 15.14 24.05 -6.71
C SER B 413 13.91 24.94 -6.55
N PRO B 414 13.22 25.28 -7.63
CA PRO B 414 11.95 25.99 -7.47
C PRO B 414 10.95 25.24 -6.61
N TYR B 415 11.05 23.91 -6.52
CA TYR B 415 10.14 23.13 -5.70
C TYR B 415 10.45 23.24 -4.20
N GLY B 416 11.50 23.95 -3.82
CA GLY B 416 11.79 24.17 -2.42
C GLY B 416 11.32 25.51 -1.88
N LYS B 417 10.61 26.29 -2.68
CA LYS B 417 10.33 27.68 -2.30
C LYS B 417 9.44 27.79 -1.08
N ASN B 418 8.64 26.77 -0.79
CA ASN B 418 7.70 26.84 0.32
C ASN B 418 8.16 26.00 1.50
N ALA B 419 9.42 25.60 1.54
CA ALA B 419 9.92 24.64 2.53
C ALA B 419 10.60 25.36 3.69
N THR B 420 10.39 24.84 4.89
CA THR B 420 11.13 25.27 6.07
C THR B 420 11.70 24.03 6.77
N VAL B 421 12.94 24.14 7.22
CA VAL B 421 13.62 23.04 7.92
C VAL B 421 13.61 23.35 9.40
N TYR B 422 13.20 22.38 10.20
CA TYR B 422 13.08 22.53 11.65
C TYR B 422 14.02 21.56 12.33
N ILE B 423 14.88 22.06 13.22
CA ILE B 423 15.73 21.19 14.02
C ILE B 423 15.38 21.40 15.49
N GLY B 424 15.55 20.34 16.26
CA GLY B 424 15.26 20.45 17.68
C GLY B 424 13.79 20.53 18.01
N LYS B 425 12.91 20.40 17.03
CA LYS B 425 11.47 20.41 17.22
C LYS B 425 10.94 18.98 17.20
N ASP B 426 9.74 18.80 17.77
CA ASP B 426 9.22 17.46 17.96
C ASP B 426 7.89 17.28 17.21
N LEU B 427 7.25 16.15 17.42
CA LEU B 427 6.03 15.87 16.66
C LEU B 427 4.82 16.64 17.18
N TRP B 428 4.87 17.20 18.39
CA TRP B 428 3.81 18.14 18.78
C TRP B 428 3.98 19.47 18.06
N HIS B 429 5.22 19.89 17.80
CA HIS B 429 5.43 21.01 16.89
C HIS B 429 4.87 20.71 15.51
N LEU B 430 5.20 19.53 14.97
CA LEU B 430 4.78 19.20 13.61
C LEU B 430 3.27 19.15 13.49
N ARG B 431 2.60 18.65 14.54
CA ARG B 431 1.16 18.64 14.55
C ARG B 431 0.58 20.02 14.32
N SER B 432 1.12 21.06 14.98
CA SER B 432 0.63 22.41 14.71
C SER B 432 0.82 22.80 13.25
N LEU B 433 1.97 22.45 12.68
CA LEU B 433 2.27 22.88 11.32
C LEU B 433 1.33 22.25 10.31
N VAL B 434 0.93 20.99 10.52
CA VAL B 434 0.05 20.36 9.53
C VAL B 434 -1.40 20.78 9.69
N PHE B 435 -1.73 21.50 10.76
CA PHE B 435 -3.01 22.18 10.89
C PHE B 435 -2.98 23.58 10.27
N THR B 436 -1.97 24.39 10.62
CA THR B 436 -1.93 25.78 10.16
C THR B 436 -1.46 25.93 8.71
N ASP B 437 -0.74 24.95 8.17
CA ASP B 437 -0.22 25.01 6.81
C ASP B 437 -0.32 23.59 6.25
N LYS B 438 -1.53 23.19 5.92
CA LYS B 438 -1.82 21.77 5.71
C LYS B 438 -1.13 21.24 4.45
N PRO B 439 -0.34 20.19 4.56
CA PRO B 439 0.22 19.52 3.39
C PRO B 439 -0.74 18.46 2.87
N ASP B 440 -0.37 17.78 1.80
CA ASP B 440 -1.18 16.68 1.30
C ASP B 440 -0.97 15.40 2.11
N PHE B 441 0.27 15.12 2.52
CA PHE B 441 0.60 13.87 3.20
C PHE B 441 1.72 14.13 4.19
N MET B 442 1.84 13.22 5.16
CA MET B 442 3.03 13.09 5.97
C MET B 442 3.82 11.88 5.48
N ILE B 443 5.14 11.98 5.55
CA ILE B 443 6.04 10.84 5.39
C ILE B 443 6.78 10.70 6.70
N GLY B 444 6.52 9.63 7.42
CA GLY B 444 7.14 9.51 8.73
C GLY B 444 7.00 8.11 9.28
N ASN B 445 7.32 7.98 10.57
CA ASN B 445 7.24 6.69 11.23
C ASN B 445 5.88 6.51 11.88
N SER B 446 5.69 5.43 12.66
CA SER B 446 4.37 5.08 13.16
C SER B 446 3.81 6.12 14.10
N TYR B 447 4.67 6.91 14.77
CA TYR B 447 4.15 7.96 15.63
C TYR B 447 3.31 8.97 14.87
N GLY B 448 3.50 9.07 13.54
CA GLY B 448 2.67 9.95 12.74
C GLY B 448 1.19 9.59 12.74
N LYS B 449 0.83 8.35 13.04
CA LYS B 449 -0.58 7.98 12.98
C LYS B 449 -1.42 8.81 13.93
N PHE B 450 -0.84 9.25 15.05
CA PHE B 450 -1.60 10.05 15.99
C PHE B 450 -1.81 11.48 15.50
N ILE B 451 -0.90 11.99 14.66
CA ILE B 451 -1.15 13.27 14.00
C ILE B 451 -2.28 13.13 12.99
N GLN B 452 -2.28 12.05 12.21
CA GLN B 452 -3.39 11.84 11.28
C GLN B 452 -4.71 11.75 12.02
N ARG B 453 -4.75 11.00 13.12
CA ARG B 453 -5.95 10.90 13.93
C ARG B 453 -6.43 12.29 14.37
N ASP B 454 -5.50 13.13 14.84
CA ASP B 454 -5.88 14.48 15.26
C ASP B 454 -6.44 15.30 14.10
N THR B 455 -5.80 15.26 12.93
CA THR B 455 -6.29 16.09 11.82
C THR B 455 -7.66 15.63 11.35
N LEU B 456 -7.90 14.32 11.27
CA LEU B 456 -9.24 13.86 10.89
C LEU B 456 -10.30 14.34 11.88
N HIS B 457 -9.94 14.47 13.16
CA HIS B 457 -10.92 14.90 14.13
C HIS B 457 -11.46 16.30 13.82
N LYS B 458 -10.63 17.15 13.22
CA LYS B 458 -11.13 18.48 12.87
C LYS B 458 -12.09 18.41 11.69
N GLY B 459 -11.90 17.46 10.79
CA GLY B 459 -12.78 17.23 9.66
C GLY B 459 -12.10 16.41 8.58
N LYS B 460 -12.90 15.70 7.77
CA LYS B 460 -12.30 14.89 6.72
C LYS B 460 -11.49 15.77 5.75
N GLU B 461 -11.93 17.01 5.50
CA GLU B 461 -11.17 17.87 4.60
C GLU B 461 -9.85 18.35 5.21
N PHE B 462 -9.61 18.15 6.51
CA PHE B 462 -8.36 18.53 7.14
C PHE B 462 -7.42 17.35 7.38
N GLU B 463 -7.88 16.13 7.11
CA GLU B 463 -7.07 14.95 7.39
C GLU B 463 -5.81 14.94 6.55
N VAL B 464 -4.68 14.68 7.22
CA VAL B 464 -3.38 14.51 6.56
C VAL B 464 -2.98 13.05 6.69
N PRO B 465 -3.09 12.22 5.64
CA PRO B 465 -2.72 10.82 5.76
C PRO B 465 -1.21 10.61 5.92
N LEU B 466 -0.88 9.55 6.65
CA LEU B 466 0.50 9.18 6.91
C LEU B 466 0.98 8.14 5.89
N ILE B 467 2.16 8.38 5.34
CA ILE B 467 2.87 7.40 4.52
C ILE B 467 4.07 6.94 5.35
N ARG B 468 4.12 5.64 5.65
CA ARG B 468 5.10 5.12 6.62
C ARG B 468 6.43 4.83 5.95
N ILE B 469 7.41 5.70 6.16
CA ILE B 469 8.78 5.48 5.74
C ILE B 469 9.68 6.04 6.83
N GLY B 470 10.52 5.19 7.40
CA GLY B 470 11.39 5.60 8.49
C GLY B 470 11.48 4.55 9.59
N PHE B 471 11.71 5.01 10.82
CA PHE B 471 11.87 4.09 11.95
C PHE B 471 11.37 4.82 13.19
N PRO B 472 10.62 4.13 14.07
CA PRO B 472 10.19 2.74 13.92
C PRO B 472 8.86 2.65 13.20
N ILE B 473 8.61 1.51 12.56
CA ILE B 473 7.31 1.23 11.97
C ILE B 473 6.79 -0.01 12.69
N PHE B 474 5.76 0.19 13.51
CA PHE B 474 5.29 -0.82 14.46
C PHE B 474 3.92 -1.36 14.12
N ASP B 475 3.14 -0.63 13.32
CA ASP B 475 1.74 -0.94 13.10
C ASP B 475 1.46 -1.47 11.70
N ARG B 476 2.51 -1.80 10.94
CA ARG B 476 2.41 -2.59 9.72
C ARG B 476 3.48 -3.68 9.78
N HIS B 477 3.29 -4.72 8.99
CA HIS B 477 4.17 -5.89 9.01
C HIS B 477 5.11 -5.89 7.82
N HIS B 478 6.39 -6.12 8.08
CA HIS B 478 7.42 -6.44 7.08
C HIS B 478 7.83 -5.27 6.21
N LEU B 479 7.52 -4.03 6.60
CA LEU B 479 8.06 -2.92 5.81
C LEU B 479 9.56 -2.74 6.04
N HIS B 480 10.11 -3.30 7.12
CA HIS B 480 11.55 -3.29 7.32
C HIS B 480 12.31 -4.10 6.27
N ARG B 481 11.62 -4.92 5.47
CA ARG B 481 12.28 -5.60 4.37
C ARG B 481 12.49 -4.71 3.15
N SER B 482 11.92 -3.50 3.16
CA SER B 482 11.93 -2.58 2.02
C SER B 482 13.31 -1.99 1.79
N THR B 483 13.38 -1.10 0.79
CA THR B 483 14.60 -0.41 0.39
C THR B 483 14.31 1.07 0.22
N THR B 484 15.22 1.93 0.72
CA THR B 484 15.13 3.35 0.38
C THR B 484 16.36 3.90 -0.33
N LEU B 485 17.46 3.16 -0.38
CA LEU B 485 18.70 3.61 -1.01
C LEU B 485 18.77 3.14 -2.46
N GLY B 486 19.56 3.85 -3.27
CA GLY B 486 19.79 3.46 -4.65
C GLY B 486 18.60 3.69 -5.58
N TYR B 487 18.77 3.22 -6.83
CA TYR B 487 17.67 3.30 -7.77
C TYR B 487 16.50 2.43 -7.31
N GLU B 488 16.82 1.29 -6.70
CA GLU B 488 15.77 0.39 -6.22
C GLU B 488 14.94 1.07 -5.15
N GLY B 489 15.60 1.68 -4.16
CA GLY B 489 14.88 2.42 -3.14
C GLY B 489 14.06 3.56 -3.72
N ALA B 490 14.63 4.28 -4.69
CA ALA B 490 13.91 5.37 -5.31
C ALA B 490 12.66 4.88 -6.06
N MET B 491 12.77 3.73 -6.73
CA MET B 491 11.60 3.14 -7.36
C MET B 491 10.53 2.79 -6.33
N GLN B 492 10.94 2.21 -5.20
CA GLN B 492 9.97 1.83 -4.19
C GLN B 492 9.27 3.05 -3.59
N ILE B 493 10.05 4.11 -3.28
CA ILE B 493 9.47 5.33 -2.71
C ILE B 493 8.54 6.00 -3.71
N LEU B 494 8.98 6.12 -4.96
CA LEU B 494 8.13 6.70 -6.00
C LEU B 494 6.80 5.95 -6.09
N THR B 495 6.85 4.62 -6.17
CA THR B 495 5.63 3.84 -6.29
C THR B 495 4.70 4.06 -5.11
N THR B 496 5.25 4.08 -3.91
CA THR B 496 4.43 4.33 -2.74
C THR B 496 3.83 5.73 -2.73
N LEU B 497 4.61 6.74 -3.13
CA LEU B 497 4.07 8.10 -3.15
C LEU B 497 2.94 8.24 -4.16
N VAL B 498 3.17 7.83 -5.41
CA VAL B 498 2.11 8.05 -6.40
C VAL B 498 0.88 7.22 -6.07
N ASN B 499 1.06 5.99 -5.54
CA ASN B 499 -0.11 5.20 -5.26
C ASN B 499 -0.83 5.63 -4.00
N SER B 500 -0.13 6.28 -3.06
CA SER B 500 -0.81 6.94 -1.95
C SER B 500 -1.69 8.09 -2.45
N ILE B 501 -1.18 8.87 -3.39
CA ILE B 501 -1.98 9.95 -4.00
C ILE B 501 -3.23 9.37 -4.65
N LEU B 502 -3.07 8.28 -5.41
CA LEU B 502 -4.20 7.70 -6.14
C LEU B 502 -5.17 6.97 -5.21
N GLU B 503 -4.68 6.37 -4.12
CA GLU B 503 -5.58 5.77 -3.15
CA GLU B 503 -5.61 5.76 -3.18
C GLU B 503 -6.47 6.82 -2.52
N ARG B 504 -5.88 7.93 -2.11
CA ARG B 504 -6.65 8.99 -1.46
C ARG B 504 -7.66 9.61 -2.44
N LEU B 505 -7.23 9.84 -3.68
CA LEU B 505 -8.16 10.36 -4.69
C LEU B 505 -9.34 9.42 -4.91
N ASP B 506 -9.09 8.10 -4.93
CA ASP B 506 -10.20 7.15 -5.01
C ASP B 506 -11.13 7.28 -3.80
N GLU B 507 -10.57 7.42 -2.60
CA GLU B 507 -11.44 7.59 -1.44
C GLU B 507 -12.29 8.85 -1.59
N GLU B 508 -11.68 9.95 -2.05
CA GLU B 508 -12.40 11.21 -2.18
C GLU B 508 -13.42 11.20 -3.30
N THR B 509 -13.30 10.29 -4.26
CA THR B 509 -14.23 10.24 -5.40
C THR B 509 -15.11 8.99 -5.37
N ARG B 510 -15.20 8.32 -4.23
CA ARG B 510 -15.98 7.10 -4.15
C ARG B 510 -17.46 7.37 -3.90
N GLY B 511 -17.85 8.62 -3.63
CA GLY B 511 -19.23 8.91 -3.24
C GLY B 511 -20.18 8.91 -4.41
N MET B 512 -21.11 7.97 -4.45
CA MET B 512 -21.93 7.84 -5.64
C MET B 512 -22.89 9.00 -5.84
N GLN B 513 -22.94 9.48 -7.09
CA GLN B 513 -23.73 10.63 -7.51
C GLN B 513 -23.29 11.92 -6.81
N ALA B 514 -22.18 11.92 -6.09
CA ALA B 514 -21.66 13.13 -5.46
C ALA B 514 -20.28 13.47 -5.99
N THR B 515 -19.31 12.56 -5.87
CA THR B 515 -17.96 12.80 -6.35
C THR B 515 -17.48 11.71 -7.29
N ASP B 516 -18.26 10.68 -7.57
CA ASP B 516 -17.71 9.59 -8.36
C ASP B 516 -17.71 9.88 -9.86
N TYR B 517 -18.13 11.07 -10.28
CA TYR B 517 -17.86 11.45 -11.66
C TYR B 517 -16.37 11.38 -11.99
N ASN B 518 -15.49 11.59 -10.98
CA ASN B 518 -14.03 11.52 -11.15
C ASN B 518 -13.43 10.21 -10.57
N HIS B 519 -14.25 9.17 -10.43
CA HIS B 519 -13.77 7.85 -9.99
C HIS B 519 -13.28 7.02 -11.18
N ASP B 520 -12.24 7.52 -11.87
CA ASP B 520 -11.78 6.97 -13.13
C ASP B 520 -11.24 5.55 -13.00
N LEU B 521 -11.57 4.69 -14.00
CA LEU B 521 -10.91 3.39 -14.12
C LEU B 521 -9.42 3.52 -14.40
N VAL B 522 -9.04 4.45 -15.26
CA VAL B 522 -7.67 4.61 -15.72
C VAL B 522 -7.10 5.88 -15.09
N ARG B 523 -5.90 5.79 -14.52
CA ARG B 523 -5.18 6.94 -13.97
C ARG B 523 -3.74 6.87 -14.43
N MET C 4 11.80 25.62 -40.17
CA MET C 4 12.20 25.05 -41.47
C MET C 4 11.49 25.76 -42.63
N SER C 5 12.11 25.72 -43.81
CA SER C 5 11.51 26.32 -45.02
C SER C 5 10.47 25.35 -45.59
N ARG C 6 9.60 25.82 -46.47
CA ARG C 6 8.63 24.90 -47.06
C ARG C 6 9.35 23.80 -47.82
N GLU C 7 10.47 24.13 -48.47
CA GLU C 7 11.24 23.13 -49.21
C GLU C 7 11.83 22.09 -48.26
N GLU C 8 12.31 22.52 -47.08
CA GLU C 8 12.89 21.57 -46.12
C GLU C 8 11.82 20.62 -45.57
N VAL C 9 10.64 21.14 -45.26
CA VAL C 9 9.55 20.26 -44.82
C VAL C 9 9.20 19.27 -45.93
N GLU C 10 9.19 19.74 -47.18
CA GLU C 10 8.87 18.86 -48.29
C GLU C 10 9.92 17.77 -48.43
N SER C 11 11.21 18.12 -48.32
CA SER C 11 12.26 17.11 -48.37
C SER C 11 12.12 16.12 -47.23
N LEU C 12 11.70 16.58 -46.05
CA LEU C 12 11.50 15.66 -44.93
C LEU C 12 10.44 14.62 -45.28
N ILE C 13 9.30 15.09 -45.82
CA ILE C 13 8.25 14.16 -46.23
C ILE C 13 8.79 13.11 -47.21
N GLN C 14 9.50 13.59 -48.21
CA GLN C 14 9.99 12.66 -49.26
C GLN C 14 11.00 11.64 -48.70
N GLU C 15 11.86 12.07 -47.80
CA GLU C 15 12.88 11.18 -47.21
C GLU C 15 12.18 10.13 -46.35
N VAL C 16 11.19 10.53 -45.58
CA VAL C 16 10.46 9.56 -44.78
C VAL C 16 9.78 8.53 -45.68
N LEU C 17 9.25 8.97 -46.82
CA LEU C 17 8.52 8.07 -47.71
C LEU C 17 9.41 6.99 -48.34
N GLU C 18 10.73 7.18 -48.31
CA GLU C 18 11.63 6.27 -49.02
C GLU C 18 11.59 4.84 -48.50
N VAL C 19 11.16 4.62 -47.26
CA VAL C 19 11.19 3.29 -46.69
C VAL C 19 10.11 2.40 -47.27
N TYR C 20 9.04 2.99 -47.83
CA TYR C 20 7.85 2.24 -48.19
C TYR C 20 8.01 1.48 -49.51
N PRO C 21 7.33 0.35 -49.65
CA PRO C 21 7.09 -0.20 -51.01
C PRO C 21 6.32 0.81 -51.83
N GLU C 22 6.46 0.72 -53.16
CA GLU C 22 5.99 1.83 -54.00
C GLU C 22 4.48 2.03 -53.87
N LYS C 23 3.70 0.94 -53.76
CA LYS C 23 2.25 1.10 -53.58
C LYS C 23 1.91 1.93 -52.35
N ALA C 24 2.46 1.56 -51.19
CA ALA C 24 2.23 2.35 -49.98
C ALA C 24 2.83 3.75 -50.12
N ARG C 25 3.97 3.85 -50.77
CA ARG C 25 4.64 5.16 -50.92
C ARG C 25 3.74 6.12 -51.70
N LYS C 26 3.21 5.68 -52.83
CA LYS C 26 2.35 6.55 -53.64
C LYS C 26 1.12 6.99 -52.85
N ASP C 27 0.57 6.09 -52.05
CA ASP C 27 -0.60 6.42 -51.26
C ASP C 27 -0.28 7.41 -50.16
N ARG C 28 0.75 7.12 -49.34
CA ARG C 28 1.03 7.96 -48.20
C ARG C 28 1.45 9.37 -48.60
N ASN C 29 2.07 9.52 -49.77
CA ASN C 29 2.44 10.85 -50.26
C ASN C 29 1.23 11.77 -50.34
N LYS C 30 0.04 11.24 -50.65
CA LYS C 30 -1.16 12.06 -50.77
C LYS C 30 -1.71 12.55 -49.43
N HIS C 31 -1.27 11.96 -48.33
CA HIS C 31 -1.78 12.24 -46.99
C HIS C 31 -0.81 13.06 -46.14
N LEU C 32 0.24 13.62 -46.75
CA LEU C 32 1.23 14.44 -46.06
C LEU C 32 1.43 15.72 -46.84
N ALA C 33 1.49 16.84 -46.13
CA ALA C 33 1.54 18.11 -46.84
C ALA C 33 2.21 19.18 -46.00
N VAL C 34 2.77 20.16 -46.69
CA VAL C 34 3.25 21.39 -46.07
C VAL C 34 2.11 22.40 -46.08
N ASN C 35 1.79 22.96 -44.92
CA ASN C 35 0.65 23.87 -44.82
C ASN C 35 0.88 25.15 -45.61
N ASP C 36 -0.18 25.61 -46.26
CA ASP C 36 -0.26 26.95 -46.84
C ASP C 36 -1.55 27.56 -46.32
N PRO C 37 -1.48 28.57 -45.44
CA PRO C 37 -2.70 29.08 -44.81
C PRO C 37 -3.62 29.83 -45.77
N ALA C 38 -3.18 30.13 -46.98
CA ALA C 38 -4.05 30.79 -47.95
C ALA C 38 -4.98 29.82 -48.67
N VAL C 39 -4.77 28.52 -48.53
CA VAL C 39 -5.55 27.53 -49.27
C VAL C 39 -6.92 27.39 -48.64
N THR C 40 -7.96 27.44 -49.46
CA THR C 40 -9.33 27.22 -49.00
C THR C 40 -9.85 25.83 -49.34
N GLN C 41 -9.40 25.25 -50.44
CA GLN C 41 -9.79 23.89 -50.83
C GLN C 41 -8.63 22.97 -50.50
N SER C 42 -8.68 22.36 -49.32
CA SER C 42 -7.57 21.54 -48.86
C SER C 42 -7.32 20.33 -49.74
N LYS C 43 -8.31 19.92 -50.56
CA LYS C 43 -8.12 18.79 -51.46
C LYS C 43 -7.00 19.03 -52.47
N LYS C 44 -6.63 20.29 -52.73
CA LYS C 44 -5.47 20.58 -53.58
C LYS C 44 -4.14 20.24 -52.91
N CYS C 45 -4.11 19.98 -51.60
CA CYS C 45 -2.90 19.76 -50.83
C CYS C 45 -2.82 18.42 -50.12
N ILE C 46 -3.96 17.84 -49.77
CA ILE C 46 -3.96 16.66 -48.91
C ILE C 46 -5.29 15.95 -49.11
N ILE C 47 -5.27 14.62 -49.05
CA ILE C 47 -6.52 13.86 -49.11
C ILE C 47 -6.68 13.11 -47.80
N SER C 48 -7.91 12.66 -47.55
CA SER C 48 -8.24 12.14 -46.22
C SER C 48 -9.45 11.22 -46.31
N ASN C 49 -9.75 10.54 -45.20
CA ASN C 49 -10.92 9.68 -45.12
C ASN C 49 -10.87 8.57 -46.17
N LYS C 50 -9.68 8.00 -46.35
CA LYS C 50 -9.44 6.85 -47.20
C LYS C 50 -9.03 5.66 -46.35
N LYS C 51 -9.01 4.47 -46.97
CA LYS C 51 -8.53 3.27 -46.30
C LYS C 51 -7.13 3.47 -45.74
N SER C 52 -6.88 2.80 -44.62
CA SER C 52 -5.51 2.76 -44.08
C SER C 52 -4.72 1.70 -44.86
N GLN C 53 -3.51 2.04 -45.24
CA GLN C 53 -2.66 1.09 -45.97
C GLN C 53 -2.38 0.02 -44.97
N PRO C 54 -2.42 -1.44 -45.24
CA PRO C 54 -2.20 -2.54 -44.35
C PRO C 54 -0.78 -2.63 -43.80
N GLY C 55 -0.68 -2.93 -42.52
CA GLY C 55 0.62 -3.24 -41.94
C GLY C 55 1.46 -2.05 -41.54
N LEU C 56 0.92 -0.83 -41.61
CA LEU C 56 1.72 0.36 -41.35
C LEU C 56 1.51 0.93 -39.96
N MET C 57 0.71 0.26 -39.13
CA MET C 57 0.47 0.63 -37.73
C MET C 57 -0.21 2.00 -37.65
N THR C 58 -1.35 2.13 -38.35
CA THR C 58 -2.26 3.26 -38.13
C THR C 58 -2.65 3.36 -36.67
N ILE C 59 -3.04 4.55 -36.25
CA ILE C 59 -3.52 4.79 -34.89
C ILE C 59 -5.04 4.74 -34.81
N ARG C 60 -5.72 4.59 -35.95
CA ARG C 60 -7.19 4.57 -36.01
C ARG C 60 -7.81 3.38 -35.26
N GLY C 61 -9.03 3.61 -34.78
CA GLY C 61 -9.97 2.58 -34.39
C GLY C 61 -11.02 2.31 -35.46
N CYS C 62 -12.18 1.82 -35.02
CA CYS C 62 -13.19 1.30 -35.95
C CYS C 62 -14.51 2.03 -35.76
N ALA C 63 -15.49 1.64 -36.60
CA ALA C 63 -16.81 2.26 -36.52
C ALA C 63 -17.52 1.98 -35.21
N TYR C 64 -17.23 0.84 -34.58
CA TYR C 64 -17.84 0.56 -33.28
C TYR C 64 -17.32 1.52 -32.23
N ALA C 65 -16.02 1.82 -32.27
CA ALA C 65 -15.47 2.87 -31.42
C ALA C 65 -16.20 4.19 -31.63
N GLY C 66 -16.41 4.57 -32.91
CA GLY C 66 -17.07 5.83 -33.20
C GLY C 66 -18.51 5.85 -32.76
N SER C 67 -19.18 4.70 -32.75
CA SER C 67 -20.60 4.65 -32.42
C SER C 67 -20.81 4.36 -30.93
N LYS C 68 -20.33 3.22 -30.45
CA LYS C 68 -20.48 2.90 -29.05
C LYS C 68 -19.56 3.76 -28.18
N GLY C 69 -18.27 3.80 -28.52
CA GLY C 69 -17.32 4.48 -27.66
C GLY C 69 -17.53 5.99 -27.62
N VAL C 70 -17.94 6.58 -28.74
CA VAL C 70 -17.98 8.04 -28.85
C VAL C 70 -19.39 8.60 -28.70
N VAL C 71 -20.32 8.23 -29.58
CA VAL C 71 -21.61 8.93 -29.62
C VAL C 71 -22.60 8.38 -28.60
N TRP C 72 -22.82 7.05 -28.59
CA TRP C 72 -23.88 6.46 -27.79
C TRP C 72 -23.49 6.18 -26.33
N GLY C 73 -22.31 5.60 -26.13
CA GLY C 73 -21.80 5.29 -24.82
C GLY C 73 -22.04 6.32 -23.73
N PRO C 74 -21.84 7.61 -24.03
CA PRO C 74 -22.01 8.65 -22.99
C PRO C 74 -23.45 8.86 -22.54
N ILE C 75 -24.46 8.51 -23.35
CA ILE C 75 -25.85 8.74 -22.96
C ILE C 75 -26.15 7.92 -21.70
N LYS C 76 -26.43 8.61 -20.59
CA LYS C 76 -26.20 8.00 -19.28
C LYS C 76 -27.35 7.13 -18.79
N ASP C 77 -28.58 7.42 -19.18
CA ASP C 77 -29.72 6.69 -18.63
C ASP C 77 -30.26 5.62 -19.58
N MET C 78 -29.53 5.31 -20.64
CA MET C 78 -29.78 4.15 -21.47
C MET C 78 -28.75 3.08 -21.20
N ILE C 79 -29.08 1.84 -21.58
CA ILE C 79 -28.16 0.72 -21.51
C ILE C 79 -27.73 0.38 -22.92
N HIS C 80 -26.42 0.34 -23.15
CA HIS C 80 -25.86 0.08 -24.47
C HIS C 80 -25.23 -1.31 -24.49
N ILE C 81 -25.70 -2.15 -25.40
CA ILE C 81 -25.26 -3.54 -25.49
C ILE C 81 -24.13 -3.64 -26.49
N SER C 82 -22.95 -4.07 -26.04
CA SER C 82 -21.91 -4.44 -26.99
C SER C 82 -22.24 -5.83 -27.51
N HIS C 83 -22.76 -5.89 -28.73
CA HIS C 83 -23.41 -7.09 -29.24
C HIS C 83 -22.43 -7.84 -30.15
N GLY C 84 -22.03 -9.05 -29.71
CA GLY C 84 -20.98 -9.82 -30.35
C GLY C 84 -20.05 -10.45 -29.31
N PRO C 85 -18.82 -10.77 -29.68
CA PRO C 85 -17.89 -11.39 -28.72
C PRO C 85 -17.40 -10.38 -27.68
N VAL C 86 -16.76 -10.93 -26.67
CA VAL C 86 -16.43 -10.21 -25.41
C VAL C 86 -15.39 -9.10 -25.58
N GLY C 87 -14.53 -9.17 -26.58
CA GLY C 87 -13.43 -8.20 -26.63
C GLY C 87 -13.80 -6.73 -26.66
N CYS C 88 -14.62 -6.34 -27.64
CA CYS C 88 -14.86 -4.90 -27.90
C CYS C 88 -15.33 -4.14 -26.66
N GLY C 89 -16.31 -4.67 -25.96
CA GLY C 89 -16.86 -3.95 -24.84
C GLY C 89 -15.93 -3.93 -23.65
N GLN C 90 -15.05 -4.91 -23.57
CA GLN C 90 -14.10 -4.92 -22.46
C GLN C 90 -13.00 -3.87 -22.67
N TYR C 91 -12.39 -3.83 -23.86
CA TYR C 91 -11.33 -2.84 -24.09
C TYR C 91 -11.87 -1.41 -24.01
N SER C 92 -13.15 -1.20 -24.31
CA SER C 92 -13.69 0.14 -24.29
C SER C 92 -14.45 0.45 -23.01
N ARG C 93 -14.40 -0.43 -22.01
CA ARG C 93 -15.14 -0.15 -20.78
C ARG C 93 -14.42 0.92 -19.99
N ALA C 94 -15.06 2.08 -19.85
CA ALA C 94 -14.55 3.19 -19.02
C ALA C 94 -13.19 3.72 -19.48
N GLY C 95 -12.82 3.51 -20.74
CA GLY C 95 -11.57 4.09 -21.22
C GLY C 95 -11.69 5.55 -21.62
N ARG C 96 -12.89 6.03 -21.93
CA ARG C 96 -13.11 7.42 -22.32
C ARG C 96 -13.79 8.18 -21.20
N ARG C 97 -13.25 9.35 -20.86
CA ARG C 97 -13.67 10.13 -19.70
C ARG C 97 -14.83 11.08 -20.02
N ASN C 98 -15.93 10.45 -20.50
CA ASN C 98 -17.23 11.12 -20.80
C ASN C 98 -18.05 11.14 -19.51
N TYR C 99 -17.84 12.18 -18.75
CA TYR C 99 -18.29 12.33 -17.38
C TYR C 99 -19.81 12.53 -17.29
N TYR C 100 -20.40 12.11 -16.17
CA TYR C 100 -21.85 12.20 -16.02
C TYR C 100 -22.21 12.21 -14.55
N ILE C 101 -23.44 12.64 -14.25
CA ILE C 101 -24.03 12.60 -12.93
C ILE C 101 -25.11 11.52 -12.90
N GLY C 102 -24.92 10.51 -12.06
CA GLY C 102 -25.94 9.49 -11.92
C GLY C 102 -25.54 8.47 -10.88
N THR C 103 -26.43 7.49 -10.70
CA THR C 103 -26.24 6.40 -9.74
C THR C 103 -26.02 5.12 -10.56
N THR C 104 -24.75 4.77 -10.73
CA THR C 104 -24.36 3.79 -11.74
C THR C 104 -24.78 2.39 -11.34
N GLY C 105 -25.39 1.68 -12.29
CA GLY C 105 -26.01 0.41 -12.03
C GLY C 105 -27.47 0.52 -11.62
N VAL C 106 -27.97 1.73 -11.32
CA VAL C 106 -29.33 1.92 -10.88
C VAL C 106 -30.10 2.77 -11.89
N ASN C 107 -29.76 4.07 -12.03
CA ASN C 107 -30.39 4.83 -13.10
C ASN C 107 -29.46 5.26 -14.22
N ALA C 108 -28.15 5.05 -14.08
CA ALA C 108 -27.21 5.39 -15.13
C ALA C 108 -26.23 4.23 -15.27
N PHE C 109 -25.61 4.10 -16.45
CA PHE C 109 -24.93 2.85 -16.75
C PHE C 109 -23.64 3.01 -17.53
N VAL C 110 -23.05 4.22 -17.55
CA VAL C 110 -22.06 4.56 -18.57
C VAL C 110 -20.81 3.69 -18.45
N THR C 111 -20.29 3.52 -17.23
CA THR C 111 -19.04 2.78 -17.08
C THR C 111 -19.25 1.29 -16.93
N MET C 112 -20.46 0.78 -17.14
CA MET C 112 -20.68 -0.66 -17.15
C MET C 112 -20.44 -1.24 -18.55
N ASN C 113 -20.15 -2.54 -18.59
CA ASN C 113 -19.98 -3.24 -19.87
C ASN C 113 -21.08 -4.31 -20.00
N PHE C 114 -22.15 -3.98 -20.73
CA PHE C 114 -23.19 -4.94 -21.08
C PHE C 114 -22.84 -5.59 -22.40
N THR C 115 -22.86 -6.93 -22.46
CA THR C 115 -22.45 -7.60 -23.69
C THR C 115 -23.22 -8.90 -23.87
N SER C 116 -23.35 -9.34 -25.12
CA SER C 116 -23.93 -10.64 -25.40
C SER C 116 -22.92 -11.77 -25.45
N ASP C 117 -21.63 -11.46 -25.25
CA ASP C 117 -20.55 -12.44 -25.09
C ASP C 117 -20.70 -13.64 -26.02
N PHE C 118 -20.63 -13.38 -27.33
CA PHE C 118 -20.85 -14.42 -28.33
C PHE C 118 -19.87 -15.57 -28.15
N GLN C 119 -20.40 -16.79 -28.18
CA GLN C 119 -19.63 -18.02 -28.26
C GLN C 119 -19.83 -18.62 -29.65
N GLU C 120 -19.22 -19.78 -29.89
CA GLU C 120 -19.30 -20.31 -31.25
C GLU C 120 -20.74 -20.68 -31.63
N LYS C 121 -21.52 -21.20 -30.68
CA LYS C 121 -22.93 -21.50 -30.98
C LYS C 121 -23.66 -20.27 -31.51
N ASP C 122 -23.33 -19.08 -31.01
CA ASP C 122 -23.99 -17.86 -31.46
C ASP C 122 -23.51 -17.47 -32.85
N ILE C 123 -22.25 -17.72 -33.17
CA ILE C 123 -21.77 -17.46 -34.53
C ILE C 123 -22.46 -18.39 -35.52
N VAL C 124 -22.53 -19.68 -35.18
CA VAL C 124 -23.00 -20.68 -36.13
C VAL C 124 -24.51 -20.59 -36.33
N PHE C 125 -25.26 -20.32 -35.27
CA PHE C 125 -26.72 -20.39 -35.32
C PHE C 125 -27.38 -19.03 -35.28
N GLY C 126 -26.62 -17.95 -35.11
CA GLY C 126 -27.18 -16.61 -35.03
C GLY C 126 -27.44 -16.18 -33.59
N GLY C 127 -27.34 -14.87 -33.37
CA GLY C 127 -27.53 -14.30 -32.05
C GLY C 127 -28.83 -13.57 -31.83
N ASP C 128 -29.81 -13.67 -32.74
CA ASP C 128 -31.04 -12.88 -32.56
C ASP C 128 -31.87 -13.40 -31.40
N LYS C 129 -31.89 -14.72 -31.20
CA LYS C 129 -32.62 -15.27 -30.06
C LYS C 129 -31.95 -14.91 -28.75
N LYS C 130 -30.62 -14.91 -28.75
CA LYS C 130 -29.89 -14.48 -27.56
C LYS C 130 -30.14 -13.00 -27.27
N LEU C 131 -30.19 -12.17 -28.32
CA LEU C 131 -30.43 -10.74 -28.09
C LEU C 131 -31.81 -10.49 -27.47
N ALA C 132 -32.82 -11.22 -27.93
CA ALA C 132 -34.16 -11.03 -27.38
C ALA C 132 -34.22 -11.45 -25.91
N LYS C 133 -33.64 -12.61 -25.58
CA LYS C 133 -33.55 -13.00 -24.17
C LYS C 133 -32.76 -11.99 -23.36
N LEU C 134 -31.61 -11.55 -23.89
CA LEU C 134 -30.80 -10.54 -23.22
C LEU C 134 -31.61 -9.30 -22.86
N ILE C 135 -32.46 -8.85 -23.79
CA ILE C 135 -33.25 -7.64 -23.57
C ILE C 135 -34.22 -7.84 -22.41
N ASP C 136 -34.85 -9.02 -22.34
CA ASP C 136 -35.72 -9.29 -21.20
C ASP C 136 -34.93 -9.26 -19.89
N GLU C 137 -33.71 -9.81 -19.91
CA GLU C 137 -32.92 -9.85 -18.68
C GLU C 137 -32.47 -8.46 -18.27
N VAL C 138 -32.10 -7.62 -19.24
CA VAL C 138 -31.81 -6.22 -18.95
C VAL C 138 -33.01 -5.57 -18.26
N GLU C 139 -34.21 -5.79 -18.81
CA GLU C 139 -35.41 -5.13 -18.26
C GLU C 139 -35.67 -5.56 -16.82
N THR C 140 -35.43 -6.83 -16.51
CA THR C 140 -35.66 -7.33 -15.17
C THR C 140 -34.64 -6.75 -14.19
N LEU C 141 -33.36 -6.78 -14.58
CA LEU C 141 -32.30 -6.49 -13.62
C LEU C 141 -31.98 -5.02 -13.53
N PHE C 142 -32.43 -4.21 -14.49
CA PHE C 142 -32.15 -2.78 -14.54
C PHE C 142 -33.43 -2.06 -14.91
N PRO C 143 -34.44 -2.11 -14.03
CA PRO C 143 -35.77 -1.60 -14.40
C PRO C 143 -35.82 -0.10 -14.62
N LEU C 144 -34.84 0.68 -14.13
CA LEU C 144 -34.88 2.11 -14.34
C LEU C 144 -34.16 2.56 -15.61
N ASN C 145 -33.74 1.63 -16.44
CA ASN C 145 -33.17 2.09 -17.72
C ASN C 145 -34.27 2.75 -18.55
N LYS C 146 -33.91 3.75 -19.32
CA LYS C 146 -34.87 4.50 -20.12
C LYS C 146 -34.73 4.21 -21.61
N GLY C 147 -34.07 3.13 -21.97
CA GLY C 147 -33.91 2.74 -23.36
C GLY C 147 -32.67 1.90 -23.52
N ILE C 148 -32.65 1.12 -24.62
CA ILE C 148 -31.55 0.20 -24.89
C ILE C 148 -31.03 0.48 -26.30
N SER C 149 -29.71 0.53 -26.46
CA SER C 149 -29.10 0.54 -27.78
C SER C 149 -28.33 -0.77 -28.00
N VAL C 150 -28.31 -1.23 -29.25
CA VAL C 150 -27.61 -2.46 -29.61
C VAL C 150 -26.45 -2.09 -30.51
N GLN C 151 -25.24 -2.13 -29.96
CA GLN C 151 -24.05 -1.73 -30.72
C GLN C 151 -23.44 -2.97 -31.36
N SER C 152 -23.58 -3.09 -32.68
CA SER C 152 -23.14 -4.28 -33.40
C SER C 152 -21.63 -4.33 -33.52
N GLU C 153 -21.04 -5.46 -33.12
CA GLU C 153 -19.64 -5.72 -33.37
C GLU C 153 -19.49 -6.48 -34.67
N CYS C 154 -18.23 -6.65 -35.12
CA CYS C 154 -17.93 -7.22 -36.44
C CYS C 154 -18.82 -8.39 -36.87
N PRO C 155 -19.06 -9.44 -36.08
CA PRO C 155 -19.70 -10.63 -36.66
C PRO C 155 -21.17 -10.46 -37.00
N ILE C 156 -21.86 -9.46 -36.44
CA ILE C 156 -23.31 -9.39 -36.51
C ILE C 156 -23.77 -9.31 -37.98
N GLY C 157 -23.26 -8.33 -38.73
CA GLY C 157 -23.60 -8.25 -40.13
C GLY C 157 -23.09 -9.42 -40.94
N LEU C 158 -21.92 -9.96 -40.58
CA LEU C 158 -21.31 -11.02 -41.37
C LEU C 158 -22.13 -12.30 -41.32
N ILE C 159 -22.76 -12.61 -40.17
CA ILE C 159 -23.51 -13.85 -40.05
C ILE C 159 -24.98 -13.69 -40.44
N GLY C 160 -25.39 -12.50 -40.85
CA GLY C 160 -26.75 -12.28 -41.32
C GLY C 160 -27.80 -12.05 -40.25
N ASP C 161 -27.41 -11.68 -39.03
CA ASP C 161 -28.38 -11.39 -37.98
C ASP C 161 -29.20 -10.16 -38.34
N ASP C 162 -30.41 -10.10 -37.79
CA ASP C 162 -31.36 -9.02 -38.08
C ASP C 162 -31.70 -8.34 -36.75
N ILE C 163 -30.78 -7.52 -36.25
CA ILE C 163 -31.02 -6.87 -34.97
C ILE C 163 -32.13 -5.84 -35.08
N GLU C 164 -32.41 -5.33 -36.29
CA GLU C 164 -33.46 -4.33 -36.41
C GLU C 164 -34.83 -4.94 -36.17
N SER C 165 -35.05 -6.18 -36.58
CA SER C 165 -36.36 -6.77 -36.34
C SER C 165 -36.51 -7.19 -34.88
N VAL C 166 -35.44 -7.68 -34.25
CA VAL C 166 -35.48 -7.91 -32.81
C VAL C 166 -35.83 -6.62 -32.08
N SER C 167 -35.18 -5.52 -32.47
CA SER C 167 -35.42 -4.24 -31.82
C SER C 167 -36.86 -3.77 -32.01
N LYS C 168 -37.38 -3.91 -33.23
CA LYS C 168 -38.76 -3.49 -33.46
C LYS C 168 -39.75 -4.36 -32.70
N VAL C 169 -39.52 -5.68 -32.67
CA VAL C 169 -40.48 -6.59 -32.04
C VAL C 169 -40.44 -6.45 -30.53
N LYS C 170 -39.24 -6.49 -29.94
CA LYS C 170 -39.10 -6.35 -28.49
C LYS C 170 -39.52 -4.96 -28.03
N GLY C 171 -39.12 -3.91 -28.76
CA GLY C 171 -39.53 -2.56 -28.42
C GLY C 171 -41.04 -2.39 -28.40
N ALA C 172 -41.74 -2.99 -29.38
CA ALA C 172 -43.20 -2.94 -29.39
C ALA C 172 -43.79 -3.75 -28.24
N GLU C 173 -43.20 -4.91 -27.95
CA GLU C 173 -43.71 -5.79 -26.90
C GLU C 173 -43.56 -5.16 -25.52
N LEU C 174 -42.43 -4.51 -25.26
CA LEU C 174 -42.11 -3.97 -23.94
C LEU C 174 -42.37 -2.47 -23.83
N SER C 175 -42.94 -1.85 -24.87
CA SER C 175 -43.13 -0.39 -24.91
C SER C 175 -41.85 0.35 -24.51
N LYS C 176 -40.71 -0.10 -25.06
CA LYS C 176 -39.43 0.50 -24.76
C LYS C 176 -38.71 0.91 -26.03
N THR C 177 -37.96 2.00 -25.94
CA THR C 177 -37.09 2.41 -27.04
C THR C 177 -35.88 1.49 -27.09
N ILE C 178 -35.71 0.77 -28.21
CA ILE C 178 -34.58 -0.12 -28.43
C ILE C 178 -33.96 0.22 -29.78
N VAL C 179 -32.73 0.71 -29.77
CA VAL C 179 -32.10 1.30 -30.95
C VAL C 179 -31.13 0.30 -31.56
N PRO C 180 -31.36 -0.17 -32.78
CA PRO C 180 -30.39 -1.02 -33.45
C PRO C 180 -29.33 -0.20 -34.16
N VAL C 181 -28.04 -0.46 -33.87
CA VAL C 181 -26.97 0.30 -34.49
C VAL C 181 -26.05 -0.67 -35.23
N ARG C 182 -25.99 -0.53 -36.57
CA ARG C 182 -25.16 -1.40 -37.41
C ARG C 182 -23.78 -0.76 -37.59
N CYS C 183 -23.06 -0.69 -36.47
CA CYS C 183 -21.74 -0.06 -36.42
C CYS C 183 -20.58 -1.05 -36.43
N GLU C 184 -20.74 -2.20 -37.13
CA GLU C 184 -19.71 -3.21 -37.16
C GLU C 184 -18.37 -2.61 -37.58
N GLY C 185 -17.28 -3.05 -36.94
CA GLY C 185 -15.97 -2.46 -37.13
C GLY C 185 -15.42 -2.54 -38.54
N PHE C 186 -15.89 -3.47 -39.35
CA PHE C 186 -15.38 -3.57 -40.72
C PHE C 186 -15.94 -2.48 -41.63
N ARG C 187 -16.96 -1.74 -41.17
CA ARG C 187 -17.61 -0.72 -41.99
C ARG C 187 -16.79 0.56 -42.00
N GLY C 188 -16.77 1.25 -43.15
CA GLY C 188 -15.96 2.45 -43.20
C GLY C 188 -14.47 2.16 -43.13
N VAL C 189 -13.71 3.13 -42.61
CA VAL C 189 -12.26 3.04 -42.60
C VAL C 189 -11.70 3.51 -41.25
N SER C 190 -12.58 3.83 -40.30
CA SER C 190 -12.15 4.51 -39.09
C SER C 190 -13.32 4.72 -38.15
N GLN C 191 -13.07 5.42 -37.04
CA GLN C 191 -14.17 5.85 -36.16
C GLN C 191 -15.21 6.68 -36.91
N SER C 192 -14.82 7.35 -37.99
CA SER C 192 -15.71 8.36 -38.57
C SER C 192 -17.05 7.78 -39.02
N LEU C 193 -17.03 6.68 -39.77
CA LEU C 193 -18.30 6.16 -40.23
C LEU C 193 -19.18 5.74 -39.06
N GLY C 194 -18.55 5.36 -37.94
CA GLY C 194 -19.30 5.11 -36.72
C GLY C 194 -20.08 6.33 -36.25
N HIS C 195 -19.47 7.52 -36.30
CA HIS C 195 -20.24 8.72 -35.98
C HIS C 195 -21.49 8.82 -36.83
N HIS C 196 -21.32 8.63 -38.13
CA HIS C 196 -22.42 8.87 -39.05
C HIS C 196 -23.53 7.86 -38.82
N ILE C 197 -23.15 6.59 -38.69
CA ILE C 197 -24.10 5.53 -38.39
C ILE C 197 -24.84 5.82 -37.10
N ALA C 198 -24.11 6.33 -36.09
CA ALA C 198 -24.73 6.64 -34.81
C ALA C 198 -25.73 7.80 -34.86
N ASN C 199 -25.43 8.82 -35.68
CA ASN C 199 -26.36 9.97 -35.79
C ASN C 199 -27.59 9.46 -36.55
N ASP C 200 -27.37 8.62 -37.58
CA ASP C 200 -28.54 8.16 -38.30
C ASP C 200 -29.41 7.28 -37.40
N ALA C 201 -28.80 6.57 -36.44
CA ALA C 201 -29.62 5.77 -35.54
C ALA C 201 -30.39 6.67 -34.57
N VAL C 202 -29.75 7.73 -34.05
CA VAL C 202 -30.48 8.72 -33.26
C VAL C 202 -31.65 9.27 -34.06
N ARG C 203 -31.37 9.72 -35.28
CA ARG C 203 -32.40 10.26 -36.16
C ARG C 203 -33.59 9.32 -36.33
N ASP C 204 -33.31 8.05 -36.65
CA ASP C 204 -34.34 7.12 -37.03
C ASP C 204 -35.12 6.52 -35.86
N TRP C 205 -34.55 6.47 -34.66
CA TRP C 205 -35.18 5.72 -33.58
C TRP C 205 -35.51 6.55 -32.34
N VAL C 206 -34.93 7.73 -32.17
CA VAL C 206 -35.09 8.48 -30.93
C VAL C 206 -35.58 9.90 -31.18
N LEU C 207 -34.90 10.61 -32.09
CA LEU C 207 -35.06 12.06 -32.21
C LEU C 207 -36.50 12.50 -32.51
N GLY C 208 -37.27 11.72 -33.26
CA GLY C 208 -38.60 12.16 -33.60
C GLY C 208 -39.69 11.86 -32.59
N LYS C 209 -39.35 11.32 -31.41
CA LYS C 209 -40.36 10.78 -30.51
C LYS C 209 -41.38 11.83 -30.06
N ARG C 210 -40.98 13.09 -29.93
CA ARG C 210 -41.90 14.14 -29.50
C ARG C 210 -42.32 15.07 -30.64
N ASP C 211 -42.24 14.59 -31.90
CA ASP C 211 -42.61 15.44 -33.04
C ASP C 211 -44.03 15.98 -32.93
N GLU C 212 -44.95 15.22 -32.35
CA GLU C 212 -46.35 15.62 -32.24
C GLU C 212 -46.72 16.01 -30.81
N ASP C 213 -45.74 16.40 -30.01
CA ASP C 213 -45.93 16.74 -28.61
C ASP C 213 -45.61 18.22 -28.47
N THR C 214 -46.61 19.02 -28.10
CA THR C 214 -46.45 20.46 -27.98
C THR C 214 -46.32 20.93 -26.53
N THR C 215 -46.08 20.02 -25.60
CA THR C 215 -46.17 20.40 -24.19
C THR C 215 -44.90 21.07 -23.66
N PHE C 216 -43.81 21.10 -24.42
CA PHE C 216 -42.59 21.76 -23.95
C PHE C 216 -42.67 23.27 -24.23
N ALA C 217 -42.53 24.08 -23.17
CA ALA C 217 -42.58 25.53 -23.31
C ALA C 217 -41.20 26.02 -23.69
N SER C 218 -41.02 26.35 -24.97
CA SER C 218 -39.73 26.85 -25.41
C SER C 218 -39.62 28.35 -25.17
N THR C 219 -38.39 28.84 -25.20
CA THR C 219 -38.09 30.26 -25.10
C THR C 219 -37.14 30.61 -26.22
N PRO C 220 -37.03 31.89 -26.58
CA PRO C 220 -36.11 32.26 -27.66
C PRO C 220 -34.65 32.04 -27.33
N TYR C 221 -34.33 31.71 -26.07
CA TYR C 221 -32.94 31.52 -25.67
C TYR C 221 -32.56 30.04 -25.56
N ASP C 222 -33.39 29.12 -26.06
CA ASP C 222 -33.13 27.70 -25.92
C ASP C 222 -32.08 27.23 -26.93
N VAL C 223 -31.02 26.58 -26.43
CA VAL C 223 -29.96 26.07 -27.28
C VAL C 223 -29.66 24.63 -26.91
N ALA C 224 -28.97 23.93 -27.81
CA ALA C 224 -28.39 22.62 -27.52
C ALA C 224 -26.89 22.67 -27.74
N ILE C 225 -26.13 22.06 -26.82
CA ILE C 225 -24.70 21.86 -27.03
C ILE C 225 -24.52 20.56 -27.81
N ILE C 226 -24.07 20.67 -29.06
CA ILE C 226 -23.97 19.54 -29.97
C ILE C 226 -22.50 19.17 -30.14
N GLY C 227 -22.15 17.94 -29.76
CA GLY C 227 -20.81 17.44 -30.00
C GLY C 227 -19.81 17.86 -28.93
N ASP C 228 -20.22 17.70 -27.67
CA ASP C 228 -19.31 17.84 -26.54
C ASP C 228 -19.54 16.63 -25.65
N TYR C 229 -18.52 15.80 -25.50
CA TYR C 229 -18.68 14.55 -24.79
C TYR C 229 -18.22 14.64 -23.35
N ASN C 230 -17.99 15.88 -22.89
CA ASN C 230 -17.81 16.17 -21.46
C ASN C 230 -16.59 15.45 -20.88
N ILE C 231 -15.50 15.43 -21.66
CA ILE C 231 -14.28 14.78 -21.21
C ILE C 231 -13.74 15.54 -20.02
N GLY C 232 -13.64 14.87 -18.86
CA GLY C 232 -13.21 15.54 -17.65
C GLY C 232 -14.08 16.69 -17.22
N GLY C 233 -15.34 16.73 -17.66
CA GLY C 233 -16.21 17.83 -17.31
C GLY C 233 -16.25 18.97 -18.33
N ASP C 234 -15.62 18.78 -19.49
CA ASP C 234 -15.56 19.83 -20.53
C ASP C 234 -16.92 20.48 -20.83
N ALA C 235 -17.98 19.68 -20.91
CA ALA C 235 -19.26 20.26 -21.32
C ALA C 235 -19.87 21.09 -20.19
N TRP C 236 -19.59 20.71 -18.94
CA TRP C 236 -20.13 21.46 -17.82
C TRP C 236 -19.48 22.83 -17.69
N SER C 237 -18.17 22.92 -17.93
CA SER C 237 -17.49 24.21 -17.93
C SER C 237 -17.74 25.01 -19.19
N SER C 238 -18.43 24.44 -20.18
CA SER C 238 -18.97 25.18 -21.32
C SER C 238 -20.39 25.65 -21.04
N ARG C 239 -21.22 24.72 -20.53
CA ARG C 239 -22.60 25.03 -20.19
C ARG C 239 -22.72 26.20 -19.23
N ILE C 240 -21.81 26.28 -18.24
CA ILE C 240 -21.94 27.32 -17.22
C ILE C 240 -21.84 28.71 -17.87
N LEU C 241 -20.97 28.87 -18.87
CA LEU C 241 -20.81 30.17 -19.52
C LEU C 241 -22.04 30.52 -20.35
N LEU C 242 -22.56 29.53 -21.08
CA LEU C 242 -23.73 29.81 -21.93
C LEU C 242 -24.92 30.24 -21.09
N GLU C 243 -25.07 29.64 -19.90
CA GLU C 243 -26.19 30.02 -19.05
C GLU C 243 -25.92 31.30 -18.26
N GLU C 244 -24.65 31.55 -17.91
CA GLU C 244 -24.32 32.88 -17.37
C GLU C 244 -24.64 33.98 -18.38
N MET C 245 -24.51 33.68 -19.68
CA MET C 245 -24.85 34.64 -20.73
C MET C 245 -26.35 34.72 -21.00
N GLY C 246 -27.17 33.94 -20.28
CA GLY C 246 -28.60 34.07 -20.35
C GLY C 246 -29.31 33.05 -21.24
N LEU C 247 -28.59 32.09 -21.79
CA LEU C 247 -29.19 31.06 -22.63
C LEU C 247 -29.62 29.89 -21.77
N ARG C 248 -30.54 29.07 -22.30
CA ARG C 248 -31.02 27.87 -21.61
C ARG C 248 -30.58 26.66 -22.41
N CYS C 249 -29.70 25.85 -21.81
CA CYS C 249 -29.11 24.69 -22.48
C CYS C 249 -30.05 23.51 -22.30
N VAL C 250 -30.88 23.25 -23.32
CA VAL C 250 -31.90 22.21 -23.21
C VAL C 250 -31.27 20.83 -23.27
N ALA C 251 -30.15 20.68 -23.98
CA ALA C 251 -29.58 19.36 -24.20
C ALA C 251 -28.07 19.44 -24.38
N GLN C 252 -27.42 18.34 -24.01
CA GLN C 252 -25.97 18.13 -24.19
C GLN C 252 -25.79 16.83 -24.98
N TRP C 253 -25.26 16.91 -26.20
CA TRP C 253 -25.02 15.71 -27.04
C TRP C 253 -23.52 15.40 -27.09
N SER C 254 -23.06 14.33 -26.44
CA SER C 254 -23.86 13.45 -25.56
C SER C 254 -23.21 13.32 -24.18
N GLY C 255 -22.19 14.12 -23.88
CA GLY C 255 -21.60 14.03 -22.53
C GLY C 255 -22.61 14.41 -21.47
N ASP C 256 -22.76 13.59 -20.44
CA ASP C 256 -23.77 13.74 -19.37
C ASP C 256 -25.17 13.82 -19.98
N GLY C 257 -25.35 13.23 -21.16
CA GLY C 257 -26.62 13.36 -21.86
C GLY C 257 -27.64 12.32 -21.44
N SER C 258 -28.90 12.73 -21.44
CA SER C 258 -30.03 11.87 -21.14
C SER C 258 -30.88 11.67 -22.39
N ILE C 259 -31.67 10.60 -22.39
CA ILE C 259 -32.48 10.35 -23.57
C ILE C 259 -33.59 11.38 -23.70
N SER C 260 -34.10 11.90 -22.57
CA SER C 260 -35.13 12.95 -22.67
C SER C 260 -34.56 14.22 -23.27
N GLU C 261 -33.33 14.62 -22.94
CA GLU C 261 -32.89 15.87 -23.54
C GLU C 261 -32.57 15.71 -25.02
N ILE C 262 -32.22 14.51 -25.49
CA ILE C 262 -32.12 14.29 -26.93
C ILE C 262 -33.49 14.49 -27.59
N GLU C 263 -34.53 13.91 -27.01
CA GLU C 263 -35.88 14.01 -27.54
C GLU C 263 -36.44 15.43 -27.45
N LEU C 264 -35.93 16.26 -26.54
CA LEU C 264 -36.35 17.65 -26.49
C LEU C 264 -35.58 18.54 -27.46
N THR C 265 -34.49 18.05 -28.05
CA THR C 265 -33.64 18.92 -28.84
C THR C 265 -34.32 19.54 -30.07
N PRO C 266 -35.25 18.87 -30.76
CA PRO C 266 -35.94 19.56 -31.87
C PRO C 266 -36.73 20.79 -31.41
N LYS C 267 -36.82 21.05 -30.11
CA LYS C 267 -37.54 22.23 -29.63
C LYS C 267 -36.62 23.43 -29.42
N VAL C 268 -35.30 23.30 -29.63
CA VAL C 268 -34.40 24.42 -29.35
C VAL C 268 -34.41 25.38 -30.53
N LYS C 269 -33.87 26.57 -30.32
CA LYS C 269 -33.81 27.61 -31.35
C LYS C 269 -32.48 27.63 -32.09
N LEU C 270 -31.43 27.07 -31.50
CA LEU C 270 -30.11 27.10 -32.11
C LEU C 270 -29.30 25.92 -31.60
N ASN C 271 -28.69 25.18 -32.53
CA ASN C 271 -27.78 24.09 -32.20
C ASN C 271 -26.35 24.61 -32.23
N LEU C 272 -25.65 24.51 -31.10
CA LEU C 272 -24.29 25.00 -30.98
C LEU C 272 -23.36 23.81 -31.14
N VAL C 273 -22.64 23.77 -32.26
CA VAL C 273 -21.85 22.61 -32.66
C VAL C 273 -20.39 22.83 -32.24
N HIS C 274 -19.90 21.98 -31.33
CA HIS C 274 -18.48 22.06 -31.03
C HIS C 274 -17.73 21.02 -31.86
N CYS C 275 -18.01 19.72 -31.69
CA CYS C 275 -17.42 18.75 -32.61
C CYS C 275 -18.21 18.68 -33.90
N TYR C 276 -17.71 19.38 -34.90
CA TYR C 276 -18.28 19.33 -36.25
C TYR C 276 -18.22 17.92 -36.85
N ARG C 277 -17.05 17.28 -36.76
CA ARG C 277 -16.86 15.97 -37.40
C ARG C 277 -17.92 14.95 -37.00
N SER C 278 -18.12 14.79 -35.68
CA SER C 278 -18.96 13.70 -35.20
C SER C 278 -20.45 14.00 -35.27
N MET C 279 -20.83 15.29 -35.17
CA MET C 279 -22.28 15.62 -35.08
C MET C 279 -22.82 16.48 -36.23
N ASN C 280 -22.03 16.90 -37.21
CA ASN C 280 -22.62 17.74 -38.25
C ASN C 280 -23.77 17.02 -38.95
N TYR C 281 -23.76 15.68 -38.96
CA TYR C 281 -24.81 14.95 -39.68
C TYR C 281 -26.20 15.22 -39.09
N ILE C 282 -26.34 15.03 -37.78
CA ILE C 282 -27.63 15.26 -37.12
C ILE C 282 -27.96 16.75 -37.08
N SER C 283 -26.93 17.60 -37.08
CA SER C 283 -27.16 19.04 -37.13
C SER C 283 -27.78 19.43 -38.47
N ARG C 284 -27.27 18.88 -39.56
CA ARG C 284 -27.88 19.11 -40.88
C ARG C 284 -29.28 18.50 -40.96
N HIS C 285 -29.49 17.34 -40.33
CA HIS C 285 -30.82 16.75 -40.32
C HIS C 285 -31.84 17.66 -39.62
N MET C 286 -31.47 18.20 -38.45
CA MET C 286 -32.45 19.03 -37.73
C MET C 286 -32.70 20.36 -38.43
N GLU C 287 -31.70 20.88 -39.15
CA GLU C 287 -31.93 22.04 -40.00
C GLU C 287 -32.95 21.72 -41.08
N GLU C 288 -32.80 20.55 -41.71
CA GLU C 288 -33.71 20.20 -42.79
C GLU C 288 -35.11 19.87 -42.28
N LYS C 289 -35.21 19.10 -41.20
CA LYS C 289 -36.52 18.63 -40.76
C LYS C 289 -37.25 19.66 -39.89
N TYR C 290 -36.53 20.35 -38.99
CA TYR C 290 -37.16 21.26 -38.04
C TYR C 290 -36.84 22.72 -38.32
N GLY C 291 -36.02 23.02 -39.33
CA GLY C 291 -35.61 24.39 -39.58
C GLY C 291 -34.68 25.00 -38.54
N ILE C 292 -34.02 24.18 -37.72
CA ILE C 292 -33.15 24.69 -36.66
C ILE C 292 -31.77 25.03 -37.20
N PRO C 293 -31.30 26.25 -37.04
CA PRO C 293 -29.96 26.58 -37.50
C PRO C 293 -28.90 25.99 -36.57
N TRP C 294 -27.73 25.77 -37.12
CA TRP C 294 -26.59 25.31 -36.33
C TRP C 294 -25.36 26.18 -36.63
N MET C 295 -24.50 26.37 -35.62
CA MET C 295 -23.31 27.16 -35.85
C MET C 295 -22.14 26.56 -35.09
N GLU C 296 -20.95 26.64 -35.69
CA GLU C 296 -19.75 26.08 -35.09
C GLU C 296 -19.14 27.07 -34.12
N TYR C 297 -18.61 26.57 -32.99
CA TYR C 297 -17.94 27.42 -32.02
C TYR C 297 -16.73 26.68 -31.47
N ASN C 298 -15.96 27.39 -30.63
CA ASN C 298 -14.68 26.89 -30.12
C ASN C 298 -14.50 27.44 -28.71
N PHE C 299 -14.51 26.57 -27.71
CA PHE C 299 -14.23 27.01 -26.34
C PHE C 299 -12.85 26.58 -25.82
N PHE C 300 -11.82 26.52 -26.68
CA PHE C 300 -10.45 26.22 -26.22
C PHE C 300 -9.68 27.53 -26.08
N GLY C 301 -9.38 27.90 -24.84
CA GLY C 301 -8.62 29.10 -24.57
C GLY C 301 -9.45 30.38 -24.61
N PRO C 302 -8.93 31.45 -24.00
CA PRO C 302 -9.74 32.68 -23.88
C PRO C 302 -10.05 33.36 -25.20
N THR C 303 -9.08 33.46 -26.11
CA THR C 303 -9.35 34.13 -27.38
C THR C 303 -10.51 33.47 -28.11
N LYS C 304 -10.47 32.14 -28.26
CA LYS C 304 -11.55 31.46 -28.98
C LYS C 304 -12.85 31.47 -28.18
N THR C 305 -12.78 31.31 -26.86
CA THR C 305 -13.99 31.34 -26.05
C THR C 305 -14.67 32.70 -26.14
N ILE C 306 -13.89 33.77 -26.03
CA ILE C 306 -14.47 35.11 -26.12
C ILE C 306 -15.07 35.33 -27.50
N GLU C 307 -14.38 34.89 -28.54
CA GLU C 307 -14.91 35.06 -29.88
C GLU C 307 -16.20 34.27 -30.05
N SER C 308 -16.26 33.06 -29.50
CA SER C 308 -17.46 32.23 -29.61
C SER C 308 -18.62 32.82 -28.84
N LEU C 309 -18.38 33.26 -27.59
CA LEU C 309 -19.46 33.88 -26.83
C LEU C 309 -20.07 35.06 -27.58
N ARG C 310 -19.23 35.92 -28.16
CA ARG C 310 -19.75 37.09 -28.87
C ARG C 310 -20.49 36.69 -30.14
N ALA C 311 -19.95 35.73 -30.88
CA ALA C 311 -20.61 35.25 -32.10
C ALA C 311 -21.97 34.64 -31.78
N ILE C 312 -22.06 33.86 -30.71
CA ILE C 312 -23.33 33.24 -30.33
C ILE C 312 -24.32 34.30 -29.89
N ALA C 313 -23.88 35.23 -29.02
CA ALA C 313 -24.76 36.25 -28.49
C ALA C 313 -25.35 37.13 -29.59
N ALA C 314 -24.59 37.35 -30.67
CA ALA C 314 -25.09 38.19 -31.76
C ALA C 314 -26.30 37.59 -32.45
N LYS C 315 -26.57 36.29 -32.27
CA LYS C 315 -27.75 35.69 -32.89
C LYS C 315 -29.02 35.94 -32.09
N PHE C 316 -28.90 36.53 -30.90
CA PHE C 316 -30.06 36.66 -30.03
C PHE C 316 -30.51 38.12 -29.96
N ASP C 317 -30.29 38.81 -28.85
CA ASP C 317 -30.75 40.19 -28.75
C ASP C 317 -29.79 40.96 -27.87
N GLU C 318 -30.13 42.24 -27.62
CA GLU C 318 -29.26 43.11 -26.84
C GLU C 318 -29.11 42.62 -25.40
N SER C 319 -30.16 41.99 -24.84
CA SER C 319 -30.04 41.54 -23.46
C SER C 319 -29.03 40.41 -23.32
N ILE C 320 -28.99 39.50 -24.30
CA ILE C 320 -27.99 38.43 -24.29
C ILE C 320 -26.62 39.00 -24.58
N GLN C 321 -26.57 40.00 -25.45
CA GLN C 321 -25.25 40.61 -25.73
C GLN C 321 -24.75 41.34 -24.48
N LYS C 322 -25.63 41.91 -23.68
CA LYS C 322 -25.19 42.64 -22.49
C LYS C 322 -24.63 41.62 -21.49
N LYS C 323 -25.29 40.48 -21.36
CA LYS C 323 -24.83 39.40 -20.45
C LYS C 323 -23.53 38.82 -20.97
N CYS C 324 -23.41 38.72 -22.29
CA CYS C 324 -22.16 38.22 -22.89
C CYS C 324 -21.00 39.10 -22.43
N GLU C 325 -21.15 40.41 -22.52
CA GLU C 325 -20.06 41.30 -22.11
C GLU C 325 -19.81 41.22 -20.61
N GLU C 326 -20.86 40.98 -19.81
CA GLU C 326 -20.66 40.81 -18.36
C GLU C 326 -19.88 39.54 -18.05
N VAL C 327 -20.20 38.43 -18.73
CA VAL C 327 -19.43 37.20 -18.56
C VAL C 327 -17.97 37.42 -18.92
N ILE C 328 -17.73 38.07 -20.06
CA ILE C 328 -16.37 38.36 -20.45
C ILE C 328 -15.65 39.19 -19.38
N ALA C 329 -16.35 40.20 -18.83
CA ALA C 329 -15.73 41.04 -17.80
C ALA C 329 -15.47 40.25 -16.52
N LYS C 330 -16.36 39.33 -16.17
CA LYS C 330 -16.17 38.54 -14.95
C LYS C 330 -14.89 37.71 -15.03
N TYR C 331 -14.66 37.04 -16.16
CA TYR C 331 -13.57 36.08 -16.25
C TYR C 331 -12.25 36.70 -16.71
N LYS C 332 -12.27 37.95 -17.19
CA LYS C 332 -11.05 38.61 -17.64
C LYS C 332 -9.91 38.55 -16.62
N PRO C 333 -10.08 38.96 -15.36
CA PRO C 333 -8.96 38.84 -14.42
C PRO C 333 -8.49 37.41 -14.20
N GLU C 334 -9.38 36.42 -14.34
CA GLU C 334 -8.98 35.04 -14.09
C GLU C 334 -8.06 34.52 -15.20
N TRP C 335 -8.48 34.63 -16.47
CA TRP C 335 -7.58 34.09 -17.50
C TRP C 335 -6.36 34.98 -17.71
N GLU C 336 -6.47 36.29 -17.44
CA GLU C 336 -5.28 37.13 -17.50
C GLU C 336 -4.26 36.73 -16.44
N ALA C 337 -4.74 36.29 -15.27
CA ALA C 337 -3.80 35.78 -14.26
C ALA C 337 -3.19 34.44 -14.69
N VAL C 338 -3.98 33.60 -15.34
CA VAL C 338 -3.42 32.35 -15.87
C VAL C 338 -2.32 32.66 -16.89
N VAL C 339 -2.60 33.58 -17.82
CA VAL C 339 -1.60 33.95 -18.81
C VAL C 339 -0.36 34.52 -18.14
N ALA C 340 -0.54 35.41 -17.16
CA ALA C 340 0.61 36.05 -16.52
C ALA C 340 1.50 35.02 -15.84
N LYS C 341 0.90 34.00 -15.22
CA LYS C 341 1.69 32.98 -14.53
C LYS C 341 2.37 32.04 -15.51
N TYR C 342 1.64 31.54 -16.50
CA TYR C 342 2.14 30.42 -17.28
C TYR C 342 2.73 30.79 -18.64
N ARG C 343 2.26 31.86 -19.30
CA ARG C 343 2.85 32.22 -20.58
C ARG C 343 4.36 32.48 -20.50
N PRO C 344 4.92 33.15 -19.49
CA PRO C 344 6.38 33.28 -19.44
C PRO C 344 7.10 31.94 -19.34
N ARG C 345 6.45 30.91 -18.81
CA ARG C 345 7.03 29.58 -18.70
C ARG C 345 6.95 28.80 -20.01
N LEU C 346 6.13 29.23 -20.95
CA LEU C 346 5.84 28.46 -22.15
C LEU C 346 6.13 29.21 -23.43
N GLU C 347 6.40 30.52 -23.35
CA GLU C 347 6.65 31.41 -24.49
C GLU C 347 7.62 30.77 -25.48
N GLY C 348 7.18 30.65 -26.73
CA GLY C 348 8.06 30.19 -27.79
C GLY C 348 8.20 28.70 -27.95
N LYS C 349 7.68 27.90 -27.01
CA LYS C 349 7.82 26.46 -27.11
C LYS C 349 6.95 25.91 -28.24
N ARG C 350 7.43 24.83 -28.84
CA ARG C 350 6.89 24.31 -30.09
C ARG C 350 6.26 22.94 -29.83
N VAL C 351 5.04 22.75 -30.34
CA VAL C 351 4.25 21.56 -30.08
C VAL C 351 3.86 20.89 -31.40
N MET C 352 3.94 19.57 -31.43
CA MET C 352 3.24 18.77 -32.43
C MET C 352 2.03 18.03 -31.86
N LEU C 353 0.95 18.01 -32.65
CA LEU C 353 -0.29 17.38 -32.25
C LEU C 353 -0.64 16.23 -33.19
N TYR C 354 -1.31 15.22 -32.64
CA TYR C 354 -1.97 14.23 -33.48
C TYR C 354 -3.17 13.70 -32.72
N ILE C 355 -4.37 13.97 -33.20
CA ILE C 355 -5.55 13.58 -32.45
C ILE C 355 -6.56 13.09 -33.49
N GLY C 356 -7.86 13.20 -33.20
CA GLY C 356 -8.85 12.48 -33.98
C GLY C 356 -9.55 13.20 -35.12
N GLY C 357 -10.41 14.16 -34.81
CA GLY C 357 -11.24 14.77 -35.84
C GLY C 357 -11.60 16.23 -35.58
N LEU C 358 -11.22 16.76 -34.42
CA LEU C 358 -11.57 18.14 -34.09
C LEU C 358 -10.42 18.87 -33.40
N ARG C 359 -9.96 18.29 -32.29
CA ARG C 359 -8.93 18.95 -31.49
C ARG C 359 -7.63 19.30 -32.24
N PRO C 360 -7.19 18.57 -33.28
CA PRO C 360 -5.94 18.97 -33.94
C PRO C 360 -5.96 20.38 -34.52
N ARG C 361 -7.13 20.91 -34.88
CA ARG C 361 -7.17 22.33 -35.17
C ARG C 361 -7.69 23.14 -33.99
N HIS C 362 -8.47 22.54 -33.11
CA HIS C 362 -9.39 23.37 -32.39
C HIS C 362 -8.73 23.86 -31.10
N VAL C 363 -7.62 23.21 -30.70
CA VAL C 363 -6.85 23.66 -29.55
C VAL C 363 -5.70 24.60 -29.92
N ILE C 364 -5.49 24.91 -31.20
CA ILE C 364 -4.34 25.73 -31.59
C ILE C 364 -4.38 27.08 -30.90
N GLY C 365 -5.56 27.69 -30.84
CA GLY C 365 -5.67 29.02 -30.24
C GLY C 365 -5.28 29.03 -28.78
N ALA C 366 -5.63 27.97 -28.06
CA ALA C 366 -5.27 27.89 -26.64
C ALA C 366 -3.77 27.83 -26.45
N TYR C 367 -3.05 27.07 -27.30
CA TYR C 367 -1.60 27.08 -27.25
C TYR C 367 -1.04 28.46 -27.56
N GLU C 368 -1.59 29.13 -28.59
CA GLU C 368 -1.10 30.46 -28.92
C GLU C 368 -1.37 31.47 -27.82
N ASP C 369 -2.45 31.29 -27.04
CA ASP C 369 -2.72 32.15 -25.90
C ASP C 369 -1.65 32.04 -24.82
N LEU C 370 -0.88 30.95 -24.82
CA LEU C 370 0.24 30.78 -23.91
C LEU C 370 1.58 31.00 -24.59
N GLY C 371 1.57 31.61 -25.79
CA GLY C 371 2.77 31.91 -26.53
C GLY C 371 3.45 30.72 -27.19
N MET C 372 2.77 29.60 -27.32
CA MET C 372 3.35 28.42 -27.93
C MET C 372 2.99 28.36 -29.42
N GLU C 373 3.75 27.56 -30.15
CA GLU C 373 3.60 27.43 -31.60
C GLU C 373 3.30 25.98 -31.95
N VAL C 374 2.23 25.75 -32.71
CA VAL C 374 1.89 24.42 -33.19
C VAL C 374 2.60 24.24 -34.53
N VAL C 375 3.66 23.43 -34.54
CA VAL C 375 4.50 23.31 -35.74
C VAL C 375 4.10 22.13 -36.60
N GLY C 376 3.26 21.23 -36.09
CA GLY C 376 2.72 20.14 -36.88
C GLY C 376 1.42 19.69 -36.26
N THR C 377 0.48 19.29 -37.12
CA THR C 377 -0.76 18.73 -36.58
C THR C 377 -1.33 17.78 -37.59
N GLY C 378 -2.26 16.93 -37.14
CA GLY C 378 -2.95 16.06 -38.06
C GLY C 378 -3.99 15.26 -37.34
N TYR C 379 -4.75 14.50 -38.13
CA TYR C 379 -5.93 13.81 -37.65
C TYR C 379 -5.93 12.34 -38.05
N GLU C 380 -6.52 11.52 -37.17
CA GLU C 380 -6.71 10.10 -37.47
C GLU C 380 -7.72 9.89 -38.59
N PHE C 381 -8.86 10.62 -38.55
CA PHE C 381 -10.00 10.27 -39.40
C PHE C 381 -10.77 11.48 -39.92
N ALA C 382 -10.17 12.67 -39.91
CA ALA C 382 -10.85 13.84 -40.45
C ALA C 382 -11.12 13.69 -41.95
N HIS C 383 -12.06 14.50 -42.45
CA HIS C 383 -12.37 14.58 -43.87
C HIS C 383 -11.80 15.89 -44.42
N ASN C 384 -11.98 16.12 -45.72
CA ASN C 384 -11.38 17.35 -46.24
C ASN C 384 -12.09 18.61 -45.76
N ASP C 385 -13.38 18.54 -45.35
CA ASP C 385 -13.96 19.77 -44.80
C ASP C 385 -13.32 20.13 -43.46
N ASP C 386 -12.77 19.13 -42.74
CA ASP C 386 -11.97 19.44 -41.56
C ASP C 386 -10.66 20.10 -41.94
N TYR C 387 -9.95 19.55 -42.95
CA TYR C 387 -8.70 20.15 -43.38
C TYR C 387 -8.93 21.55 -43.96
N ASP C 388 -10.07 21.77 -44.63
CA ASP C 388 -10.42 23.13 -45.07
C ASP C 388 -10.39 24.10 -43.90
N ARG C 389 -10.93 23.69 -42.75
CA ARG C 389 -11.00 24.52 -41.56
C ARG C 389 -9.65 24.61 -40.83
N THR C 390 -8.70 23.75 -41.18
CA THR C 390 -7.43 23.68 -40.47
C THR C 390 -6.38 24.60 -41.07
N MET C 391 -6.34 24.72 -42.40
CA MET C 391 -5.14 25.28 -43.01
C MET C 391 -4.95 26.75 -42.64
N LYS C 392 -6.05 27.50 -42.47
CA LYS C 392 -5.97 28.88 -42.03
C LYS C 392 -5.58 29.02 -40.57
N GLU C 393 -5.74 27.96 -39.76
CA GLU C 393 -5.37 28.00 -38.35
C GLU C 393 -3.91 27.69 -38.09
N MET C 394 -3.23 27.05 -39.04
CA MET C 394 -1.85 26.63 -38.87
C MET C 394 -0.92 27.62 -39.58
N GLY C 395 0.30 27.73 -39.05
CA GLY C 395 1.25 28.67 -39.63
C GLY C 395 1.75 28.22 -41.00
N ASP C 396 2.34 29.16 -41.71
CA ASP C 396 2.95 28.84 -43.00
C ASP C 396 4.08 27.84 -42.79
N SER C 397 4.19 26.89 -43.72
CA SER C 397 5.31 25.93 -43.77
C SER C 397 5.36 25.03 -42.53
N THR C 398 4.20 24.78 -41.91
CA THR C 398 4.07 23.76 -40.90
C THR C 398 3.66 22.44 -41.53
N LEU C 399 3.81 21.35 -40.78
CA LEU C 399 3.57 20.02 -41.34
C LEU C 399 2.17 19.50 -41.01
N LEU C 400 1.52 18.89 -42.00
CA LEU C 400 0.16 18.30 -41.84
C LEU C 400 0.25 16.81 -42.13
N TYR C 401 -0.39 15.97 -41.33
CA TYR C 401 -0.35 14.51 -41.58
C TYR C 401 -1.73 13.90 -41.34
N ASP C 402 -2.23 13.21 -42.34
CA ASP C 402 -3.54 12.52 -42.25
C ASP C 402 -3.29 11.03 -42.09
N ASP C 403 -3.92 10.43 -41.09
CA ASP C 403 -3.80 9.00 -40.79
C ASP C 403 -2.32 8.60 -40.77
N VAL C 404 -1.57 9.32 -39.93
CA VAL C 404 -0.12 9.15 -39.89
C VAL C 404 0.20 7.74 -39.42
N THR C 405 1.24 7.16 -40.01
CA THR C 405 1.73 5.88 -39.53
C THR C 405 2.67 6.09 -38.35
N GLY C 406 2.87 5.03 -37.55
CA GLY C 406 3.78 5.15 -36.42
C GLY C 406 5.19 5.51 -36.87
N TYR C 407 5.64 4.91 -37.96
CA TYR C 407 6.96 5.23 -38.51
C TYR C 407 7.06 6.71 -38.87
N GLU C 408 6.09 7.20 -39.67
CA GLU C 408 6.10 8.61 -40.05
C GLU C 408 6.18 9.53 -38.84
N PHE C 409 5.30 9.33 -37.86
CA PHE C 409 5.23 10.25 -36.74
C PHE C 409 6.55 10.27 -35.96
N GLU C 410 7.14 9.09 -35.73
CA GLU C 410 8.44 9.04 -35.06
C GLU C 410 9.50 9.79 -35.87
N GLU C 411 9.52 9.59 -37.18
CA GLU C 411 10.55 10.23 -37.99
C GLU C 411 10.34 11.74 -38.05
N PHE C 412 9.09 12.20 -38.20
CA PHE C 412 8.82 13.64 -38.18
C PHE C 412 9.28 14.25 -36.86
N VAL C 413 8.97 13.59 -35.75
CA VAL C 413 9.33 14.13 -34.44
C VAL C 413 10.85 14.21 -34.29
N LYS C 414 11.57 13.20 -34.80
CA LYS C 414 13.02 13.21 -34.63
C LYS C 414 13.68 14.35 -35.41
N ARG C 415 13.06 14.77 -36.53
CA ARG C 415 13.62 15.87 -37.31
C ARG C 415 13.18 17.23 -36.78
N ILE C 416 11.90 17.36 -36.42
CA ILE C 416 11.35 18.65 -36.02
C ILE C 416 11.73 18.98 -34.58
N LYS C 417 11.87 17.96 -33.72
CA LYS C 417 12.30 18.11 -32.33
C LYS C 417 11.41 19.09 -31.58
N PRO C 418 10.11 18.83 -31.46
CA PRO C 418 9.25 19.74 -30.72
C PRO C 418 9.59 19.70 -29.24
N ASP C 419 9.10 20.71 -28.52
CA ASP C 419 9.27 20.74 -27.07
C ASP C 419 8.21 19.94 -26.35
N LEU C 420 7.10 19.63 -27.03
CA LEU C 420 5.94 18.97 -26.44
C LEU C 420 5.14 18.30 -27.55
N ILE C 421 4.66 17.10 -27.27
CA ILE C 421 3.77 16.39 -28.19
C ILE C 421 2.42 16.18 -27.50
N GLY C 422 1.34 16.47 -28.24
CA GLY C 422 -0.01 16.23 -27.73
C GLY C 422 -0.73 15.18 -28.57
N SER C 423 -0.92 13.99 -28.02
CA SER C 423 -1.52 12.90 -28.80
C SER C 423 -2.21 11.90 -27.86
N GLY C 424 -2.22 10.61 -28.21
CA GLY C 424 -2.99 9.62 -27.48
C GLY C 424 -2.16 8.60 -26.72
N ILE C 425 -2.86 7.65 -26.10
CA ILE C 425 -2.22 6.71 -25.18
C ILE C 425 -1.25 5.78 -25.91
N LYS C 426 -1.55 5.43 -27.17
CA LYS C 426 -0.67 4.56 -27.94
C LYS C 426 0.60 5.28 -28.36
N GLU C 427 0.62 6.61 -28.27
CA GLU C 427 1.78 7.43 -28.61
C GLU C 427 2.59 7.84 -27.39
N LYS C 428 1.92 7.96 -26.24
CA LYS C 428 2.50 8.66 -25.08
C LYS C 428 3.87 8.12 -24.70
N PHE C 429 3.98 6.81 -24.51
CA PHE C 429 5.19 6.24 -23.90
C PHE C 429 6.34 6.13 -24.89
N ILE C 430 6.04 6.15 -26.18
CA ILE C 430 7.09 6.22 -27.18
C ILE C 430 7.92 7.48 -26.98
N PHE C 431 7.24 8.62 -26.91
CA PHE C 431 7.96 9.88 -26.99
C PHE C 431 8.56 10.30 -25.66
N GLN C 432 7.97 9.89 -24.54
CA GLN C 432 8.62 10.12 -23.24
C GLN C 432 9.99 9.48 -23.19
N LYS C 433 10.13 8.29 -23.78
CA LYS C 433 11.41 7.60 -23.78
C LYS C 433 12.45 8.32 -24.61
N MET C 434 12.04 9.06 -25.63
CA MET C 434 12.94 9.93 -26.38
C MET C 434 13.25 11.22 -25.64
N GLY C 435 12.65 11.44 -24.46
CA GLY C 435 12.93 12.64 -23.71
C GLY C 435 12.08 13.83 -24.11
N ILE C 436 10.96 13.63 -24.79
CA ILE C 436 10.10 14.71 -25.26
C ILE C 436 8.85 14.75 -24.38
N PRO C 437 8.59 15.84 -23.67
CA PRO C 437 7.37 15.95 -22.87
C PRO C 437 6.14 15.67 -23.70
N PHE C 438 5.19 14.93 -23.10
CA PHE C 438 4.01 14.44 -23.79
C PHE C 438 2.77 14.69 -22.94
N ARG C 439 1.72 15.22 -23.56
CA ARG C 439 0.41 15.35 -22.93
C ARG C 439 -0.64 14.63 -23.75
N GLU C 440 -1.45 13.82 -23.08
CA GLU C 440 -2.56 13.14 -23.74
C GLU C 440 -3.63 14.18 -24.06
N MET C 441 -3.96 14.32 -25.35
CA MET C 441 -4.96 15.27 -25.78
C MET C 441 -6.27 14.61 -26.14
N HIS C 442 -6.46 13.33 -25.76
CA HIS C 442 -7.79 12.74 -25.75
C HIS C 442 -8.31 12.73 -24.31
N SER C 443 -7.66 11.96 -23.44
CA SER C 443 -8.07 11.78 -22.03
C SER C 443 -7.66 12.94 -21.13
N TRP C 444 -6.99 13.94 -21.68
CA TRP C 444 -6.35 15.02 -20.96
C TRP C 444 -5.38 14.54 -19.88
N ASP C 445 -4.90 13.30 -20.07
CA ASP C 445 -3.94 12.76 -19.07
C ASP C 445 -4.65 12.88 -17.70
N TYR C 446 -5.95 12.41 -17.62
CA TYR C 446 -6.71 12.22 -16.38
C TYR C 446 -6.88 13.55 -15.62
N SER C 447 -6.74 14.65 -16.34
CA SER C 447 -6.94 16.01 -15.84
C SER C 447 -8.15 16.63 -16.55
N GLY C 448 -8.17 17.96 -16.65
CA GLY C 448 -9.31 18.66 -17.26
C GLY C 448 -10.31 19.09 -16.19
N PRO C 449 -11.38 19.81 -16.61
CA PRO C 449 -11.71 20.12 -18.02
C PRO C 449 -10.71 21.05 -18.70
N TYR C 450 -10.71 21.07 -20.03
CA TYR C 450 -9.96 22.08 -20.76
C TYR C 450 -10.84 23.10 -21.47
N HIS C 451 -12.16 22.86 -21.58
CA HIS C 451 -13.00 23.85 -22.27
C HIS C 451 -13.30 25.02 -21.34
N GLY C 452 -13.52 26.19 -21.95
CA GLY C 452 -13.98 27.36 -21.22
C GLY C 452 -12.87 28.05 -20.44
N PHE C 453 -13.27 29.07 -19.68
CA PHE C 453 -12.29 29.81 -18.89
C PHE C 453 -11.73 28.96 -17.75
N ASP C 454 -12.59 28.23 -17.05
CA ASP C 454 -12.09 27.38 -15.96
C ASP C 454 -11.19 26.28 -16.51
N GLY C 455 -11.46 25.82 -17.73
CA GLY C 455 -10.64 24.78 -18.32
C GLY C 455 -9.28 25.28 -18.78
N PHE C 456 -9.23 26.55 -19.21
CA PHE C 456 -7.96 27.12 -19.67
C PHE C 456 -6.93 27.13 -18.53
N ALA C 457 -7.37 27.43 -17.32
CA ALA C 457 -6.46 27.40 -16.17
C ALA C 457 -5.82 26.03 -16.02
N ILE C 458 -6.62 24.97 -16.18
CA ILE C 458 -6.12 23.62 -15.98
C ILE C 458 -5.20 23.23 -17.12
N PHE C 459 -5.62 23.55 -18.35
CA PHE C 459 -4.78 23.34 -19.52
C PHE C 459 -3.41 24.01 -19.36
N ALA C 460 -3.39 25.27 -18.94
CA ALA C 460 -2.11 25.97 -18.79
C ALA C 460 -1.24 25.32 -17.73
N ARG C 461 -1.82 25.06 -16.55
CA ARG C 461 -1.09 24.36 -15.49
C ARG C 461 -0.52 23.04 -15.99
N ASP C 462 -1.31 22.29 -16.74
CA ASP C 462 -0.89 20.98 -17.22
C ASP C 462 0.24 21.09 -18.23
N MET C 463 0.13 22.01 -19.20
CA MET C 463 1.22 22.06 -20.15
C MET C 463 2.52 22.49 -19.47
N ASP C 464 2.43 23.39 -18.51
CA ASP C 464 3.63 23.80 -17.78
C ASP C 464 4.19 22.66 -16.94
N MET C 465 3.35 21.92 -16.21
CA MET C 465 3.92 20.92 -15.29
C MET C 465 4.67 19.83 -16.03
N THR C 466 4.25 19.54 -17.25
CA THR C 466 4.89 18.48 -18.01
C THR C 466 6.06 19.00 -18.83
N LEU C 467 5.87 20.10 -19.58
CA LEU C 467 6.94 20.60 -20.41
C LEU C 467 8.15 21.00 -19.57
N ASN C 468 7.90 21.62 -18.42
CA ASN C 468 8.98 22.14 -17.58
C ASN C 468 9.33 21.21 -16.42
N ASN C 469 8.92 19.94 -16.48
CA ASN C 469 9.18 19.04 -15.36
C ASN C 469 10.67 18.73 -15.22
N PRO C 470 11.18 18.59 -13.98
CA PRO C 470 12.61 18.26 -13.81
C PRO C 470 12.99 16.90 -14.35
N CYS C 471 12.05 15.99 -14.57
CA CYS C 471 12.45 14.67 -15.05
C CYS C 471 13.13 14.73 -16.42
N TRP C 472 12.76 15.69 -17.30
CA TRP C 472 13.27 15.69 -18.67
C TRP C 472 14.74 16.04 -18.73
N LYS C 473 15.33 16.45 -17.62
CA LYS C 473 16.75 16.72 -17.69
C LYS C 473 17.62 15.58 -17.24
N LYS C 474 17.04 14.42 -17.02
CA LYS C 474 17.70 13.33 -16.31
C LYS C 474 17.87 12.07 -17.14
N LEU C 475 17.50 12.07 -18.43
CA LEU C 475 17.47 10.81 -19.16
C LEU C 475 18.86 10.29 -19.50
N GLN C 476 19.86 11.16 -19.65
CA GLN C 476 21.21 10.70 -19.96
C GLN C 476 22.00 10.51 -18.68
N ALA C 477 22.59 9.34 -18.52
CA ALA C 477 23.39 9.07 -17.34
C ALA C 477 24.65 9.96 -17.35
N PRO C 478 25.04 10.52 -16.21
CA PRO C 478 26.18 11.45 -16.20
C PRO C 478 27.48 10.82 -16.64
N TRP C 479 27.59 9.50 -16.69
CA TRP C 479 28.80 8.87 -17.18
C TRP C 479 28.75 8.54 -18.68
N GLU C 480 27.73 9.02 -19.39
CA GLU C 480 27.65 8.84 -20.84
C GLU C 480 27.53 10.18 -21.58
N SER D 2 -15.39 29.38 -11.66
CA SER D 2 -14.26 30.28 -11.41
C SER D 2 -13.04 29.49 -10.92
N GLN D 3 -11.85 30.09 -11.09
CA GLN D 3 -10.60 29.52 -10.60
C GLN D 3 -9.83 30.59 -9.84
N GLN D 4 -9.10 30.16 -8.80
CA GLN D 4 -8.05 30.96 -8.18
C GLN D 4 -6.73 30.48 -8.76
N VAL D 5 -5.97 31.39 -9.37
CA VAL D 5 -4.83 30.99 -10.19
C VAL D 5 -3.79 30.23 -9.40
N ASP D 6 -3.65 30.52 -8.10
CA ASP D 6 -2.63 29.84 -7.29
C ASP D 6 -3.11 28.54 -6.65
N LYS D 7 -4.39 28.19 -6.80
CA LYS D 7 -4.91 26.90 -6.33
C LYS D 7 -5.94 26.43 -7.35
N ILE D 8 -5.46 26.03 -8.53
CA ILE D 8 -6.35 25.63 -9.62
C ILE D 8 -6.98 24.28 -9.30
N LYS D 9 -8.29 24.18 -9.54
CA LYS D 9 -9.08 22.98 -9.30
C LYS D 9 -9.36 22.26 -10.61
N ALA D 10 -9.04 20.97 -10.66
CA ALA D 10 -9.52 20.11 -11.75
C ALA D 10 -10.93 19.65 -11.43
N SER D 11 -11.49 18.80 -12.31
CA SER D 11 -12.90 18.39 -12.27
C SER D 11 -13.37 18.08 -10.86
N TYR D 12 -12.60 17.26 -10.13
CA TYR D 12 -12.69 17.17 -8.67
C TYR D 12 -11.59 18.03 -8.05
N PRO D 13 -11.90 19.04 -7.22
CA PRO D 13 -13.24 19.35 -6.71
C PRO D 13 -13.95 20.53 -7.37
N LEU D 14 -13.53 20.94 -8.58
CA LEU D 14 -14.13 22.10 -9.25
C LEU D 14 -15.65 22.03 -9.25
N PHE D 15 -16.21 20.90 -9.65
CA PHE D 15 -17.64 20.81 -9.88
C PHE D 15 -18.45 20.71 -8.58
N LEU D 16 -17.79 20.74 -7.42
CA LEU D 16 -18.47 20.88 -6.14
C LEU D 16 -18.70 22.33 -5.76
N ASP D 17 -18.15 23.29 -6.52
CA ASP D 17 -18.47 24.70 -6.29
C ASP D 17 -19.98 24.92 -6.40
N GLN D 18 -20.48 25.90 -5.64
CA GLN D 18 -21.92 26.11 -5.57
C GLN D 18 -22.52 26.42 -6.94
N ASP D 19 -21.82 27.21 -7.77
CA ASP D 19 -22.45 27.58 -9.03
C ASP D 19 -22.54 26.38 -9.97
N TYR D 20 -21.54 25.50 -9.97
CA TYR D 20 -21.65 24.28 -10.74
C TYR D 20 -22.72 23.34 -10.17
N LYS D 21 -22.78 23.20 -8.84
CA LYS D 21 -23.84 22.40 -8.23
C LYS D 21 -25.22 22.90 -8.66
N ASP D 22 -25.43 24.22 -8.59
CA ASP D 22 -26.73 24.79 -8.92
C ASP D 22 -27.07 24.54 -10.38
N MET D 23 -26.07 24.67 -11.24
CA MET D 23 -26.29 24.44 -12.68
C MET D 23 -26.65 22.99 -12.97
N LEU D 24 -25.98 22.04 -12.29
CA LEU D 24 -26.29 20.63 -12.52
C LEU D 24 -27.67 20.26 -11.97
N ALA D 25 -28.14 20.92 -10.92
CA ALA D 25 -29.51 20.65 -10.42
C ALA D 25 -30.50 21.15 -11.46
N LYS D 26 -30.24 22.31 -12.03
CA LYS D 26 -31.15 22.87 -13.05
C LYS D 26 -31.16 21.97 -14.29
N LYS D 27 -30.02 21.43 -14.68
CA LYS D 27 -30.01 20.54 -15.84
C LYS D 27 -30.85 19.30 -15.55
N ARG D 28 -30.65 18.68 -14.38
CA ARG D 28 -31.44 17.51 -14.00
C ARG D 28 -32.93 17.84 -13.99
N ASP D 29 -33.32 18.89 -13.25
CA ASP D 29 -34.74 19.16 -13.06
C ASP D 29 -35.39 19.63 -14.35
N GLY D 30 -34.64 20.33 -15.18
CA GLY D 30 -35.22 20.87 -16.39
C GLY D 30 -35.43 19.86 -17.50
N PHE D 31 -34.44 19.00 -17.72
CA PHE D 31 -34.37 18.30 -18.99
C PHE D 31 -34.07 16.81 -18.91
N GLU D 32 -33.68 16.27 -17.76
CA GLU D 32 -33.29 14.87 -17.69
C GLU D 32 -34.44 13.92 -17.37
N GLU D 33 -35.59 14.42 -16.92
CA GLU D 33 -36.74 13.59 -16.55
C GLU D 33 -36.28 12.39 -15.73
N LYS D 34 -35.51 12.71 -14.67
CA LYS D 34 -34.82 11.73 -13.85
C LYS D 34 -35.78 11.08 -12.87
N TYR D 35 -35.56 9.79 -12.61
CA TYR D 35 -36.35 9.10 -11.61
C TYR D 35 -36.18 9.79 -10.26
N PRO D 36 -37.22 9.84 -9.43
CA PRO D 36 -37.09 10.48 -8.12
C PRO D 36 -36.01 9.79 -7.30
N GLN D 37 -35.31 10.57 -6.47
CA GLN D 37 -34.24 9.99 -5.67
C GLN D 37 -34.76 8.84 -4.79
N ASP D 38 -35.99 8.96 -4.28
CA ASP D 38 -36.54 7.89 -3.46
C ASP D 38 -36.61 6.59 -4.25
N LYS D 39 -37.06 6.66 -5.50
CA LYS D 39 -37.11 5.47 -6.34
C LYS D 39 -35.70 4.93 -6.61
N ILE D 40 -34.74 5.81 -6.84
CA ILE D 40 -33.37 5.37 -7.08
C ILE D 40 -32.83 4.62 -5.86
N ASP D 41 -33.06 5.17 -4.67
CA ASP D 41 -32.66 4.49 -3.43
C ASP D 41 -33.35 3.15 -3.29
N GLU D 42 -34.65 3.12 -3.55
CA GLU D 42 -35.41 1.87 -3.45
C GLU D 42 -34.83 0.79 -4.34
N VAL D 43 -34.55 1.13 -5.61
CA VAL D 43 -34.01 0.16 -6.55
C VAL D 43 -32.59 -0.23 -6.17
N PHE D 44 -31.75 0.72 -5.77
CA PHE D 44 -30.42 0.35 -5.33
C PHE D 44 -30.48 -0.68 -4.22
N GLN D 45 -31.31 -0.43 -3.21
CA GLN D 45 -31.42 -1.38 -2.11
C GLN D 45 -31.87 -2.74 -2.60
N TRP D 46 -32.83 -2.77 -3.53
CA TRP D 46 -33.27 -4.04 -4.09
C TRP D 46 -32.11 -4.80 -4.74
N THR D 47 -31.21 -4.09 -5.44
CA THR D 47 -30.08 -4.76 -6.09
C THR D 47 -29.07 -5.33 -5.09
N THR D 48 -29.21 -5.04 -3.80
CA THR D 48 -28.34 -5.65 -2.80
C THR D 48 -28.94 -6.89 -2.15
N THR D 49 -30.14 -7.31 -2.53
CA THR D 49 -30.85 -8.36 -1.82
C THR D 49 -30.58 -9.75 -2.38
N LYS D 50 -31.00 -10.76 -1.62
CA LYS D 50 -30.87 -12.17 -2.05
C LYS D 50 -31.88 -12.43 -3.18
N GLU D 51 -33.05 -11.81 -3.11
CA GLU D 51 -34.08 -11.95 -4.16
C GLU D 51 -33.48 -11.52 -5.50
N TYR D 52 -32.81 -10.36 -5.52
CA TYR D 52 -32.17 -9.87 -6.75
C TYR D 52 -31.04 -10.81 -7.16
N GLN D 53 -30.29 -11.32 -6.20
CA GLN D 53 -29.20 -12.27 -6.56
C GLN D 53 -29.78 -13.48 -7.29
N GLU D 54 -30.93 -13.99 -6.84
CA GLU D 54 -31.51 -15.18 -7.49
C GLU D 54 -31.85 -14.85 -8.94
N LEU D 55 -32.42 -13.68 -9.19
CA LEU D 55 -32.74 -13.27 -10.57
C LEU D 55 -31.43 -13.07 -11.34
N ASN D 56 -30.46 -12.42 -10.70
CA ASN D 56 -29.16 -12.18 -11.31
C ASN D 56 -28.52 -13.49 -11.79
N PHE D 57 -28.54 -14.52 -10.95
CA PHE D 57 -27.90 -15.78 -11.29
C PHE D 57 -28.72 -16.62 -12.25
N GLN D 58 -29.93 -16.21 -12.58
CA GLN D 58 -30.72 -16.88 -13.61
C GLN D 58 -30.42 -16.36 -15.01
N ARG D 59 -29.50 -15.41 -15.17
CA ARG D 59 -29.20 -14.88 -16.50
C ARG D 59 -28.69 -15.99 -17.41
N GLU D 60 -29.18 -15.99 -18.65
CA GLU D 60 -28.72 -16.93 -19.66
C GLU D 60 -28.15 -16.26 -20.90
N ALA D 61 -28.45 -15.00 -21.13
CA ALA D 61 -28.07 -14.33 -22.37
C ALA D 61 -27.26 -13.07 -22.13
N LEU D 62 -27.57 -12.31 -21.08
CA LEU D 62 -26.88 -11.08 -20.77
C LEU D 62 -25.65 -11.33 -19.91
N THR D 63 -24.52 -10.77 -20.31
CA THR D 63 -23.33 -10.68 -19.48
C THR D 63 -23.12 -9.23 -19.06
N VAL D 64 -22.74 -9.01 -17.80
CA VAL D 64 -22.52 -7.66 -17.28
C VAL D 64 -21.19 -7.60 -16.56
N ASN D 65 -20.30 -6.71 -17.02
CA ASN D 65 -18.99 -6.55 -16.41
C ASN D 65 -18.19 -7.85 -16.41
N PRO D 66 -17.80 -8.35 -17.59
CA PRO D 66 -17.04 -9.60 -17.65
C PRO D 66 -15.67 -9.50 -17.00
N ALA D 67 -15.15 -10.66 -16.62
CA ALA D 67 -13.80 -10.77 -16.08
C ALA D 67 -12.96 -11.63 -17.02
N LYS D 68 -12.95 -11.27 -18.31
CA LYS D 68 -12.15 -11.93 -19.34
C LYS D 68 -12.08 -11.02 -20.56
N ALA D 69 -11.13 -11.30 -21.45
CA ALA D 69 -11.01 -10.60 -22.73
C ALA D 69 -10.95 -11.63 -23.86
N CYS D 70 -10.64 -11.22 -25.09
CA CYS D 70 -10.73 -12.12 -26.24
C CYS D 70 -9.36 -12.60 -26.71
N GLN D 71 -9.38 -13.73 -27.43
CA GLN D 71 -8.17 -14.47 -27.81
C GLN D 71 -7.03 -13.62 -28.36
N PRO D 72 -7.21 -12.75 -29.38
CA PRO D 72 -6.03 -12.12 -29.98
C PRO D 72 -5.26 -11.23 -29.01
N LEU D 73 -5.88 -10.74 -27.93
CA LEU D 73 -5.09 -10.05 -26.90
C LEU D 73 -3.97 -10.93 -26.36
N GLY D 74 -4.29 -12.19 -26.06
CA GLY D 74 -3.27 -13.12 -25.60
C GLY D 74 -2.27 -13.47 -26.69
N ALA D 75 -2.73 -13.57 -27.94
CA ALA D 75 -1.79 -13.84 -29.02
C ALA D 75 -0.74 -12.75 -29.13
N VAL D 76 -1.16 -11.48 -29.00
CA VAL D 76 -0.24 -10.35 -29.11
C VAL D 76 0.78 -10.38 -27.98
N LEU D 77 0.34 -10.64 -26.75
CA LEU D 77 1.29 -10.70 -25.64
C LEU D 77 2.30 -11.85 -25.84
N CYS D 78 1.82 -13.00 -26.35
CA CYS D 78 2.74 -14.10 -26.61
C CYS D 78 3.76 -13.71 -27.68
N ALA D 79 3.27 -13.13 -28.78
CA ALA D 79 4.17 -12.71 -29.87
C ALA D 79 5.22 -11.72 -29.39
N LEU D 80 4.84 -10.82 -28.50
CA LEU D 80 5.80 -9.82 -28.01
C LEU D 80 7.00 -10.44 -27.32
N GLY D 81 6.91 -11.70 -26.87
CA GLY D 81 8.01 -12.31 -26.15
C GLY D 81 9.11 -12.91 -27.00
N PHE D 82 9.10 -12.63 -28.31
CA PHE D 82 10.09 -13.21 -29.20
C PHE D 82 10.92 -12.09 -29.80
N GLU D 83 12.19 -12.40 -30.04
CA GLU D 83 13.16 -11.39 -30.44
C GLU D 83 12.78 -10.73 -31.76
N LYS D 84 12.75 -9.39 -31.74
CA LYS D 84 12.48 -8.57 -32.93
C LYS D 84 11.26 -9.09 -33.69
N THR D 85 10.25 -9.46 -32.93
CA THR D 85 9.01 -10.02 -33.51
C THR D 85 7.89 -8.98 -33.49
N MET D 86 7.19 -8.81 -34.61
CA MET D 86 6.06 -7.86 -34.66
C MET D 86 4.76 -8.64 -34.61
N PRO D 87 3.90 -8.40 -33.59
CA PRO D 87 2.60 -9.01 -33.55
C PRO D 87 1.81 -8.41 -34.73
N TYR D 88 1.08 -9.27 -35.42
CA TYR D 88 0.30 -8.90 -36.63
C TYR D 88 -1.04 -9.60 -36.55
N VAL D 89 -2.10 -8.82 -36.50
CA VAL D 89 -3.46 -9.38 -36.35
C VAL D 89 -4.19 -9.21 -37.67
N HIS D 90 -4.32 -10.30 -38.40
CA HIS D 90 -5.04 -10.29 -39.69
C HIS D 90 -6.50 -10.04 -39.40
N GLY D 91 -7.04 -9.02 -40.03
CA GLY D 91 -8.40 -8.64 -39.71
C GLY D 91 -8.61 -7.14 -39.59
N SER D 92 -9.56 -6.75 -38.76
CA SER D 92 -10.00 -5.36 -38.74
C SER D 92 -9.23 -4.53 -37.71
N GLN D 93 -8.89 -3.31 -38.10
CA GLN D 93 -7.91 -2.52 -37.36
C GLN D 93 -8.41 -2.03 -36.00
N GLY D 94 -9.73 -1.90 -35.79
CA GLY D 94 -10.21 -1.45 -34.50
C GLY D 94 -9.72 -2.31 -33.35
N CYS D 95 -9.57 -3.61 -33.61
CA CYS D 95 -9.07 -4.53 -32.59
C CYS D 95 -7.68 -4.15 -32.11
N VAL D 96 -6.79 -3.84 -33.05
CA VAL D 96 -5.39 -3.57 -32.70
C VAL D 96 -5.27 -2.27 -31.90
N ALA D 97 -6.04 -1.24 -32.26
CA ALA D 97 -6.06 -0.03 -31.42
C ALA D 97 -6.42 -0.38 -29.98
N TYR D 98 -7.40 -1.28 -29.80
CA TYR D 98 -7.82 -1.66 -28.45
C TYR D 98 -6.77 -2.52 -27.74
N PHE D 99 -6.21 -3.52 -28.43
CA PHE D 99 -5.18 -4.35 -27.78
C PHE D 99 -4.01 -3.49 -27.30
N ARG D 100 -3.51 -2.62 -28.17
CA ARG D 100 -2.40 -1.74 -27.82
C ARG D 100 -2.75 -0.87 -26.62
N SER D 101 -3.89 -0.18 -26.69
CA SER D 101 -4.31 0.72 -25.61
C SER D 101 -4.48 -0.03 -24.29
N TYR D 102 -5.02 -1.24 -24.35
CA TYR D 102 -5.29 -1.97 -23.11
C TYR D 102 -3.98 -2.33 -22.42
N PHE D 103 -3.00 -2.81 -23.19
CA PHE D 103 -1.69 -3.10 -22.62
C PHE D 103 -0.93 -1.82 -22.27
N ASN D 104 -1.02 -0.78 -23.11
CA ASN D 104 -0.44 0.53 -22.80
C ASN D 104 -0.80 0.93 -21.38
N ARG D 105 -2.08 0.81 -21.04
CA ARG D 105 -2.56 1.36 -19.77
C ARG D 105 -2.11 0.49 -18.60
N HIS D 106 -1.88 -0.80 -18.82
CA HIS D 106 -1.46 -1.68 -17.73
C HIS D 106 0.05 -1.63 -17.48
N PHE D 107 0.84 -1.62 -18.55
CA PHE D 107 2.31 -1.62 -18.42
C PHE D 107 2.90 -0.22 -18.42
N ARG D 108 2.15 0.78 -18.87
CA ARG D 108 2.64 2.13 -19.10
C ARG D 108 3.89 2.09 -19.97
N GLU D 109 3.80 1.36 -21.07
CA GLU D 109 4.87 1.14 -22.03
C GLU D 109 4.29 1.21 -23.42
N PRO D 110 5.11 1.50 -24.43
CA PRO D 110 4.67 1.31 -25.81
C PRO D 110 4.34 -0.15 -26.05
N VAL D 111 3.39 -0.38 -26.95
CA VAL D 111 2.97 -1.72 -27.32
C VAL D 111 2.86 -1.74 -28.83
N SER D 112 3.79 -2.41 -29.50
CA SER D 112 3.84 -2.39 -30.96
C SER D 112 3.12 -3.60 -31.52
N CYS D 113 2.23 -3.35 -32.48
CA CYS D 113 1.34 -4.34 -33.07
C CYS D 113 0.75 -3.73 -34.33
N VAL D 114 0.64 -4.49 -35.40
CA VAL D 114 0.03 -3.97 -36.62
C VAL D 114 -1.23 -4.74 -36.96
N SER D 115 -2.03 -4.14 -37.83
CA SER D 115 -3.21 -4.74 -38.45
C SER D 115 -2.97 -4.78 -39.95
N ASP D 116 -3.78 -5.53 -40.69
CA ASP D 116 -3.82 -5.32 -42.14
C ASP D 116 -5.14 -4.71 -42.59
N SER D 117 -5.90 -4.13 -41.66
CA SER D 117 -6.97 -3.17 -41.98
C SER D 117 -7.97 -3.72 -43.00
N MET D 118 -8.56 -4.88 -42.66
CA MET D 118 -9.63 -5.41 -43.50
C MET D 118 -10.90 -4.59 -43.30
N THR D 119 -11.54 -4.24 -44.42
CA THR D 119 -12.68 -3.36 -44.47
C THR D 119 -13.87 -4.07 -45.12
N GLU D 120 -14.88 -3.31 -45.56
CA GLU D 120 -16.04 -3.92 -46.22
C GLU D 120 -15.64 -4.70 -47.46
N ASP D 121 -14.66 -4.20 -48.22
CA ASP D 121 -14.18 -4.91 -49.40
C ASP D 121 -13.71 -6.31 -49.02
N ALA D 122 -12.90 -6.41 -47.96
CA ALA D 122 -12.42 -7.71 -47.51
C ALA D 122 -13.57 -8.58 -47.00
N ALA D 123 -14.59 -7.96 -46.39
CA ALA D 123 -15.77 -8.71 -45.98
C ALA D 123 -16.41 -9.46 -47.14
N VAL D 124 -16.32 -8.93 -48.36
CA VAL D 124 -16.93 -9.55 -49.53
C VAL D 124 -15.95 -10.49 -50.24
N PHE D 125 -14.70 -10.07 -50.39
CA PHE D 125 -13.73 -10.78 -51.22
C PHE D 125 -12.70 -11.58 -50.43
N GLY D 126 -12.73 -11.50 -49.10
CA GLY D 126 -11.69 -12.10 -48.28
C GLY D 126 -10.48 -11.18 -48.15
N GLY D 127 -9.61 -11.53 -47.22
CA GLY D 127 -8.53 -10.64 -46.90
C GLY D 127 -7.16 -11.00 -47.46
N GLN D 128 -7.11 -11.65 -48.63
CA GLN D 128 -5.82 -12.09 -49.13
C GLN D 128 -4.94 -10.91 -49.53
N GLN D 129 -5.51 -9.92 -50.22
CA GLN D 129 -4.70 -8.78 -50.65
C GLN D 129 -4.18 -7.99 -49.45
N ASN D 130 -4.99 -7.88 -48.40
CA ASN D 130 -4.53 -7.22 -47.18
C ASN D 130 -3.34 -7.96 -46.58
N MET D 131 -3.34 -9.30 -46.66
CA MET D 131 -2.22 -10.06 -46.10
C MET D 131 -0.96 -9.87 -46.93
N LYS D 132 -1.06 -9.89 -48.25
CA LYS D 132 0.14 -9.76 -49.08
C LYS D 132 0.76 -8.38 -48.91
N ASP D 133 -0.05 -7.32 -49.09
CA ASP D 133 0.45 -5.97 -48.90
C ASP D 133 0.85 -5.74 -47.45
N GLY D 134 0.06 -6.25 -46.51
CA GLY D 134 0.36 -5.99 -45.10
C GLY D 134 1.68 -6.56 -44.66
N LEU D 135 1.98 -7.81 -45.06
CA LEU D 135 3.25 -8.41 -44.69
C LEU D 135 4.42 -7.66 -45.33
N GLN D 136 4.27 -7.27 -46.61
CA GLN D 136 5.31 -6.52 -47.28
C GLN D 136 5.51 -5.17 -46.60
N ASN D 137 4.42 -4.47 -46.31
CA ASN D 137 4.51 -3.14 -45.70
C ASN D 137 5.09 -3.22 -44.30
N CYS D 138 4.65 -4.21 -43.52
CA CYS D 138 5.15 -4.35 -42.16
C CYS D 138 6.65 -4.60 -42.16
N LYS D 139 7.11 -5.56 -42.97
CA LYS D 139 8.53 -5.92 -42.94
C LYS D 139 9.40 -4.77 -43.42
N ALA D 140 8.97 -4.06 -44.46
CA ALA D 140 9.77 -2.95 -44.98
C ALA D 140 9.85 -1.81 -43.96
N THR D 141 8.76 -1.50 -43.28
CA THR D 141 8.67 -0.29 -42.47
C THR D 141 9.23 -0.49 -41.06
N TYR D 142 8.87 -1.59 -40.41
CA TYR D 142 9.25 -1.79 -39.01
C TYR D 142 10.37 -2.81 -38.85
N LYS D 143 10.87 -3.36 -39.96
CA LYS D 143 12.00 -4.27 -40.05
C LYS D 143 12.05 -5.29 -38.92
N PRO D 144 10.97 -6.04 -38.66
CA PRO D 144 11.07 -7.15 -37.71
C PRO D 144 11.83 -8.31 -38.33
N ASP D 145 12.40 -9.14 -37.47
CA ASP D 145 12.97 -10.39 -37.94
C ASP D 145 11.91 -11.48 -38.11
N MET D 146 10.73 -11.30 -37.52
CA MET D 146 9.68 -12.29 -37.56
C MET D 146 8.34 -11.58 -37.40
N ILE D 147 7.32 -12.05 -38.12
CA ILE D 147 5.95 -11.56 -38.00
C ILE D 147 5.09 -12.74 -37.52
N ALA D 148 4.42 -12.57 -36.39
CA ALA D 148 3.61 -13.63 -35.80
C ALA D 148 2.15 -13.25 -35.95
N VAL D 149 1.40 -14.05 -36.71
CA VAL D 149 0.10 -13.66 -37.24
C VAL D 149 -1.02 -14.32 -36.42
N SER D 150 -1.98 -13.51 -35.98
CA SER D 150 -3.22 -14.00 -35.36
C SER D 150 -4.40 -13.34 -36.08
N THR D 151 -5.64 -13.50 -35.58
CA THR D 151 -6.81 -13.09 -36.36
C THR D 151 -7.82 -12.35 -35.50
N THR D 152 -8.57 -11.43 -36.12
CA THR D 152 -9.73 -10.87 -35.47
C THR D 152 -10.95 -11.70 -35.87
N CYS D 153 -12.09 -11.41 -35.22
CA CYS D 153 -13.23 -12.30 -35.43
C CYS D 153 -13.82 -12.14 -36.83
N MET D 154 -13.63 -10.98 -37.47
CA MET D 154 -14.00 -10.82 -38.87
C MET D 154 -13.37 -11.89 -39.74
N ALA D 155 -12.05 -12.02 -39.64
CA ALA D 155 -11.33 -12.96 -40.49
C ALA D 155 -11.72 -14.39 -40.19
N GLU D 156 -12.05 -14.68 -38.92
CA GLU D 156 -12.52 -16.02 -38.58
C GLU D 156 -13.90 -16.29 -39.17
N VAL D 157 -14.83 -15.33 -39.08
CA VAL D 157 -16.19 -15.60 -39.54
C VAL D 157 -16.21 -15.80 -41.06
N ILE D 158 -15.48 -14.97 -41.80
CA ILE D 158 -15.48 -15.13 -43.26
C ILE D 158 -14.55 -16.24 -43.73
N GLY D 159 -13.81 -16.87 -42.83
CA GLY D 159 -13.09 -18.08 -43.16
C GLY D 159 -11.81 -17.89 -43.96
N ASP D 160 -11.05 -16.81 -43.69
CA ASP D 160 -9.78 -16.60 -44.38
C ASP D 160 -8.81 -17.74 -44.09
N ASP D 161 -8.20 -18.27 -45.15
CA ASP D 161 -7.21 -19.35 -45.07
C ASP D 161 -5.85 -18.72 -44.84
N LEU D 162 -5.45 -18.62 -43.57
CA LEU D 162 -4.19 -17.98 -43.22
C LEU D 162 -3.02 -18.62 -43.93
N ASN D 163 -2.95 -19.95 -43.89
CA ASN D 163 -1.82 -20.66 -44.47
C ASN D 163 -1.70 -20.39 -45.96
N ALA D 164 -2.81 -20.49 -46.69
CA ALA D 164 -2.77 -20.20 -48.12
C ALA D 164 -2.35 -18.75 -48.37
N PHE D 165 -2.89 -17.81 -47.59
CA PHE D 165 -2.60 -16.39 -47.82
C PHE D 165 -1.11 -16.10 -47.62
N ILE D 166 -0.54 -16.65 -46.55
CA ILE D 166 0.88 -16.42 -46.28
C ILE D 166 1.75 -17.11 -47.32
N ASN D 167 1.39 -18.34 -47.71
CA ASN D 167 2.16 -19.02 -48.73
C ASN D 167 2.12 -18.26 -50.04
N ASN D 168 0.96 -17.72 -50.41
CA ASN D 168 0.86 -16.93 -51.64
C ASN D 168 1.65 -15.64 -51.54
N SER D 169 1.72 -15.05 -50.34
CA SER D 169 2.55 -13.85 -50.14
C SER D 169 4.01 -14.15 -50.47
N LYS D 170 4.49 -15.33 -50.07
CA LYS D 170 5.86 -15.72 -50.38
C LYS D 170 6.02 -16.14 -51.83
N LYS D 171 5.07 -16.92 -52.36
CA LYS D 171 5.18 -17.39 -53.74
C LYS D 171 5.13 -16.24 -54.74
N GLU D 172 4.40 -15.17 -54.42
CA GLU D 172 4.30 -14.01 -55.29
C GLU D 172 5.30 -12.92 -54.94
N GLY D 173 6.19 -13.14 -53.99
CA GLY D 173 7.29 -12.22 -53.75
C GLY D 173 6.99 -11.05 -52.86
N PHE D 174 5.89 -11.09 -52.10
CA PHE D 174 5.62 -9.99 -51.19
C PHE D 174 6.58 -10.01 -50.01
N ILE D 175 6.98 -11.20 -49.57
CA ILE D 175 8.01 -11.36 -48.55
C ILE D 175 8.92 -12.50 -48.95
N PRO D 176 10.14 -12.54 -48.44
CA PRO D 176 11.06 -13.61 -48.80
C PRO D 176 10.58 -14.96 -48.27
N ASP D 177 10.85 -16.00 -49.06
CA ASP D 177 10.32 -17.33 -48.73
C ASP D 177 10.79 -17.80 -47.37
N GLU D 178 12.00 -17.43 -46.97
CA GLU D 178 12.57 -17.88 -45.71
C GLU D 178 12.25 -16.96 -44.55
N PHE D 179 11.49 -15.88 -44.77
CA PHE D 179 11.13 -14.98 -43.67
C PHE D 179 10.13 -15.68 -42.76
N PRO D 180 10.33 -15.66 -41.44
CA PRO D 180 9.45 -16.46 -40.56
C PRO D 180 8.12 -15.76 -40.29
N VAL D 181 7.03 -16.44 -40.64
CA VAL D 181 5.66 -15.94 -40.42
C VAL D 181 4.83 -17.05 -39.78
N PRO D 182 5.05 -17.37 -38.51
CA PRO D 182 4.14 -18.31 -37.83
C PRO D 182 2.76 -17.68 -37.67
N PHE D 183 1.74 -18.53 -37.58
CA PHE D 183 0.38 -18.01 -37.48
C PHE D 183 -0.46 -18.87 -36.56
N ALA D 184 -1.56 -18.31 -36.10
CA ALA D 184 -2.56 -19.05 -35.34
C ALA D 184 -3.93 -18.41 -35.57
N HIS D 185 -4.95 -19.25 -35.68
CA HIS D 185 -6.32 -18.76 -35.64
C HIS D 185 -6.70 -18.46 -34.20
N THR D 186 -7.19 -17.24 -33.93
CA THR D 186 -7.51 -16.79 -32.58
C THR D 186 -8.92 -16.22 -32.51
N PRO D 187 -9.95 -17.06 -32.60
CA PRO D 187 -11.33 -16.56 -32.63
C PRO D 187 -11.79 -16.08 -31.27
N SER D 188 -12.23 -14.81 -31.21
CA SER D 188 -12.66 -14.18 -29.98
C SER D 188 -13.89 -14.84 -29.37
N PHE D 189 -14.66 -15.57 -30.16
CA PHE D 189 -15.88 -16.22 -29.67
C PHE D 189 -15.60 -17.64 -29.16
N VAL D 190 -14.34 -18.00 -28.96
CA VAL D 190 -13.97 -19.26 -28.33
C VAL D 190 -13.03 -18.94 -27.19
N GLY D 191 -13.30 -19.51 -26.01
CA GLY D 191 -12.38 -19.31 -24.90
C GLY D 191 -12.23 -17.84 -24.53
N SER D 192 -10.99 -17.41 -24.34
CA SER D 192 -10.71 -16.07 -23.84
C SER D 192 -9.29 -15.69 -24.26
N HIS D 193 -8.79 -14.59 -23.70
CA HIS D 193 -7.45 -14.11 -24.03
C HIS D 193 -6.39 -15.17 -23.77
N VAL D 194 -6.55 -15.99 -22.72
CA VAL D 194 -5.52 -16.98 -22.43
C VAL D 194 -5.51 -18.06 -23.50
N THR D 195 -6.67 -18.37 -24.09
CA THR D 195 -6.73 -19.33 -25.18
C THR D 195 -5.94 -18.82 -26.38
N GLY D 196 -6.02 -17.50 -26.63
CA GLY D 196 -5.25 -16.91 -27.72
C GLY D 196 -3.76 -17.03 -27.50
N TRP D 197 -3.31 -16.89 -26.24
CA TRP D 197 -1.90 -17.11 -25.94
C TRP D 197 -1.49 -18.53 -26.29
N ASP D 198 -2.23 -19.53 -25.78
CA ASP D 198 -1.96 -20.93 -26.07
C ASP D 198 -1.91 -21.18 -27.58
N ASN D 199 -2.89 -20.67 -28.31
CA ASN D 199 -2.94 -20.93 -29.75
C ASN D 199 -1.73 -20.31 -30.46
N MET D 200 -1.35 -19.10 -30.07
CA MET D 200 -0.26 -18.43 -30.76
C MET D 200 1.07 -19.13 -30.45
N PHE D 201 1.28 -19.49 -29.17
CA PHE D 201 2.53 -20.20 -28.83
C PHE D 201 2.64 -21.50 -29.60
N GLU D 202 1.57 -22.30 -29.60
CA GLU D 202 1.61 -23.58 -30.30
C GLU D 202 1.89 -23.38 -31.80
N GLY D 203 1.38 -22.29 -32.38
CA GLY D 203 1.69 -22.00 -33.78
C GLY D 203 3.16 -21.69 -34.01
N ILE D 204 3.76 -20.88 -33.12
CA ILE D 204 5.18 -20.57 -33.25
C ILE D 204 6.03 -21.80 -33.00
N ALA D 205 5.68 -22.61 -31.99
CA ALA D 205 6.39 -23.85 -31.76
C ALA D 205 6.30 -24.78 -32.97
N ARG D 206 5.11 -24.91 -33.57
CA ARG D 206 4.98 -25.73 -34.76
C ARG D 206 5.86 -25.20 -35.87
N TYR D 207 5.88 -23.88 -36.04
CA TYR D 207 6.60 -23.28 -37.17
C TYR D 207 8.07 -23.66 -37.16
N PHE D 208 8.70 -23.73 -35.99
CA PHE D 208 10.13 -23.92 -35.91
C PHE D 208 10.55 -25.35 -35.65
N THR D 209 9.62 -26.28 -35.40
CA THR D 209 10.02 -27.64 -35.06
C THR D 209 9.25 -28.76 -35.74
N LEU D 210 8.06 -28.51 -36.31
CA LEU D 210 7.22 -29.63 -36.76
C LEU D 210 7.90 -30.45 -37.83
N LYS D 211 8.62 -29.80 -38.75
CA LYS D 211 9.23 -30.47 -39.89
C LYS D 211 10.72 -30.72 -39.70
N SER D 212 11.26 -30.51 -38.50
CA SER D 212 12.69 -30.68 -38.28
C SER D 212 12.98 -31.59 -37.09
N MET D 213 12.12 -32.58 -36.83
CA MET D 213 12.27 -33.40 -35.65
C MET D 213 13.25 -34.56 -35.80
N ASP D 214 13.66 -34.88 -37.02
CA ASP D 214 14.43 -36.12 -37.21
C ASP D 214 15.80 -36.05 -36.55
N ASP D 215 16.40 -34.87 -36.45
CA ASP D 215 17.71 -34.75 -35.83
C ASP D 215 17.64 -34.39 -34.34
N LYS D 216 16.44 -34.36 -33.76
CA LYS D 216 16.28 -33.98 -32.36
C LYS D 216 16.50 -35.18 -31.45
N VAL D 217 17.06 -34.90 -30.27
CA VAL D 217 17.27 -35.91 -29.23
C VAL D 217 16.93 -35.27 -27.88
N VAL D 218 15.95 -35.86 -27.18
CA VAL D 218 15.53 -35.30 -25.90
C VAL D 218 16.71 -35.27 -24.93
N GLY D 219 16.85 -34.16 -24.21
CA GLY D 219 17.89 -34.02 -23.21
C GLY D 219 19.25 -33.63 -23.73
N SER D 220 19.42 -33.50 -25.05
CA SER D 220 20.76 -33.32 -25.60
C SER D 220 21.31 -31.91 -25.40
N ASN D 221 20.49 -30.90 -25.15
CA ASN D 221 21.04 -29.59 -24.84
C ASN D 221 21.10 -29.30 -23.34
N LYS D 222 20.69 -30.26 -22.51
CA LYS D 222 20.81 -30.20 -21.06
C LYS D 222 20.03 -29.04 -20.43
N LYS D 223 19.03 -28.50 -21.12
CA LYS D 223 18.23 -27.40 -20.61
C LYS D 223 16.82 -27.88 -20.27
N ILE D 224 16.09 -27.03 -19.55
CA ILE D 224 14.66 -27.21 -19.32
C ILE D 224 13.95 -26.04 -19.96
N ASN D 225 12.95 -26.33 -20.79
CA ASN D 225 12.12 -25.26 -21.34
C ASN D 225 11.11 -24.79 -20.30
N ILE D 226 10.85 -23.49 -20.29
CA ILE D 226 9.84 -22.87 -19.42
C ILE D 226 8.87 -22.10 -20.31
N VAL D 227 7.59 -22.43 -20.21
CA VAL D 227 6.54 -21.74 -20.96
C VAL D 227 5.68 -20.98 -19.96
N PRO D 228 5.68 -19.64 -19.97
CA PRO D 228 5.05 -18.89 -18.88
C PRO D 228 3.56 -18.70 -19.01
N GLY D 229 3.01 -18.78 -20.23
CA GLY D 229 1.61 -18.45 -20.44
C GLY D 229 1.39 -16.95 -20.36
N PHE D 230 0.10 -16.57 -20.40
CA PHE D 230 -0.34 -15.18 -20.29
C PHE D 230 0.08 -14.61 -18.94
N GLU D 231 1.04 -13.68 -18.95
CA GLU D 231 1.72 -13.23 -17.73
C GLU D 231 1.92 -11.73 -17.81
N THR D 232 1.37 -10.96 -16.86
CA THR D 232 1.39 -9.50 -16.95
C THR D 232 2.10 -8.86 -15.76
N TYR D 233 2.86 -9.64 -15.00
CA TYR D 233 3.73 -9.10 -13.96
C TYR D 233 5.18 -9.32 -14.38
N LEU D 234 5.93 -8.23 -14.53
CA LEU D 234 7.33 -8.36 -14.89
C LEU D 234 8.12 -9.17 -13.86
N GLY D 235 7.79 -9.02 -12.56
CA GLY D 235 8.49 -9.77 -11.52
C GLY D 235 8.34 -11.27 -11.65
N ASN D 236 7.32 -11.73 -12.38
CA ASN D 236 7.09 -13.16 -12.51
C ASN D 236 7.99 -13.79 -13.55
N PHE D 237 8.25 -13.11 -14.67
CA PHE D 237 9.32 -13.55 -15.54
C PHE D 237 10.64 -13.56 -14.78
N ARG D 238 10.90 -12.51 -14.01
CA ARG D 238 12.22 -12.34 -13.40
C ARG D 238 12.46 -13.36 -12.30
N VAL D 239 11.45 -13.64 -11.47
CA VAL D 239 11.70 -14.52 -10.33
C VAL D 239 11.97 -15.94 -10.82
N ILE D 240 11.35 -16.35 -11.93
CA ILE D 240 11.59 -17.68 -12.47
C ILE D 240 13.01 -17.79 -12.99
N LYS D 241 13.46 -16.82 -13.79
CA LYS D 241 14.83 -16.81 -14.27
C LYS D 241 15.81 -16.76 -13.09
N ARG D 242 15.50 -15.95 -12.09
CA ARG D 242 16.40 -15.79 -10.95
C ARG D 242 16.58 -17.09 -10.19
N MET D 243 15.48 -17.79 -9.90
CA MET D 243 15.57 -19.04 -9.15
C MET D 243 16.32 -20.11 -9.94
N LEU D 244 15.99 -20.26 -11.23
CA LEU D 244 16.69 -21.26 -12.04
C LEU D 244 18.18 -20.95 -12.11
N SER D 245 18.51 -19.67 -12.26
CA SER D 245 19.92 -19.29 -12.26
C SER D 245 20.57 -19.52 -10.90
N GLU D 246 19.82 -19.42 -9.79
CA GLU D 246 20.50 -19.69 -8.52
C GLU D 246 20.83 -21.16 -8.35
N MET D 247 20.03 -22.04 -8.95
CA MET D 247 20.32 -23.46 -8.87
C MET D 247 21.34 -23.90 -9.92
N GLY D 248 21.79 -23.00 -10.79
CA GLY D 248 22.63 -23.43 -11.89
C GLY D 248 21.91 -24.31 -12.88
N VAL D 249 20.62 -24.08 -13.09
CA VAL D 249 19.83 -24.87 -14.03
C VAL D 249 19.83 -24.17 -15.37
N GLY D 250 20.36 -24.83 -16.39
CA GLY D 250 20.25 -24.29 -17.74
C GLY D 250 18.81 -24.34 -18.21
N TYR D 251 18.32 -23.24 -18.75
CA TYR D 251 16.92 -23.16 -19.10
C TYR D 251 16.77 -22.32 -20.37
N SER D 252 15.56 -22.40 -20.93
CA SER D 252 15.17 -21.59 -22.08
C SER D 252 13.74 -21.14 -21.79
N LEU D 253 13.56 -19.83 -21.57
CA LEU D 253 12.23 -19.27 -21.36
C LEU D 253 11.64 -18.94 -22.73
N LEU D 254 10.54 -19.61 -23.06
CA LEU D 254 9.94 -19.56 -24.40
C LEU D 254 8.75 -18.60 -24.36
N SER D 255 8.92 -17.42 -25.00
CA SER D 255 8.13 -16.20 -24.91
C SER D 255 8.53 -15.42 -23.66
N ASP D 256 9.38 -14.42 -23.85
CA ASP D 256 9.98 -13.66 -22.75
C ASP D 256 9.87 -12.18 -23.12
N PRO D 257 8.78 -11.53 -22.74
CA PRO D 257 8.63 -10.10 -23.04
C PRO D 257 9.11 -9.14 -21.95
N GLU D 258 9.71 -9.58 -20.81
CA GLU D 258 10.33 -8.50 -19.96
C GLU D 258 11.07 -7.38 -20.58
N GLU D 259 12.04 -7.63 -21.46
CA GLU D 259 12.83 -6.50 -21.90
C GLU D 259 11.98 -5.49 -22.65
N VAL D 260 11.10 -5.96 -23.56
CA VAL D 260 10.38 -5.02 -24.39
C VAL D 260 9.23 -4.37 -23.62
N LEU D 261 8.83 -4.94 -22.48
CA LEU D 261 7.84 -4.32 -21.61
C LEU D 261 8.47 -3.49 -20.50
N ASP D 262 9.78 -3.20 -20.57
CA ASP D 262 10.43 -2.44 -19.51
C ASP D 262 11.68 -1.74 -20.02
N THR D 263 11.59 -1.07 -21.17
CA THR D 263 12.78 -0.40 -21.70
C THR D 263 13.07 0.87 -20.89
N PRO D 264 14.34 1.26 -20.80
CA PRO D 264 14.68 2.48 -20.07
C PRO D 264 14.33 3.74 -20.82
N ALA D 265 14.11 4.81 -20.07
CA ALA D 265 13.91 6.13 -20.66
C ALA D 265 15.27 6.82 -20.71
N ASP D 266 16.02 6.59 -21.79
CA ASP D 266 17.39 7.10 -21.92
C ASP D 266 17.57 7.95 -23.18
N GLY D 267 16.47 8.32 -23.83
CA GLY D 267 16.51 9.18 -25.03
C GLY D 267 16.28 8.42 -26.31
N GLN D 268 16.06 7.13 -26.22
CA GLN D 268 15.86 6.32 -27.44
C GLN D 268 14.62 5.45 -27.26
N PHE D 269 13.79 5.40 -28.30
CA PHE D 269 12.63 4.49 -28.30
C PHE D 269 13.11 3.19 -28.94
N ARG D 270 12.90 2.07 -28.27
CA ARG D 270 13.29 0.74 -28.76
C ARG D 270 12.02 -0.04 -29.10
N MET D 271 11.71 -0.14 -30.37
CA MET D 271 10.52 -0.89 -30.73
C MET D 271 10.62 -2.34 -30.26
N TYR D 272 11.82 -2.94 -30.38
CA TYR D 272 12.07 -4.30 -29.94
C TYR D 272 13.17 -4.32 -28.87
N ALA D 273 13.06 -5.28 -27.96
CA ALA D 273 14.13 -5.50 -26.98
C ALA D 273 14.01 -6.90 -26.41
N GLY D 274 15.14 -7.62 -26.34
CA GLY D 274 15.19 -8.92 -25.69
C GLY D 274 14.38 -9.97 -26.44
N GLY D 275 13.88 -10.94 -25.69
CA GLY D 275 12.96 -11.91 -26.24
C GLY D 275 13.60 -13.25 -26.56
N THR D 276 12.76 -14.28 -26.63
CA THR D 276 13.21 -15.61 -27.03
C THR D 276 13.71 -15.58 -28.46
N THR D 277 14.87 -16.18 -28.69
CA THR D 277 15.41 -16.18 -30.05
C THR D 277 14.77 -17.29 -30.88
N GLN D 278 14.83 -17.11 -32.20
CA GLN D 278 14.38 -18.16 -33.11
C GLN D 278 15.18 -19.43 -32.91
N GLU D 279 16.49 -19.30 -32.68
CA GLU D 279 17.31 -20.48 -32.43
C GLU D 279 16.89 -21.21 -31.16
N GLU D 280 16.43 -20.47 -30.16
CA GLU D 280 15.94 -21.12 -28.94
C GLU D 280 14.70 -21.95 -29.22
N MET D 281 13.79 -21.48 -30.09
CA MET D 281 12.65 -22.30 -30.44
C MET D 281 13.06 -23.50 -31.29
N LYS D 282 13.93 -23.29 -32.28
CA LYS D 282 14.36 -24.40 -33.12
C LYS D 282 15.03 -25.50 -32.32
N ASP D 283 15.74 -25.13 -31.24
CA ASP D 283 16.48 -26.06 -30.40
C ASP D 283 15.66 -26.61 -29.24
N ALA D 284 14.47 -26.07 -28.98
CA ALA D 284 13.71 -26.45 -27.80
C ALA D 284 13.38 -27.94 -27.71
N PRO D 285 13.17 -28.69 -28.80
CA PRO D 285 12.98 -30.16 -28.64
C PRO D 285 14.18 -30.87 -28.03
N ASN D 286 15.38 -30.29 -28.09
CA ASN D 286 16.56 -30.94 -27.51
C ASN D 286 16.65 -30.76 -26.00
N ALA D 287 15.69 -30.06 -25.40
CA ALA D 287 15.67 -29.89 -23.96
C ALA D 287 15.42 -31.23 -23.25
N LEU D 288 15.74 -31.25 -21.96
CA LEU D 288 15.43 -32.41 -21.12
C LEU D 288 13.92 -32.61 -21.01
N ASN D 289 13.18 -31.51 -20.92
CA ASN D 289 11.74 -31.53 -20.65
C ASN D 289 11.22 -30.11 -20.79
N THR D 290 9.91 -29.94 -20.64
CA THR D 290 9.26 -28.65 -20.75
C THR D 290 8.30 -28.47 -19.59
N VAL D 291 8.44 -27.36 -18.86
CA VAL D 291 7.59 -27.06 -17.72
C VAL D 291 6.64 -25.92 -18.10
N LEU D 292 5.33 -26.17 -17.91
CA LEU D 292 4.28 -25.20 -18.21
C LEU D 292 3.92 -24.49 -16.91
N LEU D 293 4.15 -23.17 -16.86
CA LEU D 293 3.94 -22.45 -15.60
C LEU D 293 2.46 -22.24 -15.32
N GLN D 294 1.61 -22.17 -16.35
CA GLN D 294 0.17 -21.97 -16.18
C GLN D 294 -0.54 -23.02 -17.04
N PRO D 295 -0.57 -24.27 -16.57
CA PRO D 295 -1.03 -25.36 -17.43
C PRO D 295 -2.49 -25.28 -17.82
N TRP D 296 -3.33 -24.62 -17.02
CA TRP D 296 -4.76 -24.66 -17.33
C TRP D 296 -5.13 -23.79 -18.53
N HIS D 297 -4.21 -22.99 -19.07
CA HIS D 297 -4.46 -22.40 -20.39
C HIS D 297 -3.34 -22.72 -21.38
N LEU D 298 -2.63 -23.83 -21.18
CA LEU D 298 -1.61 -24.26 -22.12
C LEU D 298 -1.87 -25.69 -22.60
N GLU D 299 -3.14 -26.04 -22.77
CA GLU D 299 -3.49 -27.42 -23.11
C GLU D 299 -3.06 -27.76 -24.53
N LYS D 300 -3.27 -26.84 -25.48
CA LYS D 300 -2.89 -27.10 -26.86
C LYS D 300 -1.36 -27.18 -26.99
N THR D 301 -0.66 -26.27 -26.32
CA THR D 301 0.79 -26.34 -26.26
C THR D 301 1.26 -27.65 -25.64
N LYS D 302 0.61 -28.09 -24.57
CA LYS D 302 1.01 -29.35 -23.92
C LYS D 302 0.87 -30.52 -24.87
N LYS D 303 -0.21 -30.56 -25.63
CA LYS D 303 -0.40 -31.66 -26.58
C LYS D 303 0.72 -31.71 -27.61
N PHE D 304 1.17 -30.54 -28.09
CA PHE D 304 2.22 -30.53 -29.11
C PHE D 304 3.57 -30.90 -28.51
N VAL D 305 3.89 -30.36 -27.34
CA VAL D 305 5.17 -30.65 -26.71
C VAL D 305 5.27 -32.13 -26.35
N GLU D 306 4.18 -32.71 -25.85
CA GLU D 306 4.21 -34.14 -25.53
C GLU D 306 4.20 -34.98 -26.80
N GLY D 307 3.36 -34.61 -27.77
CA GLY D 307 3.15 -35.46 -28.93
C GLY D 307 4.24 -35.39 -29.99
N THR D 308 4.87 -34.22 -30.16
CA THR D 308 5.90 -34.04 -31.17
C THR D 308 7.30 -33.96 -30.59
N TRP D 309 7.52 -33.11 -29.57
CA TRP D 309 8.85 -33.06 -28.95
C TRP D 309 9.11 -34.29 -28.10
N LYS D 310 8.06 -35.01 -27.68
CA LYS D 310 8.18 -36.20 -26.85
C LYS D 310 8.70 -35.88 -25.45
N HIS D 311 8.35 -34.71 -24.92
CA HIS D 311 8.71 -34.35 -23.56
C HIS D 311 7.66 -34.86 -22.59
N GLU D 312 8.13 -35.37 -21.44
CA GLU D 312 7.23 -35.87 -20.39
C GLU D 312 6.89 -34.74 -19.42
N VAL D 313 6.10 -33.79 -19.93
CA VAL D 313 5.71 -32.56 -19.24
C VAL D 313 5.23 -32.88 -17.82
N PRO D 314 5.90 -32.37 -16.79
CA PRO D 314 5.50 -32.72 -15.41
C PRO D 314 4.14 -32.16 -15.04
N LYS D 315 3.43 -32.93 -14.20
CA LYS D 315 2.15 -32.48 -13.66
C LYS D 315 2.44 -31.53 -12.51
N LEU D 316 2.60 -30.24 -12.81
CA LEU D 316 2.88 -29.23 -11.79
C LEU D 316 1.81 -28.15 -11.83
N ASN D 317 1.40 -27.72 -10.64
CA ASN D 317 0.60 -26.51 -10.53
C ASN D 317 1.45 -25.27 -10.76
N ILE D 318 0.78 -24.15 -11.02
CA ILE D 318 1.42 -22.84 -11.02
C ILE D 318 2.28 -22.72 -9.75
N PRO D 319 3.52 -22.21 -9.83
CA PRO D 319 4.33 -22.08 -8.60
C PRO D 319 3.94 -20.83 -7.82
N MET D 320 2.79 -20.90 -7.15
CA MET D 320 2.33 -19.86 -6.24
C MET D 320 2.13 -20.44 -4.86
N GLY D 321 2.49 -19.67 -3.86
CA GLY D 321 2.41 -20.14 -2.49
C GLY D 321 3.58 -21.03 -2.12
N LEU D 322 3.50 -21.54 -0.89
CA LEU D 322 4.62 -22.30 -0.35
C LEU D 322 4.71 -23.70 -0.97
N ASP D 323 3.65 -24.50 -0.83
CA ASP D 323 3.70 -25.89 -1.30
C ASP D 323 4.06 -25.98 -2.78
N TRP D 324 3.41 -25.16 -3.61
CA TRP D 324 3.58 -25.30 -5.04
C TRP D 324 4.90 -24.74 -5.54
N THR D 325 5.46 -23.74 -4.84
CA THR D 325 6.84 -23.36 -5.14
C THR D 325 7.81 -24.46 -4.75
N ASP D 326 7.61 -25.08 -3.57
CA ASP D 326 8.39 -26.23 -3.16
C ASP D 326 8.37 -27.32 -4.24
N GLU D 327 7.17 -27.69 -4.70
CA GLU D 327 7.07 -28.75 -5.70
C GLU D 327 7.77 -28.37 -7.00
N PHE D 328 7.64 -27.10 -7.40
CA PHE D 328 8.30 -26.64 -8.61
C PHE D 328 9.82 -26.79 -8.50
N LEU D 329 10.41 -26.32 -7.41
CA LEU D 329 11.85 -26.44 -7.24
C LEU D 329 12.28 -27.90 -7.17
N MET D 330 11.51 -28.75 -6.49
CA MET D 330 11.89 -30.16 -6.36
C MET D 330 11.86 -30.87 -7.70
N LYS D 331 10.86 -30.56 -8.52
CA LYS D 331 10.77 -31.17 -9.86
C LYS D 331 11.89 -30.68 -10.75
N VAL D 332 12.21 -29.38 -10.70
CA VAL D 332 13.32 -28.85 -11.47
C VAL D 332 14.63 -29.49 -11.03
N SER D 333 14.82 -29.63 -9.73
CA SER D 333 15.99 -30.35 -9.22
C SER D 333 16.05 -31.78 -9.75
N GLU D 334 14.90 -32.46 -9.78
CA GLU D 334 14.88 -33.85 -10.24
C GLU D 334 15.24 -33.95 -11.72
N ILE D 335 14.67 -33.07 -12.55
CA ILE D 335 14.91 -33.13 -14.00
C ILE D 335 16.36 -32.75 -14.33
N SER D 336 16.86 -31.68 -13.69
CA SER D 336 18.17 -31.12 -14.05
C SER D 336 19.33 -31.81 -13.35
N GLY D 337 19.08 -32.46 -12.23
CA GLY D 337 20.16 -33.00 -11.43
C GLY D 337 20.83 -32.00 -10.50
N GLN D 338 20.41 -30.73 -10.55
CA GLN D 338 20.99 -29.68 -9.70
C GLN D 338 20.30 -29.69 -8.34
N PRO D 339 21.06 -29.68 -7.25
CA PRO D 339 20.42 -29.58 -5.94
C PRO D 339 19.81 -28.20 -5.71
N ILE D 340 18.84 -28.14 -4.81
CA ILE D 340 18.26 -26.86 -4.38
C ILE D 340 19.26 -26.19 -3.45
N PRO D 341 19.78 -25.02 -3.81
CA PRO D 341 20.89 -24.42 -3.06
C PRO D 341 20.44 -23.83 -1.74
N ALA D 342 21.42 -23.61 -0.85
CA ALA D 342 21.12 -23.07 0.47
C ALA D 342 20.42 -21.72 0.39
N SER D 343 20.70 -20.93 -0.65
CA SER D 343 20.08 -19.62 -0.77
C SER D 343 18.56 -19.71 -0.91
N LEU D 344 18.07 -20.65 -1.71
CA LEU D 344 16.62 -20.78 -1.85
C LEU D 344 15.99 -21.42 -0.62
N THR D 345 16.69 -22.35 0.03
CA THR D 345 16.19 -22.90 1.29
C THR D 345 16.02 -21.81 2.33
N LYS D 346 16.98 -20.89 2.42
CA LYS D 346 16.85 -19.78 3.36
C LYS D 346 15.69 -18.87 2.98
N GLU D 347 15.58 -18.54 1.68
CA GLU D 347 14.45 -17.73 1.22
C GLU D 347 13.12 -18.36 1.61
N ARG D 348 13.01 -19.68 1.44
CA ARG D 348 11.79 -20.38 1.86
C ARG D 348 11.51 -20.17 3.34
N GLY D 349 12.52 -20.37 4.19
CA GLY D 349 12.32 -20.19 5.61
C GLY D 349 12.02 -18.76 6.00
N ARG D 350 12.44 -17.79 5.18
CA ARG D 350 12.07 -16.42 5.47
C ARG D 350 10.59 -16.16 5.15
N LEU D 351 10.04 -16.80 4.10
CA LEU D 351 8.60 -16.74 3.88
C LEU D 351 7.84 -17.38 5.04
N VAL D 352 8.25 -18.57 5.47
CA VAL D 352 7.59 -19.21 6.61
C VAL D 352 7.68 -18.33 7.84
N ASP D 353 8.81 -17.66 8.05
CA ASP D 353 8.93 -16.74 9.18
C ASP D 353 7.87 -15.65 9.10
N MET D 354 7.70 -15.05 7.92
CA MET D 354 6.69 -14.00 7.74
C MET D 354 5.30 -14.55 8.02
N MET D 355 5.05 -15.80 7.60
CA MET D 355 3.76 -16.42 7.92
C MET D 355 3.59 -16.56 9.43
N THR D 356 4.62 -17.00 10.17
CA THR D 356 4.45 -17.06 11.63
C THR D 356 4.23 -15.67 12.21
N ASP D 357 4.91 -14.65 11.68
CA ASP D 357 4.79 -13.30 12.22
C ASP D 357 3.39 -12.72 12.03
N SER D 358 2.74 -13.03 10.91
CA SER D 358 1.51 -12.34 10.51
C SER D 358 0.26 -13.17 10.67
N HIS D 359 0.36 -14.39 11.19
CA HIS D 359 -0.78 -15.33 11.12
C HIS D 359 -1.97 -14.87 11.97
N THR D 360 -1.74 -14.12 13.06
CA THR D 360 -2.89 -13.76 13.90
C THR D 360 -3.80 -12.73 13.22
N TRP D 361 -3.24 -11.88 12.37
CA TRP D 361 -4.09 -10.91 11.68
C TRP D 361 -4.77 -11.52 10.45
N LEU D 362 -4.14 -12.54 9.85
CA LEU D 362 -4.65 -13.16 8.64
C LEU D 362 -5.69 -14.22 8.91
N HIS D 363 -5.69 -14.79 10.13
CA HIS D 363 -6.53 -15.94 10.42
C HIS D 363 -8.02 -15.64 10.24
N GLY D 364 -8.69 -16.47 9.45
CA GLY D 364 -10.13 -16.38 9.29
C GLY D 364 -10.62 -15.24 8.42
N LYS D 365 -9.73 -14.43 7.86
CA LYS D 365 -10.17 -13.32 7.03
C LYS D 365 -10.79 -13.87 5.74
N ARG D 366 -11.87 -13.24 5.31
CA ARG D 366 -12.72 -13.76 4.22
C ARG D 366 -12.50 -12.93 2.96
N PHE D 367 -12.31 -13.60 1.83
CA PHE D 367 -12.00 -12.93 0.57
C PHE D 367 -12.92 -13.37 -0.54
N ALA D 368 -13.27 -12.42 -1.40
CA ALA D 368 -13.80 -12.66 -2.72
C ALA D 368 -12.67 -12.40 -3.71
N LEU D 369 -12.59 -13.19 -4.78
CA LEU D 369 -11.46 -13.02 -5.69
C LEU D 369 -11.82 -13.54 -7.07
N TRP D 370 -11.12 -13.02 -8.08
CA TRP D 370 -11.32 -13.43 -9.46
C TRP D 370 -10.04 -13.27 -10.26
N GLY D 371 -10.05 -13.82 -11.46
CA GLY D 371 -8.94 -13.70 -12.39
C GLY D 371 -8.90 -14.91 -13.31
N ASP D 372 -7.73 -15.14 -13.89
CA ASP D 372 -7.56 -16.27 -14.80
C ASP D 372 -7.40 -17.57 -14.01
N PRO D 373 -7.63 -18.73 -14.65
CA PRO D 373 -7.75 -19.98 -13.88
C PRO D 373 -6.53 -20.33 -13.03
N ASP D 374 -5.32 -20.29 -13.58
CA ASP D 374 -4.15 -20.70 -12.80
C ASP D 374 -3.88 -19.71 -11.69
N PHE D 375 -3.91 -18.41 -12.02
CA PHE D 375 -3.71 -17.37 -11.02
C PHE D 375 -4.69 -17.54 -9.87
N VAL D 376 -5.96 -17.75 -10.20
CA VAL D 376 -6.98 -17.88 -9.16
C VAL D 376 -6.70 -19.09 -8.28
N MET D 377 -6.36 -20.24 -8.89
CA MET D 377 -6.15 -21.41 -8.05
C MET D 377 -4.90 -21.29 -7.19
N GLY D 378 -3.86 -20.60 -7.67
CA GLY D 378 -2.68 -20.39 -6.85
C GLY D 378 -2.96 -19.46 -5.70
N LEU D 379 -3.77 -18.43 -5.94
CA LEU D 379 -4.19 -17.51 -4.90
C LEU D 379 -5.04 -18.22 -3.86
N VAL D 380 -5.99 -19.06 -4.30
CA VAL D 380 -6.78 -19.87 -3.37
C VAL D 380 -5.88 -20.74 -2.51
N LYS D 381 -4.90 -21.41 -3.14
CA LYS D 381 -4.01 -22.30 -2.40
C LYS D 381 -3.22 -21.54 -1.35
N PHE D 382 -2.68 -20.37 -1.71
CA PHE D 382 -1.87 -19.60 -0.74
C PHE D 382 -2.73 -19.04 0.38
N LEU D 383 -3.94 -18.58 0.07
CA LEU D 383 -4.84 -18.11 1.11
C LEU D 383 -5.10 -19.20 2.15
N LEU D 384 -5.29 -20.43 1.69
CA LEU D 384 -5.48 -21.55 2.63
C LEU D 384 -4.24 -21.77 3.47
N GLU D 385 -3.05 -21.69 2.88
CA GLU D 385 -1.81 -21.84 3.65
C GLU D 385 -1.68 -20.77 4.72
N LEU D 386 -2.24 -19.57 4.46
CA LEU D 386 -2.21 -18.45 5.39
C LEU D 386 -3.29 -18.53 6.47
N GLY D 387 -4.16 -19.53 6.41
CA GLY D 387 -5.27 -19.57 7.34
C GLY D 387 -6.38 -18.62 7.02
N CYS D 388 -6.46 -18.13 5.78
CA CYS D 388 -7.54 -17.28 5.32
C CYS D 388 -8.64 -18.13 4.69
N GLU D 389 -9.82 -17.51 4.51
CA GLU D 389 -11.00 -18.20 4.00
C GLU D 389 -11.38 -17.64 2.65
N PRO D 390 -11.04 -18.30 1.55
CA PRO D 390 -11.64 -17.94 0.26
C PRO D 390 -13.13 -18.21 0.41
N VAL D 391 -13.95 -17.25 0.03
CA VAL D 391 -15.40 -17.41 0.15
C VAL D 391 -16.06 -17.42 -1.22
N HIS D 392 -15.79 -16.39 -2.02
CA HIS D 392 -16.32 -16.24 -3.38
C HIS D 392 -15.15 -16.33 -4.34
N ILE D 393 -15.08 -17.43 -5.09
CA ILE D 393 -13.97 -17.69 -6.01
C ILE D 393 -14.58 -17.65 -7.41
N LEU D 394 -14.21 -16.65 -8.21
CA LEU D 394 -14.84 -16.45 -9.51
C LEU D 394 -13.82 -16.54 -10.63
N CYS D 395 -14.08 -17.39 -11.62
CA CYS D 395 -13.24 -17.46 -12.80
C CYS D 395 -14.15 -17.45 -14.01
N HIS D 396 -14.34 -16.28 -14.62
CA HIS D 396 -15.29 -16.15 -15.72
C HIS D 396 -14.92 -17.10 -16.86
N ASN D 397 -13.63 -17.25 -17.14
CA ASN D 397 -13.14 -18.10 -18.21
C ASN D 397 -12.67 -19.47 -17.73
N GLY D 398 -13.18 -19.94 -16.58
CA GLY D 398 -12.81 -21.27 -16.09
C GLY D 398 -13.71 -22.35 -16.66
N ASN D 399 -13.31 -23.60 -16.48
CA ASN D 399 -14.10 -24.71 -17.00
C ASN D 399 -14.41 -25.71 -15.88
N LYS D 400 -15.23 -26.72 -16.23
CA LYS D 400 -15.72 -27.65 -15.22
C LYS D 400 -14.60 -28.51 -14.64
N ARG D 401 -13.63 -28.93 -15.45
CA ARG D 401 -12.51 -29.69 -14.92
C ARG D 401 -11.69 -28.86 -13.96
N TRP D 402 -11.48 -27.58 -14.30
CA TRP D 402 -10.73 -26.70 -13.43
C TRP D 402 -11.46 -26.47 -12.11
N LYS D 403 -12.78 -26.29 -12.17
CA LYS D 403 -13.56 -26.13 -10.95
C LYS D 403 -13.45 -27.39 -10.07
N LYS D 404 -13.52 -28.58 -10.67
CA LYS D 404 -13.33 -29.81 -9.90
C LYS D 404 -12.00 -29.81 -9.18
N ALA D 405 -10.94 -29.34 -9.84
CA ALA D 405 -9.62 -29.34 -9.20
C ALA D 405 -9.55 -28.36 -8.03
N VAL D 406 -10.19 -27.20 -8.16
CA VAL D 406 -10.16 -26.22 -7.07
C VAL D 406 -11.03 -26.68 -5.90
N ASP D 407 -12.20 -27.27 -6.21
CA ASP D 407 -13.05 -27.78 -5.14
C ASP D 407 -12.33 -28.84 -4.32
N ALA D 408 -11.45 -29.61 -4.95
CA ALA D 408 -10.69 -30.62 -4.22
C ALA D 408 -9.65 -29.96 -3.31
N ILE D 409 -9.01 -28.89 -3.78
CA ILE D 409 -8.07 -28.14 -2.95
C ILE D 409 -8.78 -27.55 -1.74
N LEU D 410 -9.97 -26.98 -1.97
CA LEU D 410 -10.76 -26.45 -0.87
C LEU D 410 -11.15 -27.55 0.11
N ALA D 411 -11.59 -28.70 -0.41
CA ALA D 411 -12.04 -29.78 0.46
C ALA D 411 -10.92 -30.29 1.34
N ALA D 412 -9.67 -30.14 0.91
CA ALA D 412 -8.54 -30.69 1.67
C ALA D 412 -8.14 -29.84 2.86
N SER D 413 -8.76 -28.68 3.07
CA SER D 413 -8.43 -27.72 4.10
C SER D 413 -9.66 -27.28 4.86
N PRO D 414 -9.60 -27.21 6.19
CA PRO D 414 -10.74 -26.69 6.94
C PRO D 414 -11.03 -25.22 6.66
N TYR D 415 -10.06 -24.50 6.07
CA TYR D 415 -10.27 -23.11 5.73
C TYR D 415 -11.01 -22.93 4.42
N GLY D 416 -11.37 -24.02 3.75
CA GLY D 416 -12.17 -23.94 2.53
C GLY D 416 -13.65 -24.22 2.72
N LYS D 417 -14.09 -24.43 3.96
CA LYS D 417 -15.45 -24.91 4.22
C LYS D 417 -16.52 -23.92 3.79
N ASN D 418 -16.22 -22.63 3.69
CA ASN D 418 -17.22 -21.65 3.28
C ASN D 418 -17.03 -21.18 1.85
N ALA D 419 -16.22 -21.88 1.05
CA ALA D 419 -15.84 -21.41 -0.28
C ALA D 419 -16.73 -22.03 -1.33
N THR D 420 -17.10 -21.22 -2.33
CA THR D 420 -17.78 -21.69 -3.53
C THR D 420 -17.03 -21.19 -4.75
N VAL D 421 -16.86 -22.07 -5.73
CA VAL D 421 -16.17 -21.75 -6.98
C VAL D 421 -17.22 -21.50 -8.05
N TYR D 422 -17.10 -20.36 -8.74
CA TYR D 422 -18.03 -19.97 -9.79
C TYR D 422 -17.31 -19.92 -11.12
N ILE D 423 -17.82 -20.61 -12.12
CA ILE D 423 -17.27 -20.47 -13.46
C ILE D 423 -18.35 -19.93 -14.39
N GLY D 424 -17.93 -19.16 -15.39
CA GLY D 424 -18.87 -18.56 -16.30
C GLY D 424 -19.65 -17.38 -15.76
N LYS D 425 -19.38 -16.95 -14.54
CA LYS D 425 -20.05 -15.82 -13.91
C LYS D 425 -19.17 -14.58 -14.02
N ASP D 426 -19.82 -13.40 -13.99
CA ASP D 426 -19.13 -12.14 -14.22
C ASP D 426 -19.12 -11.28 -12.95
N LEU D 427 -18.67 -10.04 -13.09
CA LEU D 427 -18.50 -9.22 -11.89
C LEU D 427 -19.81 -8.61 -11.41
N TRP D 428 -20.86 -8.63 -12.22
CA TRP D 428 -22.19 -8.31 -11.72
C TRP D 428 -22.77 -9.44 -10.88
N HIS D 429 -22.43 -10.70 -11.21
CA HIS D 429 -22.70 -11.80 -10.27
C HIS D 429 -21.94 -11.60 -8.96
N LEU D 430 -20.64 -11.28 -9.05
CA LEU D 430 -19.82 -11.17 -7.85
C LEU D 430 -20.31 -10.05 -6.93
N ARG D 431 -20.81 -8.96 -7.52
CA ARG D 431 -21.36 -7.85 -6.75
C ARG D 431 -22.50 -8.31 -5.83
N SER D 432 -23.42 -9.12 -6.35
CA SER D 432 -24.47 -9.66 -5.48
C SER D 432 -23.85 -10.45 -4.33
N LEU D 433 -22.88 -11.31 -4.64
CA LEU D 433 -22.32 -12.18 -3.61
C LEU D 433 -21.70 -11.38 -2.47
N VAL D 434 -21.06 -10.25 -2.79
CA VAL D 434 -20.41 -9.51 -1.72
C VAL D 434 -21.39 -8.65 -0.94
N PHE D 435 -22.62 -8.52 -1.43
CA PHE D 435 -23.70 -7.92 -0.65
C PHE D 435 -24.38 -8.97 0.23
N THR D 436 -24.76 -10.13 -0.33
CA THR D 436 -25.55 -11.12 0.40
C THR D 436 -24.71 -11.96 1.35
N ASP D 437 -23.41 -12.09 1.07
CA ASP D 437 -22.50 -12.92 1.89
C ASP D 437 -21.19 -12.16 2.00
N LYS D 438 -21.20 -11.08 2.79
CA LYS D 438 -20.14 -10.08 2.71
C LYS D 438 -18.81 -10.66 3.18
N PRO D 439 -17.75 -10.55 2.37
CA PRO D 439 -16.41 -10.90 2.85
C PRO D 439 -15.71 -9.71 3.46
N ASP D 440 -14.46 -9.89 3.90
CA ASP D 440 -13.72 -8.75 4.39
C ASP D 440 -13.10 -7.93 3.25
N PHE D 441 -12.59 -8.59 2.22
CA PHE D 441 -11.92 -7.91 1.13
C PHE D 441 -12.19 -8.61 -0.19
N MET D 442 -11.99 -7.89 -1.28
CA MET D 442 -11.87 -8.46 -2.62
C MET D 442 -10.40 -8.45 -3.03
N ILE D 443 -9.94 -9.52 -3.69
CA ILE D 443 -8.67 -9.52 -4.40
C ILE D 443 -8.99 -9.60 -5.89
N GLY D 444 -8.69 -8.55 -6.64
CA GLY D 444 -9.02 -8.56 -8.07
C GLY D 444 -8.38 -7.40 -8.81
N ASN D 445 -8.82 -7.22 -10.07
CA ASN D 445 -8.25 -6.18 -10.93
C ASN D 445 -9.01 -4.86 -10.75
N SER D 446 -8.71 -3.86 -11.59
CA SER D 446 -9.27 -2.52 -11.34
C SER D 446 -10.77 -2.47 -11.49
N TYR D 447 -11.38 -3.39 -12.24
CA TYR D 447 -12.83 -3.36 -12.36
C TYR D 447 -13.53 -3.59 -11.01
N GLY D 448 -12.82 -4.15 -10.04
CA GLY D 448 -13.37 -4.31 -8.70
C GLY D 448 -13.66 -3.01 -7.99
N LYS D 449 -13.05 -1.90 -8.45
CA LYS D 449 -13.27 -0.65 -7.72
C LYS D 449 -14.73 -0.24 -7.76
N PHE D 450 -15.44 -0.59 -8.84
CA PHE D 450 -16.83 -0.19 -8.90
C PHE D 450 -17.71 -1.07 -7.99
N ILE D 451 -17.28 -2.30 -7.70
CA ILE D 451 -17.94 -3.09 -6.67
C ILE D 451 -17.74 -2.45 -5.30
N GLN D 452 -16.51 -2.03 -4.99
CA GLN D 452 -16.26 -1.36 -3.72
C GLN D 452 -17.11 -0.10 -3.59
N ARG D 453 -17.18 0.69 -4.67
CA ARG D 453 -18.03 1.88 -4.67
C ARG D 453 -19.48 1.53 -4.37
N ASP D 454 -19.99 0.46 -4.99
CA ASP D 454 -21.38 0.06 -4.76
C ASP D 454 -21.60 -0.34 -3.31
N THR D 455 -20.70 -1.14 -2.75
CA THR D 455 -20.89 -1.60 -1.38
C THR D 455 -20.84 -0.42 -0.41
N LEU D 456 -19.94 0.54 -0.63
CA LEU D 456 -19.89 1.68 0.27
C LEU D 456 -21.18 2.50 0.23
N HIS D 457 -21.83 2.58 -0.94
CA HIS D 457 -23.08 3.33 -1.03
C HIS D 457 -24.15 2.78 -0.08
N LYS D 458 -24.14 1.47 0.17
CA LYS D 458 -25.10 0.92 1.13
C LYS D 458 -24.80 1.40 2.54
N GLY D 459 -23.54 1.62 2.86
CA GLY D 459 -23.14 2.11 4.17
C GLY D 459 -21.71 1.66 4.46
N LYS D 460 -21.02 2.45 5.28
CA LYS D 460 -19.61 2.15 5.57
C LYS D 460 -19.45 0.72 6.10
N GLU D 461 -20.40 0.24 6.89
CA GLU D 461 -20.26 -1.10 7.46
C GLU D 461 -20.41 -2.19 6.42
N PHE D 462 -20.86 -1.87 5.20
CA PHE D 462 -21.01 -2.84 4.14
C PHE D 462 -19.89 -2.77 3.11
N GLU D 463 -18.99 -1.79 3.23
CA GLU D 463 -17.93 -1.59 2.25
C GLU D 463 -16.98 -2.79 2.23
N VAL D 464 -16.69 -3.26 1.02
CA VAL D 464 -15.73 -4.33 0.78
C VAL D 464 -14.54 -3.74 0.01
N PRO D 465 -13.42 -3.46 0.69
CA PRO D 465 -12.31 -2.80 0.00
C PRO D 465 -11.62 -3.75 -0.97
N LEU D 466 -11.10 -3.17 -2.05
CA LEU D 466 -10.42 -3.91 -3.12
C LEU D 466 -8.91 -3.91 -2.88
N ILE D 467 -8.31 -5.10 -2.98
CA ILE D 467 -6.86 -5.29 -3.00
C ILE D 467 -6.49 -5.66 -4.43
N ARG D 468 -5.67 -4.84 -5.09
CA ARG D 468 -5.44 -4.98 -6.53
C ARG D 468 -4.32 -5.98 -6.80
N ILE D 469 -4.71 -7.17 -7.26
CA ILE D 469 -3.80 -8.22 -7.70
C ILE D 469 -4.44 -8.90 -8.90
N GLY D 470 -3.77 -8.86 -10.05
CA GLY D 470 -4.33 -9.42 -11.26
C GLY D 470 -4.10 -8.56 -12.48
N PHE D 471 -5.05 -8.60 -13.43
CA PHE D 471 -4.92 -7.86 -14.67
C PHE D 471 -6.30 -7.56 -15.23
N PRO D 472 -6.54 -6.34 -15.71
CA PRO D 472 -5.61 -5.23 -15.77
C PRO D 472 -5.64 -4.37 -14.51
N ILE D 473 -4.53 -3.72 -14.19
CA ILE D 473 -4.51 -2.74 -13.11
C ILE D 473 -4.20 -1.39 -13.74
N PHE D 474 -5.21 -0.53 -13.81
CA PHE D 474 -5.13 0.73 -14.56
C PHE D 474 -5.09 1.97 -13.68
N ASP D 475 -5.54 1.88 -12.43
CA ASP D 475 -5.72 3.05 -11.60
C ASP D 475 -4.68 3.14 -10.49
N ARG D 476 -3.60 2.36 -10.59
CA ARG D 476 -2.42 2.51 -9.77
C ARG D 476 -1.24 2.41 -10.72
N HIS D 477 -0.08 2.94 -10.29
CA HIS D 477 1.11 3.01 -11.12
C HIS D 477 2.14 1.96 -10.67
N HIS D 478 2.67 1.20 -11.65
CA HIS D 478 3.85 0.35 -11.52
C HIS D 478 3.62 -0.93 -10.71
N LEU D 479 2.36 -1.32 -10.47
CA LEU D 479 2.17 -2.61 -9.82
C LEU D 479 2.48 -3.77 -10.76
N HIS D 480 2.54 -3.52 -12.08
CA HIS D 480 2.96 -4.56 -13.02
C HIS D 480 4.42 -4.98 -12.79
N ARG D 481 5.20 -4.18 -12.06
CA ARG D 481 6.57 -4.56 -11.71
C ARG D 481 6.63 -5.64 -10.63
N SER D 482 5.50 -5.93 -9.99
CA SER D 482 5.46 -6.80 -8.81
C SER D 482 5.67 -8.25 -9.20
N THR D 483 5.62 -9.11 -8.17
CA THR D 483 5.77 -10.55 -8.29
C THR D 483 4.63 -11.24 -7.57
N THR D 484 4.11 -12.32 -8.16
CA THR D 484 3.18 -13.18 -7.47
C THR D 484 3.61 -14.64 -7.42
N LEU D 485 4.61 -15.04 -8.20
CA LEU D 485 5.10 -16.42 -8.20
C LEU D 485 6.25 -16.61 -7.22
N GLY D 486 6.53 -17.87 -6.90
CA GLY D 486 7.65 -18.24 -6.02
C GLY D 486 7.52 -17.73 -4.58
N TYR D 487 8.61 -17.90 -3.85
CA TYR D 487 8.65 -17.40 -2.48
C TYR D 487 8.56 -15.88 -2.46
N GLU D 488 9.20 -15.22 -3.43
CA GLU D 488 9.20 -13.76 -3.49
C GLU D 488 7.78 -13.22 -3.69
N GLY D 489 7.05 -13.82 -4.64
CA GLY D 489 5.68 -13.42 -4.86
C GLY D 489 4.78 -13.72 -3.66
N ALA D 490 5.01 -14.84 -2.98
CA ALA D 490 4.23 -15.11 -1.78
C ALA D 490 4.51 -14.08 -0.68
N MET D 491 5.77 -13.67 -0.51
CA MET D 491 6.07 -12.63 0.48
C MET D 491 5.38 -11.31 0.13
N GLN D 492 5.35 -10.95 -1.15
CA GLN D 492 4.69 -9.69 -1.52
C GLN D 492 3.19 -9.77 -1.27
N ILE D 493 2.56 -10.89 -1.66
CA ILE D 493 1.12 -11.06 -1.44
C ILE D 493 0.81 -11.04 0.06
N LEU D 494 1.58 -11.79 0.84
CA LEU D 494 1.38 -11.80 2.29
C LEU D 494 1.47 -10.40 2.86
N THR D 495 2.53 -9.66 2.50
CA THR D 495 2.69 -8.29 3.01
C THR D 495 1.51 -7.41 2.62
N THR D 496 1.09 -7.48 1.37
CA THR D 496 -0.06 -6.69 0.94
C THR D 496 -1.32 -7.06 1.72
N LEU D 497 -1.56 -8.35 1.93
CA LEU D 497 -2.80 -8.76 2.60
C LEU D 497 -2.81 -8.32 4.07
N VAL D 498 -1.74 -8.60 4.83
CA VAL D 498 -1.80 -8.25 6.25
C VAL D 498 -1.83 -6.74 6.41
N ASN D 499 -1.12 -5.99 5.56
CA ASN D 499 -1.15 -4.55 5.71
C ASN D 499 -2.45 -3.93 5.21
N SER D 500 -3.15 -4.58 4.25
CA SER D 500 -4.51 -4.14 3.94
C SER D 500 -5.42 -4.29 5.14
N ILE D 501 -5.32 -5.43 5.83
CA ILE D 501 -6.11 -5.65 7.04
C ILE D 501 -5.81 -4.56 8.08
N LEU D 502 -4.52 -4.25 8.27
CA LEU D 502 -4.15 -3.30 9.31
C LEU D 502 -4.48 -1.86 8.92
N GLU D 503 -4.38 -1.52 7.63
CA GLU D 503 -4.82 -0.20 7.18
C GLU D 503 -6.31 -0.02 7.44
N ARG D 504 -7.11 -1.05 7.15
CA ARG D 504 -8.56 -0.95 7.35
C ARG D 504 -8.91 -0.87 8.83
N LEU D 505 -8.19 -1.62 9.67
CA LEU D 505 -8.41 -1.52 11.11
C LEU D 505 -8.09 -0.12 11.61
N ASP D 506 -6.98 0.46 11.13
CA ASP D 506 -6.65 1.83 11.50
C ASP D 506 -7.75 2.80 11.09
N GLU D 507 -8.30 2.64 9.88
CA GLU D 507 -9.40 3.52 9.49
C GLU D 507 -10.58 3.38 10.45
N GLU D 508 -10.93 2.14 10.80
CA GLU D 508 -12.10 1.89 11.64
C GLU D 508 -11.88 2.34 13.08
N THR D 509 -10.63 2.54 13.50
CA THR D 509 -10.34 2.91 14.89
C THR D 509 -9.78 4.32 14.98
N ARG D 510 -9.94 5.12 13.93
CA ARG D 510 -9.35 6.46 13.94
C ARG D 510 -10.23 7.47 14.65
N GLY D 511 -11.49 7.14 14.91
CA GLY D 511 -12.43 8.11 15.45
C GLY D 511 -12.16 8.41 16.92
N MET D 512 -11.81 9.66 17.23
CA MET D 512 -11.38 9.97 18.58
C MET D 512 -12.52 9.88 19.58
N GLN D 513 -12.23 9.26 20.73
CA GLN D 513 -13.20 9.04 21.80
C GLN D 513 -14.39 8.21 21.33
N ALA D 514 -14.25 7.50 20.21
CA ALA D 514 -15.32 6.66 19.71
C ALA D 514 -14.78 5.26 19.52
N THR D 515 -13.77 5.14 18.66
CA THR D 515 -13.16 3.87 18.37
C THR D 515 -11.64 3.89 18.54
N ASP D 516 -11.03 5.02 18.87
CA ASP D 516 -9.58 5.04 18.90
C ASP D 516 -9.02 4.42 20.18
N TYR D 517 -9.86 3.87 21.05
CA TYR D 517 -9.32 3.05 22.13
C TYR D 517 -8.50 1.89 21.59
N ASN D 518 -8.85 1.39 20.39
CA ASN D 518 -8.14 0.30 19.72
C ASN D 518 -7.21 0.79 18.60
N HIS D 519 -6.83 2.07 18.62
CA HIS D 519 -5.94 2.62 17.60
C HIS D 519 -4.47 2.44 18.02
N ASP D 520 -4.07 1.16 18.12
CA ASP D 520 -2.79 0.83 18.74
C ASP D 520 -1.59 1.30 17.92
N LEU D 521 -0.55 1.74 18.63
CA LEU D 521 0.73 2.01 17.98
C LEU D 521 1.36 0.74 17.44
N VAL D 522 1.27 -0.36 18.19
CA VAL D 522 1.95 -1.61 17.88
C VAL D 522 0.92 -2.64 17.45
N ARG D 523 1.16 -3.28 16.30
CA ARG D 523 0.32 -4.37 15.81
C ARG D 523 1.19 -5.52 15.39
C1 HCA E . 6.98 -3.81 31.17
C2 HCA E . 5.75 -3.75 30.30
C3 HCA E . 5.45 -5.11 29.71
C4 HCA E . 6.37 -5.55 28.57
C5 HCA E . 5.63 -6.57 27.70
C6 HCA E . 6.53 -7.56 26.99
C7 HCA E . 4.02 -5.03 29.19
O1 HCA E . 7.17 -4.81 31.90
O2 HCA E . 7.81 -2.87 31.13
O3 HCA E . 7.64 -7.92 27.49
O4 HCA E . 6.17 -8.10 25.92
O5 HCA E . 3.14 -5.83 29.61
O6 HCA E . 3.73 -4.14 28.35
O7 HCA E . 5.58 -6.11 30.74
FE1 ICS F . 0.21 -6.92 37.61
MO1 ICS F . 3.57 -6.88 31.51
FE2 ICS F . 2.39 -6.13 36.33
FE3 ICS F . 0.04 -6.24 35.09
FE4 ICS F . 1.32 -8.47 35.77
FE5 ICS F . 2.60 -8.46 33.48
FE6 ICS F . 3.57 -6.12 34.06
FE7 ICS F . 1.32 -6.26 32.78
CX ICS F . 1.83 -6.95 34.56
S1A ICS F . 2.31 -7.92 37.74
S1B ICS F . 4.73 -7.85 33.28
S2A ICS F . 0.62 -4.86 36.81
S2B ICS F . 4.27 -5.13 35.89
S3A ICS F . 2.02 -10.29 34.72
S3B ICS F . 2.96 -4.82 32.39
S4A ICS F . -0.92 -8.06 36.01
S4B ICS F . 1.52 -8.05 31.57
S5A ICS F . -0.72 -5.53 33.13
S H2S G . -1.07 10.07 20.98
MO MO H . 16.09 -24.62 44.42
MO MO I . 2.96 15.66 50.44
MO MO J . -7.11 -9.54 52.72
FE1 CLF K . 17.05 4.04 33.83
FE2 CLF K . 16.96 2.67 31.77
FE3 CLF K . 14.80 2.49 33.42
FE4 CLF K . 15.34 4.64 32.00
S1 CLF K . 17.66 5.05 31.74
S2A CLF K . 16.96 1.75 33.86
S4A CLF K . 14.79 2.64 31.13
S3A CLF K . 14.90 4.68 34.22
FE5 CLF K . 16.65 5.76 29.65
FE6 CLF K . 19.01 6.39 30.16
FE7 CLF K . 18.44 5.69 27.51
FE8 CLF K . 18.46 4.04 29.63
S2B CLF K . 17.67 7.56 28.66
S3B CLF K . 20.33 5.07 28.74
S4B CLF K . 16.83 4.12 28.10
C1 GOL L . 37.79 0.44 22.93
O1 GOL L . 37.28 -0.33 21.86
C2 GOL L . 38.58 1.63 22.42
O2 GOL L . 37.76 2.69 21.98
C3 GOL L . 39.61 2.15 23.39
O3 GOL L . 40.73 2.65 22.69
C1 GOL M . 17.39 4.39 8.29
O1 GOL M . 17.07 3.07 7.85
C2 GOL M . 16.47 4.88 9.38
O2 GOL M . 16.50 4.09 10.55
C3 GOL M . 15.04 5.05 8.92
O3 GOL M . 14.97 5.98 7.84
C1 GOL N . 13.60 22.24 23.94
O1 GOL N . 14.01 22.01 25.30
C2 GOL N . 12.10 22.03 23.81
O2 GOL N . 11.46 22.58 24.94
C3 GOL N . 11.48 22.54 22.52
O3 GOL N . 12.12 22.04 21.37
C1 GOL O . -4.11 16.16 -11.51
O1 GOL O . -5.38 16.66 -11.91
C2 GOL O . -3.33 15.71 -12.71
O2 GOL O . -2.00 16.19 -12.72
C3 GOL O . -3.42 14.22 -13.03
O3 GOL O . -2.71 13.85 -14.19
C1 GOL P . -6.63 28.20 26.68
O1 GOL P . -6.46 28.01 28.08
C2 GOL P . -8.06 28.52 26.30
O2 GOL P . -8.11 29.63 25.41
C3 GOL P . -8.78 27.34 25.69
O3 GOL P . -9.84 27.74 24.83
CA CA Q . 6.79 3.23 -18.68
C1 HCA R . -11.25 6.09 -29.57
C2 HCA R . -11.35 6.74 -28.22
C3 HCA R . -10.13 7.63 -27.98
C4 HCA R . -8.83 6.86 -27.71
C5 HCA R . -7.88 7.80 -26.96
C6 HCA R . -6.42 7.51 -27.13
C7 HCA R . -10.45 8.49 -26.76
O1 HCA R . -11.63 4.89 -29.72
O2 HCA R . -10.78 6.76 -30.51
O3 HCA R . -5.63 7.80 -26.18
O4 HCA R . -5.94 7.00 -28.18
O5 HCA R . -10.76 7.94 -25.67
O6 HCA R . -10.41 9.75 -26.83
O7 HCA R . -9.99 8.46 -29.15
FE1 ICS S . -15.05 14.98 -31.82
MO1 ICS S . -10.51 10.65 -28.85
FE2 ICS S . -14.13 12.52 -31.79
FE3 ICS S . -14.26 13.96 -29.56
FE4 ICS S . -12.49 14.57 -31.40
FE5 ICS S . -10.76 12.89 -30.30
FE6 ICS S . -12.44 10.94 -30.64
FE7 ICS S . -12.52 12.30 -28.44
CX ICS S . -12.77 12.89 -30.32
S1A ICS S . -13.58 14.10 -33.33
S1B ICS S . -10.32 10.91 -31.15
S2A ICS S . -15.98 13.21 -30.77
S2B ICS S . -13.92 10.40 -32.14
S3A ICS S . -10.29 14.78 -31.48
S3B ICS S . -12.78 10.12 -28.62
S4A ICS S . -13.76 16.04 -30.26
S4B ICS S . -10.41 12.84 -28.10
S5A ICS S . -14.05 13.44 -27.40
FE1 CLF T . -14.60 -5.30 -34.80
FE2 CLF T . -12.56 -5.03 -33.49
FE3 CLF T . -14.13 -2.84 -33.72
FE4 CLF T . -14.77 -4.96 -32.26
S1 CLF T . -14.02 -7.00 -33.19
S2A CLF T . -12.92 -3.85 -35.42
S4A CLF T . -13.03 -3.56 -31.86
S3A CLF T . -16.17 -4.02 -33.81
FE5 CLF T . -13.82 -7.27 -30.80
FE6 CLF T . -13.66 -9.28 -32.27
FE7 CLF T . -11.93 -9.18 -30.08
FE8 CLF T . -11.84 -7.60 -32.18
S2B CLF T . -14.27 -9.38 -30.03
S3B CLF T . -11.40 -9.86 -32.27
S4B CLF T . -11.70 -6.86 -30.11
S H2S U . -19.28 0.90 -13.14
MO MO V . 0.48 16.06 -50.84
MO MO W . -24.28 26.32 -40.69
MO MO X . -37.57 3.18 -37.07
CA CA Y . 10.32 -12.28 11.93
C1 GOL Z . -2.62 -11.70 -13.65
O1 GOL Z . -2.92 -12.52 -12.54
C2 GOL Z . -2.29 -12.54 -14.86
O2 GOL Z . -2.33 -11.73 -16.03
C3 GOL Z . -0.97 -13.26 -14.71
O3 GOL Z . 0.12 -12.35 -14.62
C1 GOL AA . -7.51 -10.06 15.99
O1 GOL AA . -8.28 -9.65 17.13
C2 GOL AA . -6.18 -10.63 16.43
O2 GOL AA . -5.96 -11.91 15.86
C3 GOL AA . -5.00 -9.71 16.27
O3 GOL AA . -3.77 -10.29 16.68
C1 GOL BA . -23.34 16.05 -8.52
O1 GOL BA . -24.53 15.60 -7.88
C2 GOL BA . -22.57 17.01 -7.66
O2 GOL BA . -21.94 16.36 -6.56
C3 GOL BA . -21.54 17.83 -8.38
O3 GOL BA . -21.46 19.11 -7.79
C1 GOL CA . 0.88 -7.42 -4.12
O1 GOL CA . 0.70 -6.06 -3.74
C2 GOL CA . 1.22 -7.54 -5.59
O2 GOL CA . 1.41 -6.30 -6.26
C3 GOL CA . 2.40 -8.43 -5.80
O3 GOL CA . 2.09 -9.76 -5.42
C1 GOL DA . -23.82 -15.43 -18.19
O1 GOL DA . -23.95 -16.17 -16.98
C2 GOL DA . -24.75 -15.91 -19.27
O2 GOL DA . -25.78 -14.96 -19.53
C3 GOL DA . -24.02 -16.35 -20.54
O3 GOL DA . -24.67 -15.94 -21.73
C1 GOL EA . 2.14 -21.87 -38.37
O1 GOL EA . 2.94 -21.28 -37.36
C2 GOL EA . 1.92 -23.32 -38.12
O2 GOL EA . 1.07 -23.54 -37.00
C3 GOL EA . 1.42 -24.10 -39.31
O3 GOL EA . 1.55 -25.49 -39.07
#